data_1EBU
#
_entry.id   1EBU
#
_cell.length_a   58.780
_cell.length_b   104.090
_cell.length_c   120.640
_cell.angle_alpha   90.00
_cell.angle_beta   91.93
_cell.angle_gamma   90.00
#
_symmetry.space_group_name_H-M   'P 1 21 1'
#
loop_
_entity.id
_entity.type
_entity.pdbx_description
1 polymer 'HOMOSERINE DEHYDROGENASE'
2 non-polymer 'SODIUM ION'
3 non-polymer 3-AMINOMETHYL-PYRIDINIUM-ADENINE-DINUCLEOTIDE
4 non-polymer L-HOMOSERINE
5 water water
#
_entity_poly.entity_id   1
_entity_poly.type   'polypeptide(L)'
_entity_poly.pdbx_seq_one_letter_code
;STKVVNVAVIGAGVVGSAFLDQLLAMKSTITYNLVLLAEAERSLISKDFSPLNVGSDWKAALAASTTKTLPLDDLIAHLK
TSPKPVILVDNTSSAYIAGFYTKFVENGISIATPNKKAFSSDLATWKALFSNKPTNGFVYHEATVGAGLPIISFLREIIQ
TGDEVEKIEGIFSGTLSYIFNEFSTSQANDVKFSDVVKVAKKLGYTEPDPRDDLNGLDVARKVTIVGRISGVEVESPTSF
PVQSLIPKPLESVKSADEFLEKLSDYDKDLTQLKKEAATENKVLRFIGKVDVATKSVSVGIEKYDYSHPFASLKGSDNVI
SIKTKRYTNPVVIQGAGAGAAVTAAGVLGDVIKIAQRL
;
_entity_poly.pdbx_strand_id   A,B,C,D
#
loop_
_chem_comp.id
_chem_comp.type
_chem_comp.name
_chem_comp.formula
NA non-polymer 'SODIUM ION' 'Na 1'
NDA non-polymer 3-AMINOMETHYL-PYRIDINIUM-ADENINE-DINUCLEOTIDE 'C21 H29 N7 O13 P2'
#
# COMPACT_ATOMS: atom_id res chain seq x y z
N SER A 1 -48.85 -3.12 -5.11
CA SER A 1 -49.45 -1.76 -4.97
C SER A 1 -48.95 -0.83 -6.06
N THR A 2 -49.69 0.24 -6.29
CA THR A 2 -49.40 1.26 -7.30
C THR A 2 -47.94 1.44 -7.74
N LYS A 3 -47.75 1.60 -9.04
CA LYS A 3 -46.43 1.81 -9.61
C LYS A 3 -46.29 3.27 -10.00
N VAL A 4 -47.33 4.04 -9.72
CA VAL A 4 -47.32 5.45 -10.06
C VAL A 4 -47.94 6.24 -8.94
N VAL A 5 -47.21 7.23 -8.46
CA VAL A 5 -47.69 8.10 -7.39
C VAL A 5 -47.41 9.55 -7.76
N ASN A 6 -48.46 10.38 -7.73
CA ASN A 6 -48.32 11.78 -8.09
C ASN A 6 -47.94 12.61 -6.86
N VAL A 7 -46.88 13.40 -6.99
CA VAL A 7 -46.40 14.22 -5.90
C VAL A 7 -46.69 15.70 -6.07
N ALA A 8 -47.23 16.31 -5.03
CA ALA A 8 -47.53 17.73 -5.05
C ALA A 8 -46.65 18.34 -3.99
N VAL A 9 -45.85 19.33 -4.40
CA VAL A 9 -44.94 19.99 -3.47
C VAL A 9 -45.21 21.46 -3.23
N ILE A 10 -45.15 21.86 -1.96
CA ILE A 10 -45.34 23.26 -1.56
C ILE A 10 -44.05 23.69 -0.82
N GLY A 11 -43.39 24.73 -1.34
CA GLY A 11 -42.17 25.20 -0.70
C GLY A 11 -40.87 24.67 -1.30
N ALA A 12 -40.11 25.56 -1.93
CA ALA A 12 -38.87 25.18 -2.56
C ALA A 12 -37.77 26.04 -1.99
N GLY A 13 -37.65 26.04 -0.67
CA GLY A 13 -36.61 26.83 -0.04
C GLY A 13 -35.35 26.03 0.10
N VAL A 14 -34.71 26.12 1.27
CA VAL A 14 -33.47 25.38 1.51
C VAL A 14 -33.65 23.88 1.42
N VAL A 15 -34.59 23.34 2.21
CA VAL A 15 -34.82 21.89 2.18
C VAL A 15 -35.62 21.49 0.95
N GLY A 16 -36.62 22.30 0.60
CA GLY A 16 -37.44 22.00 -0.57
C GLY A 16 -36.64 21.87 -1.85
N SER A 17 -35.76 22.84 -2.11
CA SER A 17 -34.93 22.81 -3.32
C SER A 17 -34.16 21.50 -3.33
N ALA A 18 -33.50 21.21 -2.23
CA ALA A 18 -32.74 19.97 -2.14
C ALA A 18 -33.72 18.78 -2.22
N PHE A 19 -34.93 18.95 -1.70
CA PHE A 19 -35.90 17.86 -1.77
C PHE A 19 -36.22 17.54 -3.21
N LEU A 20 -36.59 18.58 -3.96
CA LEU A 20 -36.93 18.47 -5.36
C LEU A 20 -35.77 17.91 -6.21
N ASP A 21 -34.55 18.40 -6.02
CA ASP A 21 -33.45 17.86 -6.80
C ASP A 21 -33.34 16.33 -6.55
N GLN A 22 -33.36 15.92 -5.28
CA GLN A 22 -33.23 14.50 -4.90
C GLN A 22 -34.36 13.63 -5.43
N LEU A 23 -35.59 14.09 -5.27
CA LEU A 23 -36.75 13.38 -5.78
C LEU A 23 -36.60 13.15 -7.28
N LEU A 24 -36.38 14.22 -8.03
CA LEU A 24 -36.25 14.12 -9.47
C LEU A 24 -35.03 13.36 -10.00
N ALA A 25 -34.02 13.10 -9.19
CA ALA A 25 -32.84 12.36 -9.67
C ALA A 25 -32.80 10.97 -9.02
N MET A 26 -33.86 10.63 -8.32
CA MET A 26 -33.95 9.38 -7.61
C MET A 26 -34.10 8.16 -8.53
N LYS A 27 -33.24 7.18 -8.33
CA LYS A 27 -33.34 5.94 -9.10
C LYS A 27 -34.39 5.15 -8.30
N SER A 28 -35.43 4.67 -8.96
CA SER A 28 -36.46 3.93 -8.25
C SER A 28 -37.28 3.01 -9.15
N THR A 29 -37.83 1.97 -8.54
CA THR A 29 -38.66 1.05 -9.28
C THR A 29 -39.95 1.82 -9.58
N ILE A 30 -40.59 2.32 -8.53
CA ILE A 30 -41.81 3.12 -8.61
C ILE A 30 -41.60 4.42 -9.39
N THR A 31 -42.66 4.93 -10.01
CA THR A 31 -42.58 6.19 -10.75
C THR A 31 -43.20 7.30 -9.89
N TYR A 32 -42.37 8.30 -9.55
CA TYR A 32 -42.77 9.45 -8.76
C TYR A 32 -42.93 10.65 -9.68
N ASN A 33 -44.17 11.05 -9.94
CA ASN A 33 -44.42 12.18 -10.83
C ASN A 33 -44.69 13.45 -10.04
N LEU A 34 -43.97 14.50 -10.38
CA LEU A 34 -44.15 15.80 -9.75
C LEU A 34 -45.23 16.48 -10.60
N VAL A 35 -46.44 16.57 -10.07
CA VAL A 35 -47.54 17.17 -10.83
C VAL A 35 -47.82 18.64 -10.47
N LEU A 36 -47.38 19.05 -9.29
CA LEU A 36 -47.66 20.40 -8.84
C LEU A 36 -46.54 20.93 -7.94
N LEU A 37 -46.08 22.14 -8.24
CA LEU A 37 -45.04 22.80 -7.46
C LEU A 37 -45.43 24.26 -7.20
N ALA A 38 -45.34 24.68 -5.95
CA ALA A 38 -45.68 26.05 -5.61
C ALA A 38 -44.68 26.65 -4.62
N GLU A 39 -44.29 27.89 -4.87
CA GLU A 39 -43.38 28.60 -3.98
C GLU A 39 -44.22 29.75 -3.45
N ALA A 40 -43.74 30.97 -3.63
CA ALA A 40 -44.50 32.13 -3.16
C ALA A 40 -45.78 32.26 -3.99
N GLU A 41 -45.83 33.25 -4.89
CA GLU A 41 -47.00 33.46 -5.72
C GLU A 41 -46.93 32.62 -6.98
N ARG A 42 -45.77 32.02 -7.25
CA ARG A 42 -45.64 31.23 -8.44
C ARG A 42 -45.93 29.76 -8.21
N SER A 43 -46.35 29.09 -9.28
CA SER A 43 -46.65 27.67 -9.19
C SER A 43 -46.62 26.99 -10.56
N LEU A 44 -46.28 25.71 -10.54
CA LEU A 44 -46.26 24.92 -11.77
C LEU A 44 -47.26 23.79 -11.55
N ILE A 45 -48.22 23.64 -12.45
CA ILE A 45 -49.20 22.57 -12.32
C ILE A 45 -49.57 21.97 -13.66
N SER A 46 -49.51 20.63 -13.75
CA SER A 46 -49.86 19.94 -14.97
C SER A 46 -51.25 19.40 -14.75
N LYS A 47 -52.19 19.86 -15.59
CA LYS A 47 -53.58 19.45 -15.47
C LYS A 47 -53.77 17.99 -15.84
N ASP A 48 -52.83 17.44 -16.60
CA ASP A 48 -52.87 16.04 -16.99
C ASP A 48 -52.61 15.18 -15.78
N PHE A 49 -51.84 15.75 -14.86
CA PHE A 49 -51.41 15.04 -13.67
C PHE A 49 -50.35 14.09 -14.19
N SER A 50 -49.80 14.47 -15.33
CA SER A 50 -48.72 13.74 -15.95
C SER A 50 -47.50 14.52 -15.50
N PRO A 51 -46.29 13.95 -15.64
CA PRO A 51 -45.10 14.69 -15.22
C PRO A 51 -45.09 16.14 -15.71
N LEU A 52 -44.64 17.06 -14.85
CA LEU A 52 -44.53 18.46 -15.22
C LEU A 52 -43.43 18.45 -16.26
N ASN A 53 -43.66 19.09 -17.41
CA ASN A 53 -42.66 19.09 -18.47
C ASN A 53 -41.48 20.01 -18.20
N VAL A 54 -40.67 19.63 -17.20
CA VAL A 54 -39.51 20.41 -16.80
C VAL A 54 -38.21 19.60 -16.67
N GLY A 55 -38.33 18.28 -16.73
CA GLY A 55 -37.15 17.45 -16.57
C GLY A 55 -36.67 17.67 -15.14
N SER A 56 -35.38 17.90 -14.97
CA SER A 56 -34.83 18.16 -13.64
C SER A 56 -34.83 19.65 -13.41
N ASP A 57 -35.09 20.39 -14.49
CA ASP A 57 -35.09 21.85 -14.46
C ASP A 57 -36.35 22.47 -13.91
N TRP A 58 -36.58 22.31 -12.62
CA TRP A 58 -37.79 22.86 -12.02
C TRP A 58 -37.66 24.29 -11.51
N LYS A 59 -36.48 24.66 -11.02
CA LYS A 59 -36.27 25.99 -10.47
C LYS A 59 -36.39 27.09 -11.51
N ALA A 60 -35.81 26.86 -12.69
CA ALA A 60 -35.87 27.84 -13.75
C ALA A 60 -37.33 27.99 -14.20
N ALA A 61 -37.95 26.86 -14.52
CA ALA A 61 -39.34 26.84 -14.95
C ALA A 61 -40.19 27.57 -13.92
N LEU A 62 -40.05 27.18 -12.65
CA LEU A 62 -40.82 27.80 -11.59
C LEU A 62 -40.61 29.31 -11.54
N ALA A 63 -39.35 29.72 -11.57
CA ALA A 63 -39.05 31.16 -11.53
C ALA A 63 -39.73 31.90 -12.67
N ALA A 64 -39.99 31.20 -13.76
CA ALA A 64 -40.60 31.82 -14.92
C ALA A 64 -42.11 31.69 -14.98
N SER A 65 -42.67 30.75 -14.22
CA SER A 65 -44.12 30.53 -14.24
C SER A 65 -44.96 31.78 -14.01
N THR A 66 -46.02 31.90 -14.80
CA THR A 66 -46.95 33.01 -14.70
C THR A 66 -48.21 32.48 -14.04
N THR A 67 -48.21 31.20 -13.69
CA THR A 67 -49.37 30.59 -13.07
C THR A 67 -49.44 30.89 -11.58
N LYS A 68 -50.60 31.36 -11.13
CA LYS A 68 -50.82 31.72 -9.73
C LYS A 68 -50.88 30.53 -8.80
N THR A 69 -50.63 30.78 -7.52
CA THR A 69 -50.67 29.73 -6.50
C THR A 69 -52.09 29.56 -5.99
N LEU A 70 -52.57 28.32 -6.05
CA LEU A 70 -53.92 27.94 -5.62
C LEU A 70 -54.25 28.06 -4.15
N PRO A 71 -55.47 28.54 -3.84
CA PRO A 71 -55.93 28.68 -2.46
C PRO A 71 -55.93 27.24 -1.98
N LEU A 72 -55.45 26.99 -0.75
CA LEU A 72 -55.38 25.62 -0.26
C LEU A 72 -56.63 24.79 -0.54
N ASP A 73 -57.80 25.35 -0.24
CA ASP A 73 -59.04 24.65 -0.48
C ASP A 73 -59.16 24.13 -1.91
N ASP A 74 -58.75 24.95 -2.88
CA ASP A 74 -58.81 24.54 -4.27
C ASP A 74 -57.74 23.48 -4.59
N LEU A 75 -56.63 23.53 -3.86
CA LEU A 75 -55.57 22.55 -4.07
C LEU A 75 -56.05 21.20 -3.55
N ILE A 76 -56.76 21.22 -2.43
CA ILE A 76 -57.28 19.99 -1.86
C ILE A 76 -58.20 19.39 -2.89
N ALA A 77 -59.15 20.22 -3.32
CA ALA A 77 -60.13 19.83 -4.33
C ALA A 77 -59.42 19.32 -5.60
N HIS A 78 -58.49 20.10 -6.13
CA HIS A 78 -57.79 19.69 -7.34
C HIS A 78 -57.07 18.35 -7.20
N LEU A 79 -56.37 18.14 -6.09
CA LEU A 79 -55.66 16.88 -5.90
C LEU A 79 -56.61 15.71 -5.75
N LYS A 80 -57.87 15.99 -5.45
CA LYS A 80 -58.86 14.94 -5.32
C LYS A 80 -59.22 14.39 -6.69
N THR A 81 -58.69 15.00 -7.74
CA THR A 81 -58.97 14.53 -9.10
C THR A 81 -57.71 13.96 -9.73
N SER A 82 -56.82 13.42 -8.90
CA SER A 82 -55.60 12.82 -9.42
C SER A 82 -55.83 11.37 -9.78
N PRO A 83 -55.53 10.98 -11.03
CA PRO A 83 -55.70 9.61 -11.52
C PRO A 83 -54.91 8.58 -10.68
N LYS A 84 -53.92 9.06 -9.94
CA LYS A 84 -53.09 8.20 -9.10
C LYS A 84 -53.01 8.72 -7.68
N PRO A 85 -52.68 7.84 -6.70
CA PRO A 85 -52.60 8.28 -5.30
C PRO A 85 -51.67 9.47 -5.19
N VAL A 86 -52.05 10.43 -4.36
CA VAL A 86 -51.27 11.65 -4.18
C VAL A 86 -50.57 11.80 -2.85
N ILE A 87 -49.36 12.34 -2.93
CA ILE A 87 -48.54 12.61 -1.76
C ILE A 87 -48.20 14.09 -1.76
N LEU A 88 -48.60 14.78 -0.70
CA LEU A 88 -48.32 16.20 -0.58
C LEU A 88 -47.09 16.30 0.29
N VAL A 89 -46.15 17.14 -0.14
CA VAL A 89 -44.93 17.36 0.61
C VAL A 89 -44.91 18.83 0.90
N ASP A 90 -45.13 19.18 2.16
CA ASP A 90 -45.11 20.58 2.59
C ASP A 90 -43.74 20.94 3.15
N ASN A 91 -42.92 21.64 2.39
CA ASN A 91 -41.59 22.03 2.84
C ASN A 91 -41.55 23.44 3.43
N THR A 92 -42.67 23.88 3.96
CA THR A 92 -42.76 25.19 4.58
C THR A 92 -42.70 24.99 6.10
N SER A 93 -43.01 26.05 6.84
CA SER A 93 -43.07 25.98 8.29
C SER A 93 -44.32 26.76 8.64
N SER A 94 -45.20 26.89 7.66
CA SER A 94 -46.44 27.63 7.80
C SER A 94 -47.46 26.96 8.70
N ALA A 95 -47.95 27.72 9.66
CA ALA A 95 -48.97 27.20 10.56
C ALA A 95 -50.26 27.16 9.75
N TYR A 96 -50.34 28.04 8.74
CA TYR A 96 -51.53 28.08 7.90
C TYR A 96 -51.69 26.73 7.21
N ILE A 97 -50.69 26.34 6.43
CA ILE A 97 -50.70 25.07 5.73
C ILE A 97 -51.05 23.96 6.74
N ALA A 98 -50.33 23.93 7.85
CA ALA A 98 -50.54 22.90 8.85
C ALA A 98 -52.01 22.78 9.19
N GLY A 99 -52.68 23.91 9.39
CA GLY A 99 -54.09 23.91 9.71
C GLY A 99 -54.97 23.15 8.73
N PHE A 100 -54.43 22.80 7.57
CA PHE A 100 -55.21 22.08 6.58
C PHE A 100 -54.86 20.60 6.45
N TYR A 101 -53.83 20.13 7.17
CA TYR A 101 -53.42 18.73 7.07
C TYR A 101 -54.62 17.83 7.29
N THR A 102 -55.38 18.11 8.34
CA THR A 102 -56.57 17.34 8.65
C THR A 102 -57.39 17.09 7.38
N LYS A 103 -57.77 18.18 6.72
CA LYS A 103 -58.57 18.09 5.49
C LYS A 103 -57.90 17.28 4.39
N PHE A 104 -56.60 17.51 4.17
CA PHE A 104 -55.85 16.75 3.17
C PHE A 104 -55.96 15.28 3.49
N VAL A 105 -55.53 14.93 4.69
CA VAL A 105 -55.56 13.56 5.15
C VAL A 105 -56.99 13.05 5.00
N GLU A 106 -57.95 13.78 5.57
CA GLU A 106 -59.36 13.40 5.50
C GLU A 106 -59.82 13.10 4.07
N ASN A 107 -59.07 13.57 3.08
CA ASN A 107 -59.44 13.31 1.70
C ASN A 107 -58.43 12.45 0.98
N GLY A 108 -57.94 11.42 1.67
CA GLY A 108 -57.01 10.51 1.05
C GLY A 108 -55.79 11.10 0.37
N ILE A 109 -55.29 12.22 0.86
CA ILE A 109 -54.08 12.81 0.31
C ILE A 109 -53.04 12.66 1.40
N SER A 110 -51.95 11.95 1.10
CA SER A 110 -50.91 11.71 2.09
C SER A 110 -49.91 12.84 2.24
N ILE A 111 -49.30 12.90 3.42
CA ILE A 111 -48.35 13.95 3.73
C ILE A 111 -46.98 13.51 4.25
N ALA A 112 -45.95 14.12 3.69
CA ALA A 112 -44.56 13.90 4.08
C ALA A 112 -44.10 15.32 4.32
N THR A 113 -43.56 15.62 5.49
CA THR A 113 -43.15 16.99 5.72
C THR A 113 -42.16 17.24 6.84
N PRO A 114 -41.38 18.33 6.69
CA PRO A 114 -40.37 18.80 7.64
C PRO A 114 -41.01 19.89 8.50
N ASN A 115 -42.27 20.23 8.19
CA ASN A 115 -42.99 21.28 8.91
C ASN A 115 -43.41 20.73 10.27
N LYS A 116 -43.06 21.46 11.33
CA LYS A 116 -43.33 21.07 12.70
C LYS A 116 -44.65 21.61 13.24
N LYS A 117 -45.11 22.72 12.68
CA LYS A 117 -46.35 23.35 13.14
C LYS A 117 -47.50 22.41 13.52
N ALA A 118 -47.86 21.52 12.61
CA ALA A 118 -48.98 20.61 12.86
C ALA A 118 -48.80 19.59 13.98
N PHE A 119 -47.56 19.23 14.28
CA PHE A 119 -47.28 18.25 15.32
C PHE A 119 -46.79 18.87 16.63
N SER A 120 -46.41 20.15 16.57
CA SER A 120 -45.92 20.85 17.76
C SER A 120 -46.84 21.99 18.17
N SER A 121 -48.12 21.87 17.86
CA SER A 121 -49.07 22.91 18.19
C SER A 121 -50.17 22.39 19.11
N ASP A 122 -51.42 22.51 18.65
CA ASP A 122 -52.57 22.04 19.41
C ASP A 122 -52.43 20.54 19.65
N LEU A 123 -53.15 19.99 20.62
CA LEU A 123 -53.08 18.56 20.91
C LEU A 123 -54.19 17.79 20.19
N ALA A 124 -55.26 18.48 19.84
CA ALA A 124 -56.34 17.78 19.16
C ALA A 124 -55.92 17.68 17.69
N THR A 125 -55.27 18.72 17.17
CA THR A 125 -54.74 18.73 15.81
C THR A 125 -53.87 17.48 15.60
N TRP A 126 -53.22 17.08 16.70
CA TRP A 126 -52.33 15.93 16.76
C TRP A 126 -53.09 14.65 16.79
N LYS A 127 -54.12 14.60 17.62
CA LYS A 127 -54.93 13.37 17.67
C LYS A 127 -55.78 13.25 16.41
N ALA A 128 -56.02 14.39 15.75
CA ALA A 128 -56.79 14.40 14.54
C ALA A 128 -56.08 13.58 13.47
N LEU A 129 -54.85 13.98 13.22
CA LEU A 129 -54.03 13.35 12.22
C LEU A 129 -53.99 11.88 12.45
N PHE A 130 -53.60 11.52 13.67
CA PHE A 130 -53.45 10.11 14.03
C PHE A 130 -54.67 9.40 14.59
N SER A 131 -55.70 9.37 13.75
CA SER A 131 -56.97 8.71 14.03
C SER A 131 -56.92 7.56 13.01
N ASN A 132 -57.75 6.53 13.16
CA ASN A 132 -57.68 5.49 12.15
C ASN A 132 -58.86 5.56 11.20
N LYS A 133 -59.03 6.69 10.55
CA LYS A 133 -60.12 6.78 9.60
C LYS A 133 -59.59 5.74 8.61
N PRO A 134 -60.47 5.00 7.94
CA PRO A 134 -59.98 3.99 6.99
C PRO A 134 -59.73 4.49 5.58
N THR A 135 -59.94 5.76 5.32
CA THR A 135 -59.72 6.27 3.98
C THR A 135 -58.59 7.27 3.94
N ASN A 136 -58.52 8.12 4.96
CA ASN A 136 -57.50 9.14 5.04
C ASN A 136 -56.04 8.74 4.66
N GLY A 137 -55.32 9.69 4.07
CA GLY A 137 -53.94 9.47 3.67
C GLY A 137 -53.00 9.20 4.83
N PHE A 138 -51.74 8.85 4.56
CA PHE A 138 -50.79 8.62 5.66
C PHE A 138 -50.10 9.93 5.95
N VAL A 139 -49.53 10.04 7.14
CA VAL A 139 -48.81 11.22 7.59
C VAL A 139 -47.41 10.82 8.09
N TYR A 140 -46.38 11.46 7.54
CA TYR A 140 -45.00 11.15 7.93
C TYR A 140 -44.25 12.41 8.12
N HIS A 141 -43.57 12.52 9.25
CA HIS A 141 -42.86 13.73 9.49
C HIS A 141 -41.48 13.51 10.07
N GLU A 142 -40.68 12.65 9.43
CA GLU A 142 -39.34 12.37 9.98
C GLU A 142 -38.45 13.59 10.22
N ALA A 143 -38.32 14.44 9.22
CA ALA A 143 -37.51 15.65 9.29
C ALA A 143 -37.95 16.71 10.34
N THR A 144 -38.98 16.45 11.12
CA THR A 144 -39.39 17.42 12.15
C THR A 144 -38.55 17.30 13.42
N VAL A 145 -37.94 16.14 13.65
CA VAL A 145 -37.14 15.99 14.85
C VAL A 145 -35.63 16.01 14.57
N GLY A 146 -35.02 14.87 14.30
CA GLY A 146 -33.58 14.89 14.07
C GLY A 146 -33.22 14.93 12.60
N ALA A 147 -33.86 15.84 11.88
CA ALA A 147 -33.62 15.95 10.45
C ALA A 147 -33.77 14.54 9.88
N GLY A 148 -32.81 14.10 9.07
CA GLY A 148 -32.89 12.78 8.47
C GLY A 148 -32.69 11.61 9.42
N LEU A 149 -32.17 11.87 10.62
CA LEU A 149 -31.94 10.81 11.59
C LEU A 149 -33.26 10.01 11.81
N PRO A 150 -33.17 8.66 11.77
CA PRO A 150 -34.34 7.80 11.95
C PRO A 150 -34.83 7.80 13.37
N ILE A 151 -35.27 8.96 13.85
CA ILE A 151 -35.72 9.07 15.22
C ILE A 151 -37.19 8.77 15.38
N ILE A 152 -38.01 9.40 14.56
CA ILE A 152 -39.42 9.17 14.65
C ILE A 152 -39.80 7.76 14.18
N SER A 153 -39.28 7.32 13.04
CA SER A 153 -39.62 5.99 12.54
C SER A 153 -39.29 4.92 13.57
N PHE A 154 -38.19 5.11 14.28
CA PHE A 154 -37.75 4.15 15.27
C PHE A 154 -38.71 4.08 16.45
N LEU A 155 -39.18 5.22 16.91
CA LEU A 155 -40.09 5.25 18.02
C LEU A 155 -41.39 4.53 17.65
N ARG A 156 -42.01 4.98 16.56
CA ARG A 156 -43.27 4.37 16.14
C ARG A 156 -43.20 2.84 16.08
N GLU A 157 -42.16 2.32 15.45
CA GLU A 157 -42.03 0.87 15.31
C GLU A 157 -41.86 0.14 16.65
N ILE A 158 -40.92 0.62 17.46
CA ILE A 158 -40.68 0.07 18.76
C ILE A 158 -41.99 0.06 19.56
N ILE A 159 -42.74 1.16 19.50
CA ILE A 159 -44.02 1.26 20.21
C ILE A 159 -44.99 0.22 19.62
N GLN A 160 -45.11 0.19 18.30
CA GLN A 160 -46.03 -0.75 17.66
C GLN A 160 -45.79 -2.18 18.10
N THR A 161 -44.52 -2.59 18.18
CA THR A 161 -44.17 -3.94 18.58
C THR A 161 -44.41 -4.21 20.07
N GLY A 162 -44.62 -3.16 20.86
CA GLY A 162 -44.88 -3.42 22.26
C GLY A 162 -43.92 -2.84 23.26
N ASP A 163 -42.87 -2.16 22.81
CA ASP A 163 -41.96 -1.57 23.76
C ASP A 163 -42.64 -0.34 24.33
N GLU A 164 -42.15 0.16 25.46
CA GLU A 164 -42.74 1.35 26.07
C GLU A 164 -41.62 2.34 26.41
N VAL A 165 -41.76 3.57 25.96
CA VAL A 165 -40.75 4.58 26.23
C VAL A 165 -40.82 4.98 27.70
N GLU A 166 -39.68 5.21 28.31
CA GLU A 166 -39.66 5.61 29.70
C GLU A 166 -39.08 6.98 29.85
N LYS A 167 -37.91 7.20 29.26
CA LYS A 167 -37.25 8.49 29.35
C LYS A 167 -36.53 8.85 28.06
N ILE A 168 -36.60 10.12 27.67
CA ILE A 168 -35.93 10.62 26.48
C ILE A 168 -35.17 11.91 26.78
N GLU A 169 -33.89 11.91 26.41
CA GLU A 169 -32.99 13.04 26.59
C GLU A 169 -32.46 13.35 25.21
N GLY A 170 -32.30 14.63 24.89
CA GLY A 170 -31.78 14.95 23.58
C GLY A 170 -31.36 16.38 23.34
N ILE A 171 -30.42 16.53 22.41
CA ILE A 171 -29.91 17.82 21.99
C ILE A 171 -30.43 17.95 20.58
N PHE A 172 -31.48 18.75 20.43
CA PHE A 172 -32.18 18.95 19.16
C PHE A 172 -31.93 20.24 18.40
N SER A 173 -30.82 20.92 18.66
CA SER A 173 -30.50 22.16 17.95
C SER A 173 -29.05 22.18 17.52
N GLY A 174 -28.82 22.33 16.23
CA GLY A 174 -27.45 22.36 15.76
C GLY A 174 -26.70 23.51 16.41
N THR A 175 -27.29 24.70 16.30
CA THR A 175 -26.72 25.93 16.85
C THR A 175 -26.36 25.76 18.31
N LEU A 176 -27.36 25.45 19.12
CA LEU A 176 -27.14 25.29 20.54
C LEU A 176 -26.18 24.13 20.83
N SER A 177 -26.18 23.13 19.97
CA SER A 177 -25.29 21.99 20.16
C SER A 177 -23.85 22.45 19.99
N TYR A 178 -23.59 23.11 18.87
CA TYR A 178 -22.26 23.62 18.56
C TYR A 178 -21.78 24.53 19.68
N ILE A 179 -22.58 25.52 20.00
CA ILE A 179 -22.26 26.47 21.05
C ILE A 179 -21.77 25.80 22.34
N PHE A 180 -22.58 24.91 22.92
CA PHE A 180 -22.20 24.22 24.16
C PHE A 180 -21.03 23.25 24.02
N ASN A 181 -20.83 22.70 22.82
CA ASN A 181 -19.72 21.78 22.64
C ASN A 181 -18.44 22.58 22.67
N GLU A 182 -18.54 23.83 22.24
CA GLU A 182 -17.39 24.73 22.20
C GLU A 182 -17.19 25.42 23.54
N PHE A 183 -18.29 25.79 24.17
CA PHE A 183 -18.23 26.49 25.44
C PHE A 183 -17.84 25.61 26.61
N SER A 184 -18.52 24.47 26.74
CA SER A 184 -18.26 23.55 27.85
C SER A 184 -17.65 22.22 27.43
N THR A 185 -16.46 21.95 27.93
CA THR A 185 -15.78 20.70 27.63
C THR A 185 -15.15 20.21 28.91
N SER A 186 -14.32 19.19 28.81
CA SER A 186 -13.64 18.66 29.98
C SER A 186 -12.35 19.42 30.18
N GLN A 187 -11.97 20.17 29.16
CA GLN A 187 -10.76 20.98 29.16
C GLN A 187 -10.86 22.19 30.07
N ALA A 188 -12.10 22.58 30.38
CA ALA A 188 -12.33 23.73 31.25
C ALA A 188 -11.45 24.90 30.85
N ASN A 189 -11.88 25.66 29.86
CA ASN A 189 -11.15 26.83 29.37
C ASN A 189 -11.75 28.08 30.01
N ASP A 190 -11.59 29.23 29.38
CA ASP A 190 -12.17 30.45 29.90
C ASP A 190 -13.10 31.01 28.83
N VAL A 191 -13.21 30.28 27.73
CA VAL A 191 -14.07 30.68 26.62
C VAL A 191 -15.36 31.25 27.17
N LYS A 192 -15.75 32.40 26.63
CA LYS A 192 -16.96 33.11 27.04
C LYS A 192 -18.11 32.75 26.14
N PHE A 193 -19.31 32.67 26.73
CA PHE A 193 -20.49 32.33 25.96
C PHE A 193 -20.57 33.24 24.75
N SER A 194 -20.57 34.54 25.00
CA SER A 194 -20.64 35.54 23.93
C SER A 194 -19.72 35.21 22.77
N ASP A 195 -18.49 34.85 23.08
CA ASP A 195 -17.55 34.55 22.03
C ASP A 195 -18.05 33.44 21.12
N VAL A 196 -18.30 32.25 21.67
CA VAL A 196 -18.77 31.15 20.83
C VAL A 196 -20.00 31.51 20.01
N VAL A 197 -21.01 32.10 20.64
CA VAL A 197 -22.22 32.46 19.92
C VAL A 197 -21.85 33.39 18.77
N LYS A 198 -20.92 34.30 19.01
CA LYS A 198 -20.49 35.23 17.98
C LYS A 198 -19.85 34.48 16.83
N VAL A 199 -18.98 33.53 17.15
CA VAL A 199 -18.31 32.72 16.13
C VAL A 199 -19.29 31.82 15.41
N ALA A 200 -20.27 31.32 16.14
CA ALA A 200 -21.29 30.45 15.56
C ALA A 200 -22.00 31.25 14.49
N LYS A 201 -22.23 32.52 14.79
CA LYS A 201 -22.91 33.42 13.86
C LYS A 201 -21.95 33.72 12.72
N LYS A 202 -20.69 33.96 13.07
CA LYS A 202 -19.63 34.26 12.11
C LYS A 202 -19.48 33.13 11.10
N LEU A 203 -19.43 31.90 11.58
CA LEU A 203 -19.27 30.75 10.71
C LEU A 203 -20.59 30.25 10.12
N GLY A 204 -21.64 31.06 10.25
CA GLY A 204 -22.95 30.73 9.73
C GLY A 204 -23.69 29.55 10.36
N TYR A 205 -23.48 29.33 11.65
CA TYR A 205 -24.13 28.23 12.35
C TYR A 205 -25.45 28.62 13.00
N THR A 206 -25.84 29.89 12.89
CA THR A 206 -27.08 30.33 13.50
C THR A 206 -27.98 31.06 12.52
N GLU A 207 -29.14 31.51 12.99
CA GLU A 207 -30.04 32.28 12.15
C GLU A 207 -29.41 33.67 12.09
N PRO A 208 -29.89 34.54 11.20
CA PRO A 208 -29.30 35.89 11.11
C PRO A 208 -29.26 36.54 12.49
N ASP A 209 -30.40 36.57 13.17
CA ASP A 209 -30.49 37.12 14.51
C ASP A 209 -30.57 35.93 15.46
N PRO A 210 -29.43 35.57 16.07
CA PRO A 210 -29.26 34.46 17.01
C PRO A 210 -30.32 34.30 18.10
N ARG A 211 -31.16 35.30 18.32
CA ARG A 211 -32.20 35.16 19.33
C ARG A 211 -33.13 34.02 18.96
N ASP A 212 -33.28 33.78 17.66
CA ASP A 212 -34.15 32.72 17.17
C ASP A 212 -33.65 31.32 17.57
N ASP A 213 -32.37 31.22 17.93
CA ASP A 213 -31.79 29.95 18.34
C ASP A 213 -31.76 29.84 19.87
N LEU A 214 -31.24 30.88 20.50
CA LEU A 214 -31.11 30.90 21.94
C LEU A 214 -32.44 30.90 22.68
N ASN A 215 -33.55 31.18 21.99
CA ASN A 215 -34.85 31.20 22.66
C ASN A 215 -35.35 29.82 23.07
N GLY A 216 -34.76 28.78 22.48
CA GLY A 216 -35.15 27.41 22.79
C GLY A 216 -36.56 27.02 22.40
N LEU A 217 -37.18 27.77 21.51
CA LEU A 217 -38.54 27.47 21.08
C LEU A 217 -38.58 26.30 20.11
N ASP A 218 -37.60 26.26 19.21
CA ASP A 218 -37.55 25.20 18.22
C ASP A 218 -37.30 23.86 18.88
N VAL A 219 -36.58 23.87 19.99
CA VAL A 219 -36.29 22.65 20.73
C VAL A 219 -37.54 22.18 21.47
N ALA A 220 -38.27 23.11 22.08
CA ALA A 220 -39.49 22.70 22.78
C ALA A 220 -40.48 22.10 21.77
N ARG A 221 -40.55 22.65 20.56
CA ARG A 221 -41.48 22.09 19.58
C ARG A 221 -41.06 20.66 19.27
N LYS A 222 -39.76 20.43 19.12
CA LYS A 222 -39.26 19.09 18.80
C LYS A 222 -39.49 18.11 19.94
N VAL A 223 -39.32 18.58 21.17
CA VAL A 223 -39.51 17.75 22.36
C VAL A 223 -40.99 17.42 22.55
N THR A 224 -41.84 18.37 22.20
CA THR A 224 -43.28 18.18 22.32
C THR A 224 -43.68 17.00 21.47
N ILE A 225 -43.11 16.95 20.27
CA ILE A 225 -43.39 15.88 19.31
C ILE A 225 -43.01 14.50 19.81
N VAL A 226 -41.80 14.35 20.33
CA VAL A 226 -41.37 13.05 20.81
C VAL A 226 -42.02 12.75 22.14
N GLY A 227 -42.45 13.79 22.84
CA GLY A 227 -43.12 13.57 24.10
C GLY A 227 -44.42 12.87 23.77
N ARG A 228 -45.20 13.48 22.88
CA ARG A 228 -46.49 12.95 22.46
C ARG A 228 -46.38 11.57 21.80
N ILE A 229 -45.33 11.32 21.02
CA ILE A 229 -45.18 10.01 20.40
C ILE A 229 -44.95 8.99 21.51
N SER A 230 -44.19 9.38 22.51
CA SER A 230 -43.86 8.53 23.65
C SER A 230 -45.05 8.19 24.56
N GLY A 231 -46.10 9.00 24.49
CA GLY A 231 -47.26 8.74 25.31
C GLY A 231 -47.58 9.80 26.35
N VAL A 232 -46.93 10.96 26.24
CA VAL A 232 -47.18 12.05 27.17
C VAL A 232 -48.01 13.13 26.48
N GLU A 233 -49.24 13.28 26.96
CA GLU A 233 -50.21 14.24 26.42
C GLU A 233 -49.79 15.70 26.61
N VAL A 234 -48.75 16.09 25.90
CA VAL A 234 -48.23 17.44 25.97
C VAL A 234 -49.13 18.43 25.23
N GLU A 235 -49.61 19.42 25.97
CA GLU A 235 -50.52 20.43 25.45
C GLU A 235 -49.94 21.35 24.38
N SER A 236 -48.76 21.90 24.65
CA SER A 236 -48.15 22.82 23.72
C SER A 236 -46.69 22.97 24.05
N PRO A 237 -45.92 23.64 23.18
CA PRO A 237 -44.48 23.82 23.41
C PRO A 237 -44.21 24.84 24.51
N THR A 238 -45.28 25.42 25.04
CA THR A 238 -45.19 26.42 26.11
C THR A 238 -45.93 25.98 27.35
N SER A 239 -46.39 24.73 27.37
CA SER A 239 -47.14 24.20 28.50
C SER A 239 -46.21 23.58 29.51
N PHE A 240 -44.91 23.79 29.34
CA PHE A 240 -43.93 23.21 30.26
C PHE A 240 -42.68 24.08 30.35
N PRO A 241 -41.80 23.83 31.34
CA PRO A 241 -40.56 24.57 31.57
C PRO A 241 -39.67 24.65 30.33
N VAL A 242 -39.38 25.87 29.87
CA VAL A 242 -38.52 26.08 28.71
C VAL A 242 -37.59 27.27 28.98
N GLN A 243 -36.29 26.96 29.09
CA GLN A 243 -35.25 27.94 29.42
C GLN A 243 -34.61 28.71 28.27
N SER A 244 -34.90 30.01 28.23
CA SER A 244 -34.34 30.88 27.19
C SER A 244 -32.90 31.28 27.51
N LEU A 245 -32.09 31.50 26.50
CA LEU A 245 -30.71 31.89 26.68
C LEU A 245 -30.48 33.35 26.26
N ILE A 246 -31.57 34.05 25.97
CA ILE A 246 -31.47 35.44 25.60
C ILE A 246 -31.54 36.16 26.92
N PRO A 247 -30.53 36.97 27.22
CA PRO A 247 -30.56 37.68 28.50
C PRO A 247 -31.85 38.49 28.64
N LYS A 248 -32.49 38.33 29.79
CA LYS A 248 -33.74 38.99 30.16
C LYS A 248 -33.93 40.40 29.60
N PRO A 249 -32.82 41.16 29.42
CA PRO A 249 -33.07 42.49 28.86
C PRO A 249 -33.04 42.57 27.35
N LEU A 250 -32.08 41.91 26.72
CA LEU A 250 -31.95 41.96 25.27
C LEU A 250 -33.09 41.36 24.42
N GLU A 251 -34.18 40.93 25.05
CA GLU A 251 -35.32 40.35 24.33
C GLU A 251 -36.10 41.52 23.72
N SER A 252 -35.77 42.72 24.18
CA SER A 252 -36.38 43.99 23.74
C SER A 252 -35.28 44.87 23.13
N VAL A 253 -34.26 44.19 22.61
CA VAL A 253 -33.09 44.82 22.04
C VAL A 253 -33.24 45.72 20.83
N LYS A 254 -34.25 45.49 20.00
CA LYS A 254 -34.42 46.25 18.75
C LYS A 254 -33.43 45.66 17.72
N SER A 255 -32.41 46.42 17.34
CA SER A 255 -31.45 45.93 16.37
C SER A 255 -30.97 44.52 16.69
N ALA A 256 -30.53 43.80 15.67
CA ALA A 256 -30.05 42.43 15.86
C ALA A 256 -28.54 42.54 15.95
N ASP A 257 -28.10 43.78 16.09
CA ASP A 257 -26.69 44.11 16.21
C ASP A 257 -26.45 44.37 17.68
N GLU A 258 -27.34 45.17 18.26
CA GLU A 258 -27.26 45.51 19.66
C GLU A 258 -27.06 44.20 20.40
N PHE A 259 -28.10 43.36 20.35
CA PHE A 259 -28.08 42.05 20.99
C PHE A 259 -26.73 41.33 20.95
N LEU A 260 -26.22 41.05 19.75
CA LEU A 260 -24.93 40.38 19.67
C LEU A 260 -23.79 41.11 20.44
N GLU A 261 -23.61 42.43 20.27
CA GLU A 261 -22.52 43.13 20.99
C GLU A 261 -22.72 43.29 22.50
N LYS A 262 -23.97 43.52 22.91
CA LYS A 262 -24.33 43.65 24.32
C LYS A 262 -24.46 42.28 25.03
N LEU A 263 -24.39 41.17 24.27
CA LEU A 263 -24.51 39.84 24.88
C LEU A 263 -23.49 39.66 26.00
N SER A 264 -22.18 39.77 25.65
CA SER A 264 -21.07 39.63 26.58
C SER A 264 -21.33 40.11 28.00
N ASP A 265 -22.17 41.15 28.13
CA ASP A 265 -22.53 41.73 29.42
C ASP A 265 -23.12 40.75 30.43
N TYR A 266 -23.38 39.51 30.04
CA TYR A 266 -23.95 38.55 30.99
C TYR A 266 -23.26 37.19 30.93
N ASP A 267 -22.03 37.20 30.44
CA ASP A 267 -21.24 35.99 30.37
C ASP A 267 -20.98 35.41 31.76
N LYS A 268 -20.75 36.31 32.72
CA LYS A 268 -20.44 35.92 34.09
C LYS A 268 -21.30 34.78 34.65
N ASP A 269 -22.60 34.84 34.43
CA ASP A 269 -23.48 33.80 34.95
C ASP A 269 -23.18 32.42 34.36
N LEU A 270 -23.14 32.35 33.03
CA LEU A 270 -22.88 31.10 32.36
C LEU A 270 -21.48 30.56 32.65
N THR A 271 -20.49 31.45 32.61
CA THR A 271 -19.11 31.05 32.88
C THR A 271 -18.89 30.52 34.30
N GLN A 272 -19.78 30.88 35.24
CA GLN A 272 -19.62 30.40 36.60
C GLN A 272 -20.31 29.04 36.71
N LEU A 273 -21.43 28.89 36.00
CA LEU A 273 -22.17 27.64 36.00
C LEU A 273 -21.28 26.62 35.33
N LYS A 274 -20.46 27.12 34.40
CA LYS A 274 -19.53 26.29 33.66
C LYS A 274 -18.38 25.89 34.59
N LYS A 275 -17.99 26.79 35.48
CA LYS A 275 -16.91 26.54 36.43
C LYS A 275 -17.39 25.56 37.49
N GLU A 276 -18.64 25.72 37.92
CA GLU A 276 -19.21 24.84 38.92
C GLU A 276 -19.28 23.41 38.36
N ALA A 277 -19.65 23.28 37.09
CA ALA A 277 -19.77 21.99 36.43
C ALA A 277 -18.45 21.26 36.30
N ALA A 278 -17.46 21.96 35.77
CA ALA A 278 -16.13 21.38 35.60
C ALA A 278 -15.66 20.75 36.91
N THR A 279 -15.82 21.47 38.01
CA THR A 279 -15.42 20.98 39.32
C THR A 279 -16.02 19.62 39.60
N GLU A 280 -17.25 19.40 39.14
CA GLU A 280 -17.93 18.13 39.35
C GLU A 280 -17.65 17.13 38.22
N ASN A 281 -16.78 17.53 37.29
CA ASN A 281 -16.42 16.69 36.14
C ASN A 281 -17.60 16.54 35.19
N LYS A 282 -18.50 17.52 35.21
CA LYS A 282 -19.68 17.51 34.36
C LYS A 282 -19.51 18.59 33.32
N VAL A 283 -20.30 18.48 32.25
CA VAL A 283 -20.26 19.46 31.18
C VAL A 283 -21.70 19.97 31.04
N LEU A 284 -21.86 21.22 30.64
CA LEU A 284 -23.20 21.79 30.46
C LEU A 284 -23.75 21.53 29.06
N ARG A 285 -25.00 21.07 28.98
CA ARG A 285 -25.62 20.81 27.68
C ARG A 285 -27.06 21.30 27.65
N PHE A 286 -27.46 21.89 26.52
CA PHE A 286 -28.83 22.37 26.36
C PHE A 286 -29.62 21.17 25.86
N ILE A 287 -30.69 20.81 26.57
CA ILE A 287 -31.47 19.64 26.15
C ILE A 287 -32.97 19.70 26.33
N GLY A 288 -33.63 18.71 25.72
CA GLY A 288 -35.07 18.56 25.83
C GLY A 288 -35.23 17.22 26.53
N LYS A 289 -36.01 17.17 27.61
CA LYS A 289 -36.16 15.93 28.37
C LYS A 289 -37.61 15.47 28.53
N VAL A 290 -37.82 14.16 28.58
CA VAL A 290 -39.15 13.60 28.75
C VAL A 290 -39.14 12.44 29.71
N ASP A 291 -39.85 12.58 30.82
CA ASP A 291 -39.93 11.48 31.78
C ASP A 291 -41.38 11.08 31.71
N VAL A 292 -41.65 9.96 31.04
CA VAL A 292 -43.02 9.50 30.86
C VAL A 292 -43.81 9.13 32.11
N ALA A 293 -43.16 8.48 33.06
CA ALA A 293 -43.88 8.08 34.27
C ALA A 293 -44.46 9.28 35.00
N THR A 294 -43.68 10.36 35.08
CA THR A 294 -44.13 11.55 35.77
C THR A 294 -44.75 12.58 34.83
N LYS A 295 -44.87 12.22 33.55
CA LYS A 295 -45.48 13.13 32.59
C LYS A 295 -44.83 14.51 32.64
N SER A 296 -43.52 14.55 32.87
CA SER A 296 -42.82 15.81 32.93
C SER A 296 -41.80 15.97 31.78
N VAL A 297 -42.02 17.00 30.99
CA VAL A 297 -41.18 17.36 29.86
C VAL A 297 -40.50 18.67 30.24
N SER A 298 -39.33 18.94 29.67
CA SER A 298 -38.61 20.17 29.99
C SER A 298 -37.50 20.47 28.99
N VAL A 299 -37.08 21.74 28.96
CA VAL A 299 -36.03 22.21 28.07
C VAL A 299 -35.13 23.17 28.82
N GLY A 300 -33.82 22.94 28.79
CA GLY A 300 -32.91 23.81 29.51
C GLY A 300 -31.52 23.21 29.61
N ILE A 301 -30.69 23.78 30.48
CA ILE A 301 -29.32 23.29 30.66
C ILE A 301 -29.23 22.18 31.71
N GLU A 302 -28.61 21.07 31.35
CA GLU A 302 -28.44 19.95 32.27
C GLU A 302 -26.94 19.58 32.32
N LYS A 303 -26.48 19.09 33.47
CA LYS A 303 -25.08 18.68 33.60
C LYS A 303 -24.85 17.23 33.17
N TYR A 304 -23.74 16.97 32.48
CA TYR A 304 -23.43 15.62 32.03
C TYR A 304 -22.02 15.19 32.33
N ASP A 305 -21.86 13.94 32.75
CA ASP A 305 -20.55 13.39 33.09
C ASP A 305 -19.63 13.38 31.87
N TYR A 306 -18.34 13.63 32.09
CA TYR A 306 -17.38 13.64 30.98
C TYR A 306 -17.49 12.34 30.19
N SER A 307 -17.87 11.29 30.88
CA SER A 307 -18.00 9.97 30.27
C SER A 307 -19.34 9.73 29.60
N HIS A 308 -20.24 10.70 29.70
CA HIS A 308 -21.56 10.57 29.08
C HIS A 308 -21.43 10.89 27.59
N PRO A 309 -22.07 10.07 26.73
CA PRO A 309 -22.05 10.23 25.27
C PRO A 309 -22.31 11.65 24.78
N PHE A 310 -23.05 12.43 25.58
CA PHE A 310 -23.38 13.81 25.24
C PHE A 310 -22.18 14.75 25.31
N ALA A 311 -21.24 14.43 26.18
CA ALA A 311 -20.05 15.26 26.38
C ALA A 311 -18.96 15.09 25.33
N SER A 312 -19.28 14.40 24.24
CA SER A 312 -18.28 14.16 23.21
C SER A 312 -18.82 14.35 21.79
N LEU A 313 -19.99 14.95 21.66
CA LEU A 313 -20.57 15.17 20.34
C LEU A 313 -19.60 15.87 19.40
N LYS A 314 -19.88 15.78 18.11
CA LYS A 314 -19.05 16.40 17.09
C LYS A 314 -19.79 17.52 16.37
N GLY A 315 -19.06 18.59 16.08
CA GLY A 315 -19.61 19.73 15.37
C GLY A 315 -20.93 20.22 15.92
N SER A 316 -22.00 19.98 15.18
CA SER A 316 -23.34 20.39 15.59
C SER A 316 -24.35 19.24 15.58
N ASP A 317 -23.85 18.01 15.63
CA ASP A 317 -24.73 16.84 15.61
C ASP A 317 -25.80 16.91 16.70
N ASN A 318 -26.98 16.41 16.38
CA ASN A 318 -28.06 16.33 17.34
C ASN A 318 -27.85 14.95 17.92
N VAL A 319 -28.50 14.68 19.04
CA VAL A 319 -28.39 13.36 19.65
C VAL A 319 -29.63 13.06 20.48
N ILE A 320 -30.08 11.81 20.43
CA ILE A 320 -31.24 11.44 21.22
C ILE A 320 -30.93 10.17 21.98
N SER A 321 -31.43 10.12 23.21
CA SER A 321 -31.23 8.98 24.08
C SER A 321 -32.63 8.48 24.38
N ILE A 322 -32.87 7.20 24.11
CA ILE A 322 -34.18 6.63 24.33
C ILE A 322 -34.12 5.43 25.26
N LYS A 323 -34.64 5.59 26.47
CA LYS A 323 -34.67 4.53 27.45
C LYS A 323 -36.06 3.90 27.40
N THR A 324 -36.13 2.59 27.23
CA THR A 324 -37.41 1.89 27.18
C THR A 324 -37.45 0.67 28.08
N LYS A 325 -38.64 0.11 28.20
CA LYS A 325 -38.86 -1.08 29.01
C LYS A 325 -37.83 -2.14 28.59
N ARG A 326 -37.70 -2.33 27.28
CA ARG A 326 -36.76 -3.31 26.73
C ARG A 326 -35.30 -2.86 26.74
N TYR A 327 -35.03 -1.62 26.35
CA TYR A 327 -33.65 -1.13 26.36
C TYR A 327 -33.36 -0.46 27.70
N THR A 328 -32.88 -1.25 28.65
CA THR A 328 -32.58 -0.71 29.97
C THR A 328 -31.38 0.21 29.86
N ASN A 329 -30.68 0.12 28.74
CA ASN A 329 -29.54 0.98 28.43
C ASN A 329 -30.05 1.75 27.21
N PRO A 330 -30.25 3.06 27.36
CA PRO A 330 -30.76 3.92 26.29
C PRO A 330 -30.10 3.77 24.94
N VAL A 331 -30.93 3.78 23.91
CA VAL A 331 -30.43 3.70 22.54
C VAL A 331 -29.99 5.14 22.28
N VAL A 332 -28.87 5.31 21.58
CA VAL A 332 -28.42 6.65 21.30
C VAL A 332 -28.18 6.79 19.80
N ILE A 333 -28.86 7.77 19.21
CA ILE A 333 -28.79 8.06 17.79
C ILE A 333 -28.30 9.48 17.60
N GLN A 334 -27.17 9.65 16.92
CA GLN A 334 -26.63 10.99 16.72
C GLN A 334 -26.18 11.23 15.29
N GLY A 335 -26.08 12.50 14.93
CA GLY A 335 -25.66 12.86 13.58
C GLY A 335 -26.16 14.27 13.31
N ALA A 336 -25.90 14.79 12.12
CA ALA A 336 -26.37 16.13 11.80
C ALA A 336 -27.88 16.16 12.02
N GLY A 337 -28.37 17.27 12.56
CA GLY A 337 -29.79 17.39 12.81
C GLY A 337 -30.36 18.55 12.03
N ALA A 338 -29.65 18.91 10.96
CA ALA A 338 -30.06 20.02 10.12
C ALA A 338 -29.13 20.08 8.92
N GLY A 339 -29.54 20.80 7.90
CA GLY A 339 -28.77 20.89 6.68
C GLY A 339 -29.73 20.58 5.55
N ALA A 340 -29.61 21.30 4.44
CA ALA A 340 -30.53 21.09 3.33
C ALA A 340 -30.64 19.65 2.84
N ALA A 341 -29.53 19.11 2.31
CA ALA A 341 -29.52 17.76 1.75
C ALA A 341 -29.94 16.67 2.74
N VAL A 342 -29.34 16.70 3.92
CA VAL A 342 -29.63 15.72 4.97
C VAL A 342 -31.09 15.75 5.39
N THR A 343 -31.68 16.94 5.46
CA THR A 343 -33.07 17.07 5.85
C THR A 343 -33.97 16.67 4.68
N ALA A 344 -33.50 16.90 3.46
CA ALA A 344 -34.28 16.53 2.30
C ALA A 344 -34.37 15.03 2.30
N ALA A 345 -33.21 14.39 2.37
CA ALA A 345 -33.15 12.92 2.35
C ALA A 345 -34.17 12.36 3.32
N GLY A 346 -34.30 12.99 4.48
CA GLY A 346 -35.26 12.52 5.47
C GLY A 346 -36.66 12.62 4.92
N VAL A 347 -37.02 13.79 4.36
CA VAL A 347 -38.36 13.98 3.82
C VAL A 347 -38.68 13.01 2.68
N LEU A 348 -37.68 12.78 1.82
CA LEU A 348 -37.84 11.87 0.70
C LEU A 348 -38.04 10.45 1.22
N GLY A 349 -37.27 10.11 2.26
CA GLY A 349 -37.38 8.80 2.86
C GLY A 349 -38.84 8.51 3.18
N ASP A 350 -39.50 9.51 3.78
CA ASP A 350 -40.91 9.38 4.11
C ASP A 350 -41.72 9.26 2.83
N VAL A 351 -41.42 10.10 1.84
CA VAL A 351 -42.14 10.02 0.56
C VAL A 351 -42.07 8.59 0.05
N ILE A 352 -40.90 7.98 0.17
CA ILE A 352 -40.71 6.59 -0.25
C ILE A 352 -41.50 5.60 0.62
N LYS A 353 -41.47 5.82 1.93
CA LYS A 353 -42.18 4.94 2.85
C LYS A 353 -43.68 5.00 2.61
N ILE A 354 -44.14 6.15 2.13
CA ILE A 354 -45.56 6.35 1.83
C ILE A 354 -45.94 5.67 0.52
N ALA A 355 -45.18 5.96 -0.53
CA ALA A 355 -45.44 5.35 -1.82
C ALA A 355 -45.45 3.83 -1.76
N GLN A 356 -44.58 3.23 -0.96
CA GLN A 356 -44.54 1.77 -0.85
C GLN A 356 -45.88 1.23 -0.36
N ARG A 357 -46.55 2.01 0.48
CA ARG A 357 -47.86 1.67 0.97
C ARG A 357 -48.67 2.18 -0.19
N LEU A 358 -49.97 2.41 -0.03
CA LEU A 358 -50.71 2.90 -1.19
C LEU A 358 -50.59 1.86 -2.30
N SER B 1 -58.74 -5.28 9.73
CA SER B 1 -58.53 -4.50 8.49
C SER B 1 -58.89 -5.31 7.26
N THR B 2 -59.01 -4.60 6.13
CA THR B 2 -59.33 -5.23 4.86
C THR B 2 -58.05 -5.93 4.41
N LYS B 3 -56.90 -5.41 4.86
CA LYS B 3 -55.61 -5.99 4.51
C LYS B 3 -55.29 -7.19 5.41
N VAL B 4 -54.92 -8.28 4.77
CA VAL B 4 -54.62 -9.52 5.48
C VAL B 4 -53.34 -10.13 4.96
N VAL B 5 -52.48 -10.57 5.87
CA VAL B 5 -51.24 -11.20 5.46
C VAL B 5 -51.13 -12.44 6.29
N ASN B 6 -50.63 -13.51 5.70
CA ASN B 6 -50.49 -14.76 6.42
C ASN B 6 -49.03 -14.88 6.79
N VAL B 7 -48.79 -15.20 8.06
CA VAL B 7 -47.44 -15.31 8.57
C VAL B 7 -47.03 -16.74 8.84
N ALA B 8 -45.91 -17.16 8.24
CA ALA B 8 -45.42 -18.51 8.42
C ALA B 8 -44.14 -18.39 9.24
N VAL B 9 -44.20 -18.87 10.47
CA VAL B 9 -43.07 -18.78 11.36
C VAL B 9 -42.25 -20.06 11.48
N ILE B 10 -40.95 -19.88 11.65
CA ILE B 10 -40.05 -21.02 11.84
C ILE B 10 -39.07 -20.59 12.92
N GLY B 11 -38.98 -21.39 13.97
CA GLY B 11 -38.10 -21.08 15.08
C GLY B 11 -38.84 -20.64 16.34
N ALA B 12 -38.78 -21.49 17.36
CA ALA B 12 -39.42 -21.21 18.63
C ALA B 12 -38.33 -21.16 19.70
N GLY B 13 -37.15 -20.67 19.30
CA GLY B 13 -36.02 -20.55 20.20
C GLY B 13 -36.14 -19.34 21.12
N VAL B 14 -35.01 -18.77 21.53
CA VAL B 14 -35.05 -17.63 22.42
C VAL B 14 -35.62 -16.40 21.73
N VAL B 15 -35.14 -16.14 20.52
CA VAL B 15 -35.62 -15.00 19.74
C VAL B 15 -37.06 -15.27 19.33
N GLY B 16 -37.26 -16.42 18.68
CA GLY B 16 -38.57 -16.82 18.21
C GLY B 16 -39.69 -16.74 19.22
N SER B 17 -39.45 -17.20 20.44
CA SER B 17 -40.49 -17.15 21.46
C SER B 17 -40.90 -15.72 21.72
N ALA B 18 -39.91 -14.85 21.85
CA ALA B 18 -40.17 -13.43 22.09
C ALA B 18 -40.99 -12.91 20.92
N PHE B 19 -40.60 -13.32 19.72
CA PHE B 19 -41.29 -12.88 18.51
C PHE B 19 -42.76 -13.21 18.61
N LEU B 20 -43.06 -14.51 18.61
CA LEU B 20 -44.44 -14.95 18.69
C LEU B 20 -45.17 -14.14 19.76
N ASP B 21 -44.61 -14.09 20.96
CA ASP B 21 -45.25 -13.33 22.03
C ASP B 21 -45.63 -11.93 21.55
N GLN B 22 -44.65 -11.20 21.02
CA GLN B 22 -44.91 -9.85 20.53
C GLN B 22 -45.93 -9.80 19.40
N LEU B 23 -45.89 -10.80 18.50
CA LEU B 23 -46.82 -10.84 17.39
C LEU B 23 -48.24 -11.07 17.86
N LEU B 24 -48.44 -12.13 18.63
CA LEU B 24 -49.76 -12.44 19.11
C LEU B 24 -50.35 -11.33 20.00
N ALA B 25 -49.51 -10.47 20.56
CA ALA B 25 -50.06 -9.40 21.41
C ALA B 25 -50.28 -8.08 20.69
N MET B 26 -49.82 -7.98 19.45
CA MET B 26 -49.95 -6.74 18.72
C MET B 26 -51.32 -6.50 18.12
N LYS B 27 -52.03 -5.52 18.65
CA LYS B 27 -53.35 -5.20 18.12
C LYS B 27 -53.10 -4.19 17.00
N SER B 28 -53.50 -4.55 15.78
CA SER B 28 -53.27 -3.67 14.65
C SER B 28 -54.43 -3.55 13.67
N THR B 29 -54.47 -2.43 12.98
CA THR B 29 -55.50 -2.19 11.99
C THR B 29 -55.38 -3.38 11.03
N ILE B 30 -54.19 -3.55 10.45
CA ILE B 30 -53.90 -4.66 9.54
C ILE B 30 -54.05 -5.97 10.29
N THR B 31 -54.45 -7.02 9.58
CA THR B 31 -54.65 -8.32 10.20
C THR B 31 -53.57 -9.33 9.87
N TYR B 32 -52.96 -9.90 10.91
CA TYR B 32 -51.91 -10.87 10.71
C TYR B 32 -52.31 -12.28 11.14
N ASN B 33 -52.74 -13.11 10.21
CA ASN B 33 -53.11 -14.48 10.58
C ASN B 33 -51.89 -15.38 10.62
N LEU B 34 -51.63 -15.97 11.80
CA LEU B 34 -50.51 -16.89 11.96
C LEU B 34 -50.97 -18.20 11.32
N VAL B 35 -50.50 -18.45 10.10
CA VAL B 35 -50.87 -19.64 9.38
C VAL B 35 -49.95 -20.85 9.58
N LEU B 36 -48.77 -20.64 10.14
CA LEU B 36 -47.85 -21.75 10.39
C LEU B 36 -46.81 -21.48 11.47
N LEU B 37 -46.53 -22.51 12.27
CA LEU B 37 -45.54 -22.43 13.33
C LEU B 37 -44.78 -23.75 13.35
N ALA B 38 -43.47 -23.66 13.14
CA ALA B 38 -42.61 -24.84 13.07
C ALA B 38 -41.36 -24.66 13.93
N GLU B 39 -41.00 -25.71 14.66
CA GLU B 39 -39.81 -25.71 15.50
C GLU B 39 -39.31 -27.13 15.41
N ALA B 40 -38.19 -27.29 14.70
CA ALA B 40 -37.61 -28.61 14.50
C ALA B 40 -38.63 -29.49 13.75
N GLU B 41 -38.84 -30.73 14.23
CA GLU B 41 -39.75 -31.66 13.57
C GLU B 41 -41.25 -31.48 13.81
N ARG B 42 -41.65 -30.63 14.76
CA ARG B 42 -43.09 -30.42 15.01
C ARG B 42 -43.60 -29.17 14.34
N SER B 43 -44.90 -29.14 14.05
CA SER B 43 -45.49 -27.97 13.43
C SER B 43 -46.98 -27.87 13.62
N LEU B 44 -47.46 -26.64 13.62
CA LEU B 44 -48.89 -26.36 13.70
C LEU B 44 -49.10 -25.73 12.34
N ILE B 45 -49.90 -26.40 11.51
CA ILE B 45 -50.18 -25.94 10.16
C ILE B 45 -51.66 -25.75 9.91
N SER B 46 -52.05 -24.59 9.41
CA SER B 46 -53.45 -24.34 9.08
C SER B 46 -53.61 -24.59 7.58
N LYS B 47 -54.04 -25.80 7.24
CA LYS B 47 -54.20 -26.17 5.85
C LYS B 47 -54.99 -25.17 4.99
N ASP B 48 -56.03 -24.55 5.53
CA ASP B 48 -56.82 -23.62 4.73
C ASP B 48 -56.48 -22.14 4.93
N PHE B 49 -55.31 -21.91 5.50
CA PHE B 49 -54.81 -20.56 5.74
C PHE B 49 -55.61 -19.65 6.64
N SER B 50 -56.45 -20.23 7.49
CA SER B 50 -57.22 -19.45 8.44
C SER B 50 -56.26 -19.36 9.62
N PRO B 51 -56.45 -18.37 10.52
CA PRO B 51 -55.56 -18.24 11.68
C PRO B 51 -55.57 -19.38 12.68
N LEU B 52 -54.38 -19.89 13.02
CA LEU B 52 -54.22 -20.95 14.00
C LEU B 52 -54.84 -20.48 15.32
N ASN B 53 -55.65 -21.33 15.95
CA ASN B 53 -56.26 -20.96 17.22
C ASN B 53 -55.31 -21.38 18.34
N VAL B 54 -54.20 -20.67 18.44
CA VAL B 54 -53.19 -20.96 19.42
C VAL B 54 -53.32 -20.13 20.68
N GLY B 55 -53.16 -18.81 20.52
CA GLY B 55 -53.24 -17.90 21.64
C GLY B 55 -52.14 -18.09 22.69
N SER B 56 -52.56 -18.14 23.95
CA SER B 56 -51.67 -18.28 25.11
C SER B 56 -51.06 -19.66 25.30
N ASP B 57 -49.73 -19.71 25.32
CA ASP B 57 -48.99 -20.95 25.50
C ASP B 57 -49.02 -21.76 24.22
N TRP B 58 -48.61 -21.09 23.15
CA TRP B 58 -48.48 -21.67 21.84
C TRP B 58 -47.38 -22.73 22.00
N LYS B 59 -46.48 -22.47 22.95
CA LYS B 59 -45.39 -23.39 23.22
C LYS B 59 -45.95 -24.75 23.56
N ALA B 60 -47.04 -24.76 24.32
CA ALA B 60 -47.68 -26.01 24.69
C ALA B 60 -48.37 -26.62 23.48
N ALA B 61 -49.25 -25.85 22.85
CA ALA B 61 -49.97 -26.33 21.68
C ALA B 61 -49.01 -26.94 20.66
N LEU B 62 -47.86 -26.28 20.49
CA LEU B 62 -46.86 -26.76 19.54
C LEU B 62 -46.37 -28.10 20.03
N ALA B 63 -46.04 -28.14 21.31
CA ALA B 63 -45.54 -29.33 21.96
C ALA B 63 -46.50 -30.52 21.90
N ALA B 64 -47.79 -30.24 21.79
CA ALA B 64 -48.80 -31.29 21.75
C ALA B 64 -49.14 -31.73 20.34
N SER B 65 -48.54 -31.08 19.35
CA SER B 65 -48.81 -31.37 17.95
C SER B 65 -48.46 -32.77 17.44
N THR B 66 -49.24 -33.25 16.49
CA THR B 66 -49.03 -34.55 15.89
C THR B 66 -48.69 -34.32 14.43
N THR B 67 -48.51 -33.04 14.10
CA THR B 67 -48.18 -32.62 12.74
C THR B 67 -46.67 -32.55 12.53
N LYS B 68 -46.17 -33.28 11.54
CA LYS B 68 -44.74 -33.27 11.27
C LYS B 68 -44.38 -32.11 10.35
N THR B 69 -43.23 -31.50 10.61
CA THR B 69 -42.79 -30.37 9.82
C THR B 69 -42.63 -30.75 8.36
N LEU B 70 -43.08 -29.88 7.47
CA LEU B 70 -42.99 -30.13 6.04
C LEU B 70 -41.60 -29.82 5.49
N PRO B 71 -41.15 -30.61 4.49
CA PRO B 71 -39.83 -30.33 3.92
C PRO B 71 -40.03 -29.02 3.15
N LEU B 72 -39.07 -28.12 3.28
CA LEU B 72 -39.11 -26.82 2.64
C LEU B 72 -39.73 -26.74 1.24
N ASP B 73 -39.37 -27.69 0.36
CA ASP B 73 -39.93 -27.67 -0.99
C ASP B 73 -41.42 -27.86 -0.90
N ASP B 74 -41.84 -28.66 0.07
CA ASP B 74 -43.25 -28.91 0.26
C ASP B 74 -43.83 -27.70 0.93
N LEU B 75 -43.07 -27.10 1.82
CA LEU B 75 -43.55 -25.91 2.49
C LEU B 75 -43.83 -24.85 1.46
N ILE B 76 -42.88 -24.64 0.56
CA ILE B 76 -43.05 -23.63 -0.46
C ILE B 76 -44.31 -23.88 -1.30
N ALA B 77 -44.46 -25.11 -1.79
CA ALA B 77 -45.62 -25.45 -2.57
C ALA B 77 -46.88 -25.10 -1.79
N HIS B 78 -46.90 -25.47 -0.51
CA HIS B 78 -48.05 -25.19 0.34
C HIS B 78 -48.30 -23.70 0.39
N LEU B 79 -47.29 -22.95 0.81
CA LEU B 79 -47.39 -21.50 0.94
C LEU B 79 -47.81 -20.79 -0.35
N LYS B 80 -47.55 -21.43 -1.48
CA LYS B 80 -47.92 -20.88 -2.80
C LYS B 80 -49.44 -20.80 -2.95
N THR B 81 -50.15 -21.80 -2.43
CA THR B 81 -51.61 -21.86 -2.52
C THR B 81 -52.34 -20.90 -1.60
N SER B 82 -51.59 -20.12 -0.82
CA SER B 82 -52.20 -19.15 0.09
C SER B 82 -53.02 -18.12 -0.67
N PRO B 83 -54.20 -17.80 -0.13
CA PRO B 83 -55.13 -16.82 -0.72
C PRO B 83 -54.74 -15.37 -0.44
N LYS B 84 -53.78 -15.19 0.45
CA LYS B 84 -53.32 -13.85 0.79
C LYS B 84 -51.80 -13.79 0.79
N PRO B 85 -51.23 -12.58 0.61
CA PRO B 85 -49.77 -12.40 0.59
C PRO B 85 -49.15 -13.10 1.79
N VAL B 86 -48.06 -13.83 1.55
CA VAL B 86 -47.40 -14.59 2.60
C VAL B 86 -46.05 -14.07 3.06
N ILE B 87 -45.90 -13.96 4.38
CA ILE B 87 -44.64 -13.50 4.96
C ILE B 87 -44.05 -14.66 5.79
N LEU B 88 -42.85 -15.10 5.42
CA LEU B 88 -42.20 -16.17 6.14
C LEU B 88 -41.21 -15.56 7.12
N VAL B 89 -41.37 -15.88 8.39
CA VAL B 89 -40.48 -15.36 9.40
C VAL B 89 -39.53 -16.48 9.76
N ASP B 90 -38.25 -16.24 9.54
CA ASP B 90 -37.26 -17.24 9.85
C ASP B 90 -36.43 -16.81 11.05
N ASN B 91 -36.81 -17.28 12.23
CA ASN B 91 -36.10 -16.93 13.45
C ASN B 91 -35.16 -18.02 13.91
N THR B 92 -34.42 -18.59 12.96
CA THR B 92 -33.46 -19.63 13.25
C THR B 92 -32.08 -19.05 12.98
N SER B 93 -31.19 -19.89 12.48
CA SER B 93 -29.84 -19.51 12.12
C SER B 93 -29.35 -20.66 11.26
N SER B 94 -30.33 -21.37 10.72
CA SER B 94 -30.12 -22.52 9.87
C SER B 94 -29.57 -22.15 8.50
N ALA B 95 -28.59 -22.92 8.05
CA ALA B 95 -27.99 -22.69 6.75
C ALA B 95 -28.93 -23.36 5.76
N TYR B 96 -29.38 -24.55 6.11
CA TYR B 96 -30.30 -25.31 5.28
C TYR B 96 -31.43 -24.41 4.78
N ILE B 97 -32.17 -23.81 5.72
CA ILE B 97 -33.29 -22.91 5.43
C ILE B 97 -32.84 -21.72 4.60
N ALA B 98 -31.75 -21.09 5.05
CA ALA B 98 -31.20 -19.94 4.34
C ALA B 98 -30.96 -20.39 2.92
N GLY B 99 -30.46 -21.60 2.78
CA GLY B 99 -30.19 -22.14 1.46
C GLY B 99 -31.44 -22.15 0.60
N PHE B 100 -32.60 -21.90 1.20
CA PHE B 100 -33.86 -21.91 0.45
C PHE B 100 -34.45 -20.52 0.16
N TYR B 101 -33.88 -19.47 0.75
CA TYR B 101 -34.41 -18.13 0.53
C TYR B 101 -34.75 -17.77 -0.93
N THR B 102 -33.84 -18.02 -1.86
CA THR B 102 -34.13 -17.67 -3.25
C THR B 102 -35.37 -18.40 -3.77
N LYS B 103 -35.55 -19.65 -3.35
CA LYS B 103 -36.70 -20.42 -3.78
C LYS B 103 -37.94 -19.76 -3.21
N PHE B 104 -37.82 -19.32 -1.96
CA PHE B 104 -38.92 -18.64 -1.30
C PHE B 104 -39.26 -17.35 -2.06
N VAL B 105 -38.29 -16.45 -2.13
CA VAL B 105 -38.45 -15.15 -2.79
C VAL B 105 -38.99 -15.18 -4.22
N GLU B 106 -38.41 -16.03 -5.06
CA GLU B 106 -38.85 -16.11 -6.45
C GLU B 106 -40.25 -16.70 -6.58
N ASN B 107 -40.76 -17.27 -5.49
CA ASN B 107 -42.11 -17.83 -5.51
C ASN B 107 -43.14 -16.95 -4.80
N GLY B 108 -42.84 -15.66 -4.66
CA GLY B 108 -43.77 -14.74 -4.04
C GLY B 108 -43.84 -14.73 -2.52
N ILE B 109 -42.97 -15.46 -1.86
CA ILE B 109 -42.99 -15.48 -0.40
C ILE B 109 -42.00 -14.44 0.14
N SER B 110 -42.48 -13.50 0.93
CA SER B 110 -41.60 -12.48 1.49
C SER B 110 -40.93 -13.03 2.75
N ILE B 111 -39.75 -12.52 3.08
CA ILE B 111 -39.04 -12.99 4.26
C ILE B 111 -38.65 -11.86 5.20
N ALA B 112 -38.82 -12.13 6.50
CA ALA B 112 -38.46 -11.21 7.57
C ALA B 112 -37.62 -12.13 8.41
N THR B 113 -36.43 -11.69 8.82
CA THR B 113 -35.57 -12.58 9.61
C THR B 113 -34.36 -11.96 10.28
N PRO B 114 -33.86 -12.62 11.34
CA PRO B 114 -32.67 -12.16 12.06
C PRO B 114 -31.55 -13.14 11.69
N ASN B 115 -31.85 -14.06 10.77
CA ASN B 115 -30.90 -15.08 10.34
C ASN B 115 -29.91 -14.51 9.32
N LYS B 116 -28.68 -14.32 9.76
CA LYS B 116 -27.61 -13.74 8.94
C LYS B 116 -27.04 -14.60 7.80
N LYS B 117 -27.25 -15.92 7.88
CA LYS B 117 -26.70 -16.82 6.88
C LYS B 117 -26.90 -16.49 5.40
N ALA B 118 -28.15 -16.46 4.97
CA ALA B 118 -28.44 -16.19 3.56
C ALA B 118 -27.81 -14.89 3.04
N PHE B 119 -27.62 -13.93 3.92
CA PHE B 119 -27.08 -12.63 3.52
C PHE B 119 -25.56 -12.57 3.60
N SER B 120 -24.97 -13.59 4.22
CA SER B 120 -23.52 -13.65 4.35
C SER B 120 -23.00 -14.86 3.63
N SER B 121 -23.52 -15.10 2.43
CA SER B 121 -23.11 -16.24 1.63
C SER B 121 -22.38 -15.71 0.41
N ASP B 122 -22.67 -16.28 -0.75
CA ASP B 122 -22.05 -15.86 -1.99
C ASP B 122 -22.82 -14.67 -2.58
N LEU B 123 -22.10 -13.75 -3.24
CA LEU B 123 -22.74 -12.58 -3.84
C LEU B 123 -23.88 -12.92 -4.76
N ALA B 124 -23.77 -14.04 -5.45
CA ALA B 124 -24.83 -14.45 -6.37
C ALA B 124 -26.18 -14.57 -5.63
N THR B 125 -26.19 -15.29 -4.51
CA THR B 125 -27.43 -15.46 -3.74
C THR B 125 -27.90 -14.12 -3.19
N TRP B 126 -26.97 -13.20 -2.94
CA TRP B 126 -27.33 -11.89 -2.45
C TRP B 126 -28.04 -11.10 -3.53
N LYS B 127 -27.43 -11.02 -4.71
CA LYS B 127 -28.00 -10.28 -5.82
C LYS B 127 -29.39 -10.83 -6.13
N ALA B 128 -29.56 -12.14 -5.97
CA ALA B 128 -30.83 -12.79 -6.25
C ALA B 128 -31.94 -12.38 -5.27
N LEU B 129 -31.61 -12.34 -3.97
CA LEU B 129 -32.61 -11.97 -2.97
C LEU B 129 -33.10 -10.53 -3.09
N PHE B 130 -32.39 -9.69 -3.84
CA PHE B 130 -32.81 -8.29 -3.99
C PHE B 130 -33.09 -7.79 -5.41
N SER B 131 -33.32 -8.70 -6.35
CA SER B 131 -33.58 -8.33 -7.74
C SER B 131 -34.89 -7.61 -7.97
N ASN B 132 -35.76 -7.58 -6.97
CA ASN B 132 -37.04 -6.90 -7.09
C ASN B 132 -37.84 -7.34 -8.33
N LYS B 133 -37.87 -8.63 -8.61
CA LYS B 133 -38.64 -9.11 -9.74
C LYS B 133 -40.12 -8.90 -9.43
N PRO B 134 -40.95 -8.74 -10.47
CA PRO B 134 -42.36 -8.52 -10.13
C PRO B 134 -42.89 -9.63 -9.24
N THR B 135 -42.65 -10.87 -9.68
CA THR B 135 -43.11 -12.04 -8.97
C THR B 135 -42.32 -12.42 -7.70
N ASN B 136 -41.43 -11.54 -7.24
CA ASN B 136 -40.64 -11.84 -6.04
C ASN B 136 -41.27 -11.29 -4.78
N GLY B 137 -41.02 -11.97 -3.67
CA GLY B 137 -41.53 -11.50 -2.39
C GLY B 137 -40.46 -10.60 -1.79
N PHE B 138 -40.86 -9.72 -0.89
CA PHE B 138 -39.92 -8.81 -0.24
C PHE B 138 -38.97 -9.52 0.73
N VAL B 139 -37.79 -8.96 0.93
CA VAL B 139 -36.76 -9.51 1.81
C VAL B 139 -36.23 -8.49 2.80
N TYR B 140 -36.60 -8.61 4.07
CA TYR B 140 -36.13 -7.70 5.11
C TYR B 140 -35.38 -8.48 6.19
N HIS B 141 -34.31 -7.88 6.71
CA HIS B 141 -33.47 -8.54 7.69
C HIS B 141 -32.83 -7.59 8.67
N GLU B 142 -33.57 -6.58 9.10
CA GLU B 142 -33.04 -5.62 10.03
C GLU B 142 -32.25 -6.26 11.19
N ALA B 143 -32.84 -7.26 11.84
CA ALA B 143 -32.22 -7.94 12.97
C ALA B 143 -30.88 -8.58 12.65
N THR B 144 -30.56 -8.66 11.37
CA THR B 144 -29.29 -9.25 10.96
C THR B 144 -28.08 -8.47 11.47
N VAL B 145 -28.20 -7.14 11.55
CA VAL B 145 -27.10 -6.29 12.01
C VAL B 145 -27.50 -5.32 13.10
N GLY B 146 -26.95 -5.51 14.30
CA GLY B 146 -27.26 -4.64 15.41
C GLY B 146 -28.61 -4.92 16.02
N ALA B 147 -29.22 -6.04 15.60
CA ALA B 147 -30.52 -6.42 16.11
C ALA B 147 -31.61 -5.42 15.75
N GLY B 148 -32.29 -4.90 16.76
CA GLY B 148 -33.38 -3.94 16.53
C GLY B 148 -32.97 -2.55 16.08
N LEU B 149 -31.68 -2.21 16.25
CA LEU B 149 -31.21 -0.90 15.84
C LEU B 149 -31.52 -0.68 14.34
N PRO B 150 -31.94 0.53 13.98
CA PRO B 150 -32.25 0.82 12.58
C PRO B 150 -31.02 0.96 11.69
N ILE B 151 -30.21 -0.10 11.60
CA ILE B 151 -28.99 -0.05 10.78
C ILE B 151 -29.25 -0.21 9.28
N ILE B 152 -29.81 -1.35 8.91
CA ILE B 152 -30.12 -1.67 7.53
C ILE B 152 -31.13 -0.72 6.89
N SER B 153 -32.20 -0.42 7.62
CA SER B 153 -33.24 0.47 7.11
C SER B 153 -32.67 1.85 6.79
N PHE B 154 -31.81 2.37 7.68
CA PHE B 154 -31.21 3.69 7.49
C PHE B 154 -30.27 3.71 6.27
N LEU B 155 -29.42 2.69 6.16
CA LEU B 155 -28.51 2.60 5.04
C LEU B 155 -29.29 2.60 3.73
N ARG B 156 -30.29 1.73 3.65
CA ARG B 156 -31.13 1.61 2.47
C ARG B 156 -31.84 2.91 2.15
N GLU B 157 -32.30 3.62 3.18
CA GLU B 157 -33.00 4.87 2.94
C GLU B 157 -32.09 5.95 2.35
N ILE B 158 -30.98 6.24 3.01
CA ILE B 158 -30.10 7.26 2.48
C ILE B 158 -29.48 6.91 1.13
N ILE B 159 -29.34 5.63 0.82
CA ILE B 159 -28.80 5.28 -0.47
C ILE B 159 -29.84 5.54 -1.58
N GLN B 160 -31.12 5.32 -1.27
CA GLN B 160 -32.18 5.58 -2.24
C GLN B 160 -32.32 7.08 -2.49
N THR B 161 -32.15 7.89 -1.44
CA THR B 161 -32.24 9.35 -1.56
C THR B 161 -31.09 9.95 -2.37
N GLY B 162 -30.09 9.13 -2.66
CA GLY B 162 -28.95 9.60 -3.44
C GLY B 162 -27.63 9.71 -2.72
N ASP B 163 -27.60 9.31 -1.45
CA ASP B 163 -26.38 9.41 -0.65
C ASP B 163 -25.40 8.29 -0.98
N GLU B 164 -24.12 8.53 -0.74
CA GLU B 164 -23.09 7.53 -1.00
C GLU B 164 -22.31 7.23 0.28
N VAL B 165 -22.39 6.00 0.75
CA VAL B 165 -21.71 5.59 1.97
C VAL B 165 -20.21 5.57 1.70
N GLU B 166 -19.43 6.15 2.59
CA GLU B 166 -17.99 6.17 2.39
C GLU B 166 -17.31 5.19 3.33
N LYS B 167 -17.61 5.29 4.61
CA LYS B 167 -16.99 4.36 5.56
C LYS B 167 -17.92 3.97 6.69
N ILE B 168 -17.76 2.73 7.14
CA ILE B 168 -18.51 2.20 8.26
C ILE B 168 -17.46 1.68 9.24
N GLU B 169 -17.67 1.92 10.52
CA GLU B 169 -16.75 1.45 11.53
C GLU B 169 -17.62 1.25 12.76
N GLY B 170 -17.57 0.05 13.32
CA GLY B 170 -18.38 -0.21 14.49
C GLY B 170 -18.09 -1.50 15.24
N ILE B 171 -18.74 -1.62 16.39
CA ILE B 171 -18.61 -2.78 17.24
C ILE B 171 -19.95 -3.49 17.05
N PHE B 172 -19.95 -4.60 16.31
CA PHE B 172 -21.17 -5.34 16.01
C PHE B 172 -21.44 -6.61 16.82
N SER B 173 -20.87 -6.75 18.01
CA SER B 173 -21.08 -7.97 18.80
C SER B 173 -21.25 -7.70 20.29
N GLY B 174 -22.42 -8.03 20.81
CA GLY B 174 -22.72 -7.82 22.21
C GLY B 174 -21.78 -8.52 23.15
N THR B 175 -21.41 -9.75 22.82
CA THR B 175 -20.50 -10.52 23.65
C THR B 175 -19.12 -9.85 23.65
N LEU B 176 -18.56 -9.65 22.46
CA LEU B 176 -17.25 -9.02 22.34
C LEU B 176 -17.28 -7.58 22.84
N SER B 177 -18.44 -6.94 22.78
CA SER B 177 -18.50 -5.56 23.28
C SER B 177 -18.50 -5.58 24.80
N TYR B 178 -19.24 -6.50 25.38
CA TYR B 178 -19.29 -6.63 26.83
C TYR B 178 -17.88 -6.87 27.34
N ILE B 179 -17.23 -7.89 26.78
CA ILE B 179 -15.89 -8.30 27.15
C ILE B 179 -14.85 -7.17 27.14
N PHE B 180 -14.63 -6.55 25.98
CA PHE B 180 -13.67 -5.48 25.95
C PHE B 180 -14.03 -4.30 26.83
N ASN B 181 -15.30 -3.96 26.91
CA ASN B 181 -15.68 -2.83 27.75
C ASN B 181 -15.26 -3.02 29.21
N GLU B 182 -15.19 -4.28 29.64
CA GLU B 182 -14.80 -4.60 31.01
C GLU B 182 -13.28 -4.80 31.13
N PHE B 183 -12.71 -5.47 30.12
CA PHE B 183 -11.27 -5.77 30.06
C PHE B 183 -10.40 -4.55 29.86
N SER B 184 -10.62 -3.86 28.73
CA SER B 184 -9.87 -2.67 28.37
C SER B 184 -10.66 -1.45 28.78
N THR B 185 -10.20 -0.77 29.83
CA THR B 185 -10.89 0.42 30.32
C THR B 185 -9.95 1.63 30.41
N SER B 186 -10.53 2.81 30.55
CA SER B 186 -9.78 4.06 30.65
C SER B 186 -8.76 3.98 31.78
N GLN B 187 -9.15 3.37 32.89
CA GLN B 187 -8.25 3.23 34.01
C GLN B 187 -7.33 2.04 33.76
N ALA B 188 -6.07 2.14 34.13
CA ALA B 188 -5.16 1.01 33.94
C ALA B 188 -5.73 -0.09 34.81
N ASN B 189 -6.53 -0.96 34.22
CA ASN B 189 -7.16 -2.05 34.96
C ASN B 189 -6.19 -3.20 35.18
N ASP B 190 -6.72 -4.33 35.61
CA ASP B 190 -5.91 -5.53 35.84
C ASP B 190 -6.70 -6.81 35.63
N VAL B 191 -7.95 -6.69 35.22
CA VAL B 191 -8.78 -7.87 34.99
C VAL B 191 -8.19 -8.76 33.90
N LYS B 192 -8.23 -10.06 34.15
CA LYS B 192 -7.72 -11.04 33.21
C LYS B 192 -8.78 -11.32 32.14
N PHE B 193 -8.41 -11.14 30.88
CA PHE B 193 -9.33 -11.36 29.75
C PHE B 193 -10.23 -12.57 30.02
N SER B 194 -9.62 -13.70 30.39
CA SER B 194 -10.36 -14.92 30.65
C SER B 194 -11.42 -14.78 31.74
N ASP B 195 -11.23 -13.83 32.65
CA ASP B 195 -12.19 -13.61 33.72
C ASP B 195 -13.48 -13.01 33.21
N VAL B 196 -13.38 -11.98 32.39
CA VAL B 196 -14.58 -11.33 31.89
C VAL B 196 -15.27 -12.24 30.87
N VAL B 197 -14.50 -13.16 30.31
CA VAL B 197 -15.10 -14.09 29.36
C VAL B 197 -15.88 -15.12 30.13
N LYS B 198 -15.39 -15.49 31.32
CA LYS B 198 -16.09 -16.43 32.15
C LYS B 198 -17.36 -15.76 32.68
N VAL B 199 -17.29 -14.45 32.93
CA VAL B 199 -18.47 -13.72 33.42
C VAL B 199 -19.48 -13.66 32.26
N ALA B 200 -18.99 -13.32 31.08
CA ALA B 200 -19.82 -13.22 29.89
C ALA B 200 -20.59 -14.52 29.67
N LYS B 201 -19.90 -15.64 29.84
CA LYS B 201 -20.54 -16.94 29.67
C LYS B 201 -21.68 -17.14 30.66
N LYS B 202 -21.38 -17.07 31.95
CA LYS B 202 -22.37 -17.29 32.98
C LYS B 202 -23.54 -16.30 32.99
N LEU B 203 -23.28 -15.06 32.58
CA LEU B 203 -24.35 -14.07 32.54
C LEU B 203 -25.21 -14.27 31.30
N GLY B 204 -24.99 -15.39 30.63
CA GLY B 204 -25.76 -15.72 29.44
C GLY B 204 -25.39 -14.90 28.22
N TYR B 205 -24.54 -13.89 28.40
CA TYR B 205 -24.12 -13.04 27.29
C TYR B 205 -23.29 -13.75 26.23
N THR B 206 -23.12 -15.06 26.33
CA THR B 206 -22.31 -15.75 25.32
C THR B 206 -22.87 -17.08 24.84
N GLU B 207 -22.49 -17.44 23.61
CA GLU B 207 -22.92 -18.70 23.02
C GLU B 207 -22.38 -19.84 23.88
N PRO B 208 -22.98 -21.02 23.76
CA PRO B 208 -22.55 -22.20 24.54
C PRO B 208 -21.04 -22.34 24.56
N ASP B 209 -20.45 -22.38 23.36
CA ASP B 209 -19.00 -22.50 23.22
C ASP B 209 -18.49 -21.10 22.92
N PRO B 210 -18.02 -20.36 23.94
CA PRO B 210 -17.52 -19.00 23.69
C PRO B 210 -16.52 -18.85 22.54
N ARG B 211 -16.01 -19.97 22.02
CA ARG B 211 -15.08 -19.89 20.91
C ARG B 211 -15.87 -19.37 19.72
N ASP B 212 -17.16 -19.67 19.71
CA ASP B 212 -18.05 -19.25 18.63
C ASP B 212 -18.27 -17.75 18.63
N ASP B 213 -18.06 -17.11 19.78
CA ASP B 213 -18.20 -15.66 19.89
C ASP B 213 -16.81 -15.05 19.74
N LEU B 214 -15.79 -15.84 20.06
CA LEU B 214 -14.42 -15.38 19.99
C LEU B 214 -13.69 -15.47 18.66
N ASN B 215 -14.20 -16.24 17.70
CA ASN B 215 -13.52 -16.37 16.42
C ASN B 215 -13.79 -15.20 15.46
N GLY B 216 -14.58 -14.24 15.90
CA GLY B 216 -14.89 -13.10 15.06
C GLY B 216 -15.82 -13.40 13.91
N LEU B 217 -15.99 -14.69 13.61
CA LEU B 217 -16.84 -15.16 12.52
C LEU B 217 -18.17 -14.45 12.40
N ASP B 218 -18.82 -14.20 13.53
CA ASP B 218 -20.10 -13.52 13.50
C ASP B 218 -19.95 -12.06 13.05
N VAL B 219 -18.96 -11.37 13.60
CA VAL B 219 -18.74 -9.97 13.24
C VAL B 219 -18.43 -9.85 11.75
N ALA B 220 -17.75 -10.85 11.19
CA ALA B 220 -17.42 -10.83 9.77
C ALA B 220 -18.68 -10.92 8.91
N ARG B 221 -19.65 -11.74 9.34
CA ARG B 221 -20.88 -11.89 8.56
C ARG B 221 -21.60 -10.55 8.50
N LYS B 222 -21.83 -9.96 9.66
CA LYS B 222 -22.50 -8.67 9.73
C LYS B 222 -21.82 -7.63 8.82
N VAL B 223 -20.50 -7.52 8.89
CA VAL B 223 -19.75 -6.56 8.09
C VAL B 223 -19.84 -6.87 6.58
N THR B 224 -20.00 -8.15 6.25
CA THR B 224 -20.16 -8.56 4.86
C THR B 224 -21.45 -7.92 4.37
N ILE B 225 -22.48 -8.02 5.20
CA ILE B 225 -23.78 -7.47 4.87
C ILE B 225 -23.79 -5.96 4.72
N VAL B 226 -23.21 -5.25 5.68
CA VAL B 226 -23.16 -3.80 5.62
C VAL B 226 -22.27 -3.37 4.46
N GLY B 227 -21.20 -4.13 4.23
CA GLY B 227 -20.30 -3.83 3.15
C GLY B 227 -21.00 -3.96 1.81
N ARG B 228 -21.74 -5.05 1.62
CA ARG B 228 -22.47 -5.26 0.37
C ARG B 228 -23.52 -4.18 0.13
N ILE B 229 -24.15 -3.69 1.19
CA ILE B 229 -25.16 -2.64 1.07
C ILE B 229 -24.50 -1.31 0.75
N SER B 230 -23.32 -1.08 1.32
CA SER B 230 -22.58 0.15 1.09
C SER B 230 -21.94 0.22 -0.31
N GLY B 231 -21.97 -0.90 -1.04
CA GLY B 231 -21.39 -0.91 -2.37
C GLY B 231 -20.08 -1.66 -2.54
N VAL B 232 -19.70 -2.50 -1.58
CA VAL B 232 -18.47 -3.27 -1.66
C VAL B 232 -18.78 -4.75 -1.80
N GLU B 233 -18.64 -5.29 -3.00
CA GLU B 233 -18.93 -6.70 -3.28
C GLU B 233 -18.06 -7.69 -2.52
N VAL B 234 -18.23 -7.75 -1.20
CA VAL B 234 -17.47 -8.67 -0.37
C VAL B 234 -17.84 -10.07 -0.84
N GLU B 235 -16.83 -10.90 -1.08
CA GLU B 235 -17.09 -12.24 -1.57
C GLU B 235 -17.65 -13.18 -0.49
N SER B 236 -17.27 -12.96 0.75
CA SER B 236 -17.75 -13.81 1.83
C SER B 236 -17.11 -13.36 3.12
N PRO B 237 -17.54 -13.95 4.26
CA PRO B 237 -17.01 -13.63 5.58
C PRO B 237 -15.56 -14.07 5.78
N THR B 238 -14.98 -14.73 4.80
CA THR B 238 -13.60 -15.19 4.91
C THR B 238 -12.66 -14.60 3.87
N SER B 239 -13.20 -13.79 2.97
CA SER B 239 -12.40 -13.19 1.91
C SER B 239 -11.68 -11.91 2.32
N PHE B 240 -11.63 -11.65 3.63
CA PHE B 240 -10.92 -10.47 4.14
C PHE B 240 -10.37 -10.76 5.53
N PRO B 241 -9.38 -9.99 5.98
CA PRO B 241 -8.78 -10.21 7.30
C PRO B 241 -9.78 -10.15 8.43
N VAL B 242 -9.79 -11.20 9.26
CA VAL B 242 -10.67 -11.24 10.43
C VAL B 242 -9.80 -11.87 11.51
N GLN B 243 -9.64 -11.17 12.61
CA GLN B 243 -8.80 -11.64 13.69
C GLN B 243 -9.56 -12.43 14.76
N SER B 244 -9.18 -13.69 14.94
CA SER B 244 -9.79 -14.57 15.94
C SER B 244 -9.11 -14.43 17.28
N LEU B 245 -9.89 -14.15 18.30
CA LEU B 245 -9.34 -13.99 19.64
C LEU B 245 -9.03 -15.35 20.29
N ILE B 246 -9.15 -16.41 19.50
CA ILE B 246 -8.88 -17.75 20.01
C ILE B 246 -7.38 -18.07 19.99
N PRO B 247 -6.81 -18.41 21.16
CA PRO B 247 -5.39 -18.76 21.30
C PRO B 247 -5.13 -19.98 20.43
N LYS B 248 -4.18 -19.88 19.51
CA LYS B 248 -3.90 -21.01 18.62
C LYS B 248 -3.86 -22.35 19.34
N PRO B 249 -3.06 -22.46 20.42
CA PRO B 249 -2.95 -23.72 21.18
C PRO B 249 -4.24 -24.39 21.61
N LEU B 250 -5.34 -23.65 21.62
CA LEU B 250 -6.64 -24.21 22.03
C LEU B 250 -7.62 -24.41 20.88
N GLU B 251 -7.17 -24.18 19.63
CA GLU B 251 -8.03 -24.37 18.44
C GLU B 251 -8.25 -25.85 18.36
N SER B 252 -7.35 -26.58 19.02
CA SER B 252 -7.40 -28.02 19.00
C SER B 252 -8.49 -28.52 19.95
N VAL B 253 -8.21 -28.54 21.26
CA VAL B 253 -9.16 -29.00 22.31
C VAL B 253 -10.61 -29.23 21.87
N LYS B 254 -11.22 -30.33 22.33
CA LYS B 254 -12.63 -30.71 21.99
C LYS B 254 -13.77 -30.09 22.84
N SER B 255 -13.57 -30.05 24.15
CA SER B 255 -14.57 -29.51 25.09
C SER B 255 -14.55 -28.00 25.21
N ALA B 256 -15.74 -27.38 25.17
CA ALA B 256 -15.80 -25.94 25.32
C ALA B 256 -15.22 -25.71 26.71
N ASP B 257 -15.64 -26.53 27.66
CA ASP B 257 -15.17 -26.41 29.03
C ASP B 257 -13.66 -26.41 29.13
N GLU B 258 -13.01 -27.34 28.43
CA GLU B 258 -11.55 -27.41 28.48
C GLU B 258 -10.95 -26.10 27.97
N PHE B 259 -11.54 -25.56 26.91
CA PHE B 259 -11.07 -24.31 26.34
C PHE B 259 -11.07 -23.17 27.37
N LEU B 260 -12.26 -22.91 27.92
CA LEU B 260 -12.45 -21.87 28.91
C LEU B 260 -11.54 -22.12 30.13
N GLU B 261 -11.37 -23.38 30.49
CA GLU B 261 -10.53 -23.78 31.61
C GLU B 261 -9.06 -23.42 31.35
N LYS B 262 -8.64 -23.47 30.09
CA LYS B 262 -7.25 -23.15 29.75
C LYS B 262 -7.06 -21.75 29.15
N LEU B 263 -8.15 -21.07 28.84
CA LEU B 263 -8.08 -19.74 28.28
C LEU B 263 -7.21 -18.80 29.13
N SER B 264 -7.28 -18.94 30.44
CA SER B 264 -6.52 -18.10 31.37
C SER B 264 -5.00 -18.15 31.11
N ASP B 265 -4.48 -19.33 30.77
CA ASP B 265 -3.05 -19.52 30.52
C ASP B 265 -2.49 -18.59 29.45
N TYR B 266 -3.35 -17.88 28.73
CA TYR B 266 -2.92 -17.00 27.66
C TYR B 266 -3.32 -15.55 27.89
N ASP B 267 -3.77 -15.21 29.10
CA ASP B 267 -4.19 -13.85 29.41
C ASP B 267 -3.04 -12.85 29.29
N LYS B 268 -1.86 -13.30 29.70
CA LYS B 268 -0.65 -12.47 29.68
C LYS B 268 -0.28 -12.00 28.28
N ASP B 269 -0.90 -12.61 27.28
CA ASP B 269 -0.62 -12.27 25.89
C ASP B 269 -1.53 -11.14 25.45
N LEU B 270 -2.80 -11.25 25.78
CA LEU B 270 -3.78 -10.24 25.42
C LEU B 270 -3.60 -9.00 26.31
N THR B 271 -3.32 -9.26 27.58
CA THR B 271 -3.09 -8.17 28.52
C THR B 271 -1.92 -7.34 28.02
N GLN B 272 -0.99 -7.98 27.32
CA GLN B 272 0.16 -7.28 26.79
C GLN B 272 -0.33 -6.17 25.86
N LEU B 273 -1.04 -6.58 24.82
CA LEU B 273 -1.59 -5.65 23.84
C LEU B 273 -2.45 -4.54 24.48
N LYS B 274 -3.16 -4.88 25.57
CA LYS B 274 -3.95 -3.87 26.28
C LYS B 274 -2.97 -3.01 27.07
N LYS B 275 -1.83 -3.56 27.45
CA LYS B 275 -0.84 -2.81 28.20
C LYS B 275 -0.06 -1.91 27.23
N GLU B 276 0.10 -2.35 25.97
CA GLU B 276 0.84 -1.60 24.96
C GLU B 276 0.00 -0.43 24.46
N ALA B 277 -1.26 -0.38 24.89
CA ALA B 277 -2.11 0.78 24.63
C ALA B 277 -1.36 1.52 25.74
N ALA B 278 -1.09 2.81 25.61
CA ALA B 278 -0.27 3.58 26.59
C ALA B 278 0.41 4.45 25.58
N THR B 279 0.18 4.03 24.34
CA THR B 279 0.59 4.60 23.04
C THR B 279 -0.61 5.50 22.93
N GLU B 280 -0.49 6.69 23.51
CA GLU B 280 -1.61 7.59 23.58
C GLU B 280 -2.39 6.82 24.63
N ASN B 281 -3.26 7.52 25.31
CA ASN B 281 -4.07 6.90 26.31
C ASN B 281 -5.12 6.13 25.48
N LYS B 282 -4.84 4.89 25.12
CA LYS B 282 -5.80 4.19 24.31
C LYS B 282 -6.36 2.89 24.85
N VAL B 283 -7.58 2.58 24.43
CA VAL B 283 -8.28 1.38 24.84
C VAL B 283 -8.45 0.53 23.59
N LEU B 284 -8.59 -0.78 23.77
CA LEU B 284 -8.78 -1.72 22.64
C LEU B 284 -10.27 -1.99 22.48
N ARG B 285 -10.67 -2.45 21.30
CA ARG B 285 -12.05 -2.86 21.06
C ARG B 285 -12.34 -3.44 19.70
N PHE B 286 -12.91 -4.65 19.72
CA PHE B 286 -13.23 -5.46 18.53
C PHE B 286 -14.19 -4.80 17.60
N ILE B 287 -13.75 -4.52 16.39
CA ILE B 287 -14.62 -3.80 15.47
C ILE B 287 -14.68 -4.34 14.06
N GLY B 288 -15.65 -3.85 13.31
CA GLY B 288 -15.85 -4.21 11.92
C GLY B 288 -15.68 -2.88 11.21
N LYS B 289 -14.85 -2.88 10.17
CA LYS B 289 -14.57 -1.67 9.42
C LYS B 289 -14.78 -1.88 7.94
N VAL B 290 -15.24 -0.84 7.27
CA VAL B 290 -15.50 -0.88 5.83
C VAL B 290 -15.11 0.45 5.21
N ASP B 291 -14.22 0.41 4.23
CA ASP B 291 -13.80 1.63 3.53
C ASP B 291 -14.27 1.43 2.10
N VAL B 292 -15.34 2.10 1.71
CA VAL B 292 -15.89 1.94 0.36
C VAL B 292 -14.91 2.29 -0.76
N ALA B 293 -14.36 3.51 -0.72
CA ALA B 293 -13.42 3.96 -1.76
C ALA B 293 -12.43 2.89 -2.22
N THR B 294 -11.80 2.19 -1.26
CA THR B 294 -10.84 1.15 -1.60
C THR B 294 -11.28 -0.29 -1.38
N LYS B 295 -12.59 -0.50 -1.25
CA LYS B 295 -13.11 -1.85 -1.05
C LYS B 295 -12.39 -2.60 0.08
N SER B 296 -12.01 -1.88 1.13
CA SER B 296 -11.31 -2.51 2.25
C SER B 296 -12.26 -2.85 3.38
N VAL B 297 -12.36 -4.13 3.70
CA VAL B 297 -13.22 -4.59 4.79
C VAL B 297 -12.35 -5.42 5.75
N SER B 298 -12.66 -5.36 7.03
CA SER B 298 -11.88 -6.10 8.01
C SER B 298 -12.58 -6.14 9.35
N VAL B 299 -12.14 -7.04 10.22
CA VAL B 299 -12.70 -7.15 11.56
C VAL B 299 -11.59 -7.64 12.46
N GLY B 300 -11.36 -6.92 13.55
CA GLY B 300 -10.32 -7.29 14.48
C GLY B 300 -10.18 -6.23 15.56
N ILE B 301 -9.22 -6.39 16.46
CA ILE B 301 -9.04 -5.41 17.52
C ILE B 301 -8.57 -4.08 16.97
N GLU B 302 -9.10 -3.00 17.52
CA GLU B 302 -8.73 -1.65 17.10
C GLU B 302 -8.54 -0.85 18.38
N LYS B 303 -7.84 0.28 18.30
CA LYS B 303 -7.61 1.10 19.49
C LYS B 303 -8.06 2.56 19.36
N TYR B 304 -8.70 3.06 20.41
CA TYR B 304 -9.22 4.42 20.44
C TYR B 304 -8.77 5.19 21.69
N ASP B 305 -8.57 6.51 21.56
CA ASP B 305 -8.18 7.35 22.70
C ASP B 305 -9.25 7.29 23.79
N TYR B 306 -8.83 7.30 25.05
CA TYR B 306 -9.77 7.27 26.17
C TYR B 306 -10.88 8.28 25.92
N SER B 307 -10.56 9.32 25.15
CA SER B 307 -11.51 10.38 24.85
C SER B 307 -12.52 10.03 23.76
N HIS B 308 -12.19 9.08 22.90
CA HIS B 308 -13.12 8.69 21.83
C HIS B 308 -14.38 8.05 22.42
N PRO B 309 -15.52 8.12 21.70
CA PRO B 309 -16.77 7.51 22.19
C PRO B 309 -16.66 6.01 22.48
N PHE B 310 -16.16 5.24 21.51
CA PHE B 310 -16.03 3.80 21.68
C PHE B 310 -15.34 3.45 23.01
N ALA B 311 -14.69 4.43 23.61
CA ALA B 311 -13.99 4.20 24.87
C ALA B 311 -14.94 4.29 26.06
N SER B 312 -16.19 4.69 25.81
CA SER B 312 -17.18 4.85 26.87
C SER B 312 -18.56 4.28 26.58
N LEU B 313 -18.62 3.08 26.00
CA LEU B 313 -19.91 2.45 25.71
C LEU B 313 -20.60 1.92 26.97
N LYS B 314 -21.73 1.27 26.79
CA LYS B 314 -22.48 0.70 27.92
C LYS B 314 -22.24 -0.79 28.04
N GLY B 315 -23.18 -1.49 28.67
CA GLY B 315 -23.05 -2.92 28.83
C GLY B 315 -22.56 -3.63 27.59
N SER B 316 -23.47 -4.23 26.85
CA SER B 316 -23.13 -4.96 25.65
C SER B 316 -23.49 -4.14 24.42
N ASP B 317 -23.84 -2.88 24.65
CA ASP B 317 -24.21 -2.00 23.54
C ASP B 317 -23.18 -2.12 22.45
N ASN B 318 -23.62 -2.22 21.21
CA ASN B 318 -22.64 -2.25 20.15
C ASN B 318 -23.08 -1.23 19.10
N VAL B 319 -22.26 -0.19 18.98
CA VAL B 319 -22.44 0.95 18.09
C VAL B 319 -21.95 0.74 16.67
N ILE B 320 -22.33 1.66 15.79
CA ILE B 320 -21.91 1.67 14.40
C ILE B 320 -21.85 3.12 13.93
N SER B 321 -20.74 3.47 13.28
CA SER B 321 -20.51 4.81 12.78
C SER B 321 -20.60 4.84 11.25
N ILE B 322 -21.53 5.64 10.73
CA ILE B 322 -21.73 5.72 9.29
C ILE B 322 -21.30 7.07 8.73
N LYS B 323 -20.30 7.04 7.86
CA LYS B 323 -19.80 8.25 7.24
C LYS B 323 -20.21 8.19 5.78
N THR B 324 -20.87 9.23 5.31
CA THR B 324 -21.31 9.26 3.93
C THR B 324 -21.01 10.61 3.33
N LYS B 325 -21.11 10.68 2.01
CA LYS B 325 -20.85 11.90 1.29
C LYS B 325 -21.63 13.06 1.90
N ARG B 326 -22.88 12.81 2.27
CA ARG B 326 -23.71 13.87 2.88
C ARG B 326 -23.42 14.05 4.37
N TYR B 327 -23.06 12.94 5.03
CA TYR B 327 -22.76 13.00 6.44
C TYR B 327 -21.23 12.97 6.66
N THR B 328 -20.61 14.15 6.55
CA THR B 328 -19.18 14.31 6.73
C THR B 328 -18.86 13.82 8.14
N ASN B 329 -19.59 14.34 9.13
CA ASN B 329 -19.45 13.89 10.51
C ASN B 329 -20.39 12.69 10.51
N PRO B 330 -19.88 11.50 10.80
CA PRO B 330 -20.61 10.24 10.84
C PRO B 330 -21.86 10.21 11.67
N VAL B 331 -22.76 9.32 11.27
CA VAL B 331 -24.02 9.07 11.98
C VAL B 331 -23.59 7.95 12.93
N VAL B 332 -23.96 8.06 14.20
CA VAL B 332 -23.60 7.02 15.13
C VAL B 332 -24.85 6.51 15.83
N ILE B 333 -25.20 5.27 15.55
CA ILE B 333 -26.35 4.65 16.16
C ILE B 333 -25.84 3.57 17.09
N GLN B 334 -26.18 3.68 18.37
CA GLN B 334 -25.74 2.69 19.36
C GLN B 334 -26.85 2.23 20.29
N GLY B 335 -26.66 1.03 20.83
CA GLY B 335 -27.65 0.45 21.74
C GLY B 335 -27.45 -1.04 21.86
N ALA B 336 -28.42 -1.73 22.45
CA ALA B 336 -28.30 -3.17 22.61
C ALA B 336 -28.38 -3.85 21.25
N GLY B 337 -27.46 -4.77 20.99
CA GLY B 337 -27.43 -5.50 19.74
C GLY B 337 -27.70 -6.98 19.95
N ALA B 338 -28.21 -7.32 21.13
CA ALA B 338 -28.51 -8.70 21.46
C ALA B 338 -29.62 -8.72 22.50
N GLY B 339 -30.29 -9.87 22.62
CA GLY B 339 -31.37 -10.01 23.57
C GLY B 339 -32.65 -10.36 22.84
N ALA B 340 -33.38 -11.34 23.37
CA ALA B 340 -34.61 -11.79 22.71
C ALA B 340 -35.58 -10.66 22.35
N ALA B 341 -36.04 -9.94 23.36
CA ALA B 341 -36.99 -8.86 23.17
C ALA B 341 -36.59 -7.84 22.11
N VAL B 342 -35.42 -7.22 22.28
CA VAL B 342 -34.93 -6.23 21.32
C VAL B 342 -34.81 -6.80 19.92
N THR B 343 -34.21 -7.97 19.81
CA THR B 343 -34.03 -8.62 18.52
C THR B 343 -35.38 -8.99 17.88
N ALA B 344 -36.27 -9.61 18.66
CA ALA B 344 -37.57 -10.01 18.12
C ALA B 344 -38.36 -8.80 17.61
N ALA B 345 -38.33 -7.69 18.33
CA ALA B 345 -39.05 -6.49 17.89
C ALA B 345 -38.49 -5.99 16.56
N GLY B 346 -37.21 -6.18 16.33
CA GLY B 346 -36.64 -5.74 15.08
C GLY B 346 -37.28 -6.59 13.99
N VAL B 347 -37.51 -7.87 14.28
CA VAL B 347 -38.11 -8.78 13.32
C VAL B 347 -39.58 -8.45 13.07
N LEU B 348 -40.29 -8.06 14.13
CA LEU B 348 -41.69 -7.72 13.98
C LEU B 348 -41.76 -6.39 13.25
N GLY B 349 -40.77 -5.54 13.49
CA GLY B 349 -40.71 -4.24 12.85
C GLY B 349 -40.62 -4.42 11.35
N ASP B 350 -39.91 -5.47 10.95
CA ASP B 350 -39.77 -5.79 9.54
C ASP B 350 -41.03 -6.44 8.99
N VAL B 351 -41.76 -7.20 9.82
CA VAL B 351 -42.99 -7.84 9.34
C VAL B 351 -44.03 -6.75 9.09
N ILE B 352 -44.12 -5.77 9.96
CA ILE B 352 -45.06 -4.69 9.75
C ILE B 352 -44.67 -3.96 8.44
N LYS B 353 -43.38 -3.69 8.27
CA LYS B 353 -42.89 -3.01 7.07
C LYS B 353 -43.30 -3.74 5.77
N ILE B 354 -43.21 -5.06 5.76
CA ILE B 354 -43.58 -5.85 4.60
C ILE B 354 -45.09 -5.80 4.39
N ALA B 355 -45.85 -6.04 5.45
CA ALA B 355 -47.31 -6.07 5.37
C ALA B 355 -47.91 -4.76 4.89
N GLN B 356 -47.37 -3.65 5.36
CA GLN B 356 -47.89 -2.34 4.95
C GLN B 356 -47.59 -2.17 3.46
N ARG B 357 -46.58 -2.87 2.99
CA ARG B 357 -46.16 -2.79 1.61
C ARG B 357 -46.92 -3.73 0.66
N LEU B 358 -47.62 -4.71 1.21
CA LEU B 358 -48.38 -5.65 0.41
C LEU B 358 -49.81 -5.14 0.25
N SER C 1 51.40 0.73 -28.61
CA SER C 1 51.88 1.39 -27.36
C SER C 1 52.38 2.82 -27.61
N THR C 2 51.53 3.80 -27.32
CA THR C 2 51.87 5.21 -27.50
C THR C 2 51.81 5.93 -26.15
N LYS C 3 52.83 6.73 -25.87
CA LYS C 3 52.90 7.50 -24.64
C LYS C 3 52.12 8.79 -24.77
N VAL C 4 51.75 9.13 -26.00
CA VAL C 4 50.99 10.36 -26.26
C VAL C 4 49.71 10.12 -27.05
N VAL C 5 48.64 10.77 -26.60
CA VAL C 5 47.36 10.66 -27.25
C VAL C 5 46.63 12.01 -27.12
N ASN C 6 46.14 12.52 -28.25
CA ASN C 6 45.44 13.79 -28.29
C ASN C 6 43.94 13.63 -28.08
N VAL C 7 43.41 14.38 -27.12
CA VAL C 7 42.00 14.34 -26.75
C VAL C 7 41.15 15.48 -27.35
N ALA C 8 40.00 15.12 -27.93
CA ALA C 8 39.09 16.10 -28.51
C ALA C 8 37.75 16.01 -27.77
N VAL C 9 37.36 17.10 -27.11
CA VAL C 9 36.12 17.11 -26.34
C VAL C 9 35.03 18.02 -26.88
N ILE C 10 33.79 17.54 -26.82
CA ILE C 10 32.61 18.30 -27.23
C ILE C 10 31.71 18.27 -25.99
N GLY C 11 31.42 19.44 -25.42
CA GLY C 11 30.54 19.45 -24.25
C GLY C 11 31.19 19.85 -22.95
N ALA C 12 30.55 20.80 -22.26
CA ALA C 12 31.04 21.28 -20.98
C ALA C 12 29.87 21.46 -20.03
N GLY C 13 28.88 20.58 -20.17
CA GLY C 13 27.71 20.65 -19.30
C GLY C 13 28.00 20.08 -17.92
N VAL C 14 26.98 19.51 -17.28
CA VAL C 14 27.18 18.95 -15.95
C VAL C 14 28.26 17.87 -15.92
N VAL C 15 28.10 16.80 -16.70
CA VAL C 15 29.12 15.76 -16.70
C VAL C 15 30.39 16.29 -17.36
N GLY C 16 30.21 17.08 -18.42
CA GLY C 16 31.34 17.64 -19.15
C GLY C 16 32.34 18.37 -18.27
N SER C 17 31.85 19.36 -17.54
CA SER C 17 32.72 20.15 -16.65
C SER C 17 33.46 19.24 -15.69
N ALA C 18 32.76 18.23 -15.19
CA ALA C 18 33.35 17.29 -14.26
C ALA C 18 34.45 16.53 -14.96
N PHE C 19 34.16 16.08 -16.19
CA PHE C 19 35.14 15.34 -16.97
C PHE C 19 36.41 16.15 -17.21
N LEU C 20 36.25 17.36 -17.73
CA LEU C 20 37.40 18.21 -18.01
C LEU C 20 38.32 18.41 -16.78
N ASP C 21 37.73 18.71 -15.62
CA ASP C 21 38.51 18.90 -14.40
C ASP C 21 39.29 17.64 -14.07
N GLN C 22 38.58 16.52 -14.12
CA GLN C 22 39.18 15.24 -13.84
C GLN C 22 40.28 14.98 -14.87
N LEU C 23 39.95 15.13 -16.15
CA LEU C 23 40.93 14.88 -17.20
C LEU C 23 42.21 15.64 -16.99
N LEU C 24 42.06 16.94 -16.75
CA LEU C 24 43.20 17.81 -16.57
C LEU C 24 44.00 17.56 -15.30
N ALA C 25 43.37 17.06 -14.25
CA ALA C 25 44.10 16.81 -13.00
C ALA C 25 44.67 15.40 -12.93
N MET C 26 44.25 14.53 -13.83
CA MET C 26 44.71 13.15 -13.86
C MET C 26 46.23 13.04 -13.99
N LYS C 27 46.83 12.30 -13.07
CA LYS C 27 48.27 12.06 -13.05
C LYS C 27 48.42 10.70 -13.74
N SER C 28 49.20 10.66 -14.81
CA SER C 28 49.36 9.41 -15.56
C SER C 28 50.69 9.28 -16.27
N THR C 29 51.11 8.05 -16.50
CA THR C 29 52.36 7.79 -17.20
C THR C 29 52.21 8.32 -18.63
N ILE C 30 51.11 7.90 -19.25
CA ILE C 30 50.76 8.30 -20.59
C ILE C 30 50.48 9.80 -20.58
N THR C 31 50.62 10.41 -21.74
CA THR C 31 50.37 11.83 -21.88
C THR C 31 49.04 12.02 -22.57
N TYR C 32 48.25 12.95 -22.04
CA TYR C 32 46.93 13.26 -22.59
C TYR C 32 46.85 14.76 -22.87
N ASN C 33 46.99 15.14 -24.13
CA ASN C 33 46.91 16.56 -24.48
C ASN C 33 45.54 16.95 -24.99
N LEU C 34 44.87 17.85 -24.27
CA LEU C 34 43.55 18.35 -24.69
C LEU C 34 43.89 19.28 -25.86
N VAL C 35 43.37 18.98 -27.04
CA VAL C 35 43.68 19.80 -28.21
C VAL C 35 42.48 20.54 -28.80
N LEU C 36 41.28 20.16 -28.36
CA LEU C 36 40.06 20.75 -28.86
C LEU C 36 38.93 20.62 -27.85
N LEU C 37 38.31 21.74 -27.50
CA LEU C 37 37.20 21.77 -26.56
C LEU C 37 36.14 22.58 -27.26
N ALA C 38 34.96 22.01 -27.45
CA ALA C 38 33.87 22.70 -28.13
C ALA C 38 32.54 22.64 -27.39
N GLU C 39 31.90 23.80 -27.26
CA GLU C 39 30.61 23.85 -26.58
C GLU C 39 29.60 24.41 -27.58
N ALA C 40 28.90 25.46 -27.19
CA ALA C 40 27.91 26.08 -28.06
C ALA C 40 28.55 26.51 -29.38
N GLU C 41 28.74 27.82 -29.54
CA GLU C 41 29.33 28.38 -30.75
C GLU C 41 30.82 28.64 -30.53
N ARG C 42 31.26 28.47 -29.29
CA ARG C 42 32.67 28.69 -28.97
C ARG C 42 33.45 27.38 -28.97
N SER C 43 34.76 27.48 -29.20
CA SER C 43 35.66 26.33 -29.20
C SER C 43 37.09 26.78 -28.94
N LEU C 44 37.85 25.92 -28.28
CA LEU C 44 39.25 26.18 -28.03
C LEU C 44 39.93 25.13 -28.89
N ILE C 45 40.88 25.52 -29.73
CA ILE C 45 41.55 24.54 -30.57
C ILE C 45 42.97 24.88 -30.97
N SER C 46 43.91 24.04 -30.54
CA SER C 46 45.31 24.26 -30.86
C SER C 46 45.60 23.56 -32.17
N LYS C 47 46.08 24.33 -33.15
CA LYS C 47 46.40 23.79 -34.47
C LYS C 47 47.68 22.96 -34.46
N ASP C 48 48.53 23.16 -33.45
CA ASP C 48 49.77 22.40 -33.32
C ASP C 48 49.48 20.97 -32.89
N PHE C 49 48.32 20.80 -32.28
CA PHE C 49 47.95 19.51 -31.70
C PHE C 49 48.75 19.38 -30.42
N SER C 50 49.31 20.51 -30.01
CA SER C 50 50.05 20.63 -28.79
C SER C 50 48.92 20.93 -27.82
N PRO C 51 49.11 20.64 -26.53
CA PRO C 51 48.09 20.88 -25.50
C PRO C 51 47.56 22.31 -25.52
N LEU C 52 46.37 22.51 -24.99
CA LEU C 52 45.80 23.84 -24.89
C LEU C 52 46.31 24.45 -23.57
N ASN C 53 46.97 25.60 -23.66
CA ASN C 53 47.46 26.25 -22.44
C ASN C 53 46.29 27.02 -21.84
N VAL C 54 45.56 26.39 -20.92
CA VAL C 54 44.42 27.07 -20.32
C VAL C 54 44.70 27.43 -18.88
N GLY C 55 45.87 27.05 -18.41
CA GLY C 55 46.22 27.35 -17.03
C GLY C 55 45.31 26.58 -16.10
N SER C 56 45.19 27.07 -14.87
CA SER C 56 44.36 26.42 -13.88
C SER C 56 42.96 26.02 -14.36
N ASP C 57 42.47 26.63 -15.44
CA ASP C 57 41.12 26.30 -15.86
C ASP C 57 40.64 26.59 -17.29
N TRP C 58 39.96 25.60 -17.85
CA TRP C 58 39.43 25.68 -19.20
C TRP C 58 38.20 26.58 -19.30
N LYS C 59 37.36 26.59 -18.26
CA LYS C 59 36.15 27.40 -18.27
C LYS C 59 36.42 28.85 -18.63
N ALA C 60 37.55 29.36 -18.17
CA ALA C 60 37.94 30.74 -18.46
C ALA C 60 38.36 30.91 -19.92
N ALA C 61 39.36 30.13 -20.33
CA ALA C 61 39.89 30.17 -21.69
C ALA C 61 38.82 29.93 -22.74
N LEU C 62 37.89 29.02 -22.44
CA LEU C 62 36.82 28.71 -23.37
C LEU C 62 35.88 29.92 -23.41
N ALA C 63 35.30 30.24 -22.26
CA ALA C 63 34.37 31.36 -22.16
C ALA C 63 34.90 32.61 -22.82
N ALA C 64 36.22 32.69 -22.97
CA ALA C 64 36.85 33.86 -23.58
C ALA C 64 37.39 33.62 -25.00
N SER C 65 37.11 32.46 -25.56
CA SER C 65 37.61 32.19 -26.90
C SER C 65 36.81 32.99 -27.94
N THR C 66 37.46 33.23 -29.09
CA THR C 66 36.82 33.94 -30.20
C THR C 66 37.00 33.05 -31.43
N THR C 67 37.01 31.74 -31.20
CA THR C 67 37.17 30.79 -32.29
C THR C 67 35.85 30.05 -32.47
N LYS C 68 35.22 30.23 -33.64
CA LYS C 68 33.95 29.57 -33.93
C LYS C 68 34.11 28.06 -33.92
N THR C 69 33.07 27.34 -33.50
CA THR C 69 33.09 25.87 -33.46
C THR C 69 33.02 25.27 -34.88
N LEU C 70 33.91 24.34 -35.18
CA LEU C 70 33.94 23.71 -36.50
C LEU C 70 32.74 22.79 -36.76
N PRO C 71 32.23 22.77 -38.00
CA PRO C 71 31.09 21.88 -38.25
C PRO C 71 31.69 20.49 -38.11
N LEU C 72 30.89 19.51 -37.72
CA LEU C 72 31.38 18.17 -37.52
C LEU C 72 32.28 17.64 -38.63
N ASP C 73 31.88 17.79 -39.89
CA ASP C 73 32.71 17.28 -40.99
C ASP C 73 34.08 17.97 -40.96
N ASP C 74 34.06 19.29 -40.76
CA ASP C 74 35.29 20.07 -40.70
C ASP C 74 36.11 19.62 -39.50
N LEU C 75 35.41 19.18 -38.45
CA LEU C 75 36.09 18.69 -37.26
C LEU C 75 36.83 17.42 -37.66
N ILE C 76 36.10 16.46 -38.20
CA ILE C 76 36.68 15.21 -38.65
C ILE C 76 37.92 15.48 -39.52
N ALA C 77 37.74 16.27 -40.58
CA ALA C 77 38.85 16.60 -41.48
C ALA C 77 40.06 17.09 -40.70
N HIS C 78 39.81 17.91 -39.68
CA HIS C 78 40.89 18.45 -38.85
C HIS C 78 41.57 17.39 -38.00
N LEU C 79 40.77 16.60 -37.29
CA LEU C 79 41.32 15.58 -36.41
C LEU C 79 42.14 14.55 -37.16
N LYS C 80 41.76 14.28 -38.40
CA LYS C 80 42.48 13.30 -39.20
C LYS C 80 43.93 13.71 -39.43
N THR C 81 44.23 15.00 -39.23
CA THR C 81 45.59 15.45 -39.45
C THR C 81 46.45 15.44 -38.18
N SER C 82 45.92 14.85 -37.10
CA SER C 82 46.65 14.77 -35.84
C SER C 82 47.84 13.82 -35.92
N PRO C 83 48.98 14.20 -35.32
CA PRO C 83 50.20 13.39 -35.32
C PRO C 83 50.07 12.15 -34.45
N LYS C 84 49.29 12.28 -33.38
CA LYS C 84 49.09 11.17 -32.46
C LYS C 84 47.64 10.71 -32.51
N PRO C 85 47.38 9.47 -32.04
CA PRO C 85 46.02 8.92 -32.03
C PRO C 85 45.06 9.87 -31.36
N VAL C 86 43.86 10.00 -31.93
CA VAL C 86 42.87 10.90 -31.36
C VAL C 86 41.72 10.15 -30.71
N ILE C 87 41.29 10.67 -29.56
CA ILE C 87 40.17 10.11 -28.80
C ILE C 87 39.08 11.16 -28.66
N LEU C 88 37.96 10.96 -29.35
CA LEU C 88 36.87 11.92 -29.24
C LEU C 88 36.04 11.64 -27.99
N VAL C 89 35.71 12.67 -27.22
CA VAL C 89 34.90 12.51 -26.02
C VAL C 89 33.63 13.36 -26.18
N ASP C 90 32.51 12.69 -26.47
CA ASP C 90 31.24 13.38 -26.65
C ASP C 90 30.39 13.38 -25.39
N ASN C 91 30.45 14.48 -24.64
CA ASN C 91 29.69 14.60 -23.40
C ASN C 91 28.36 15.29 -23.62
N THR C 92 27.72 15.01 -24.74
CA THR C 92 26.41 15.61 -25.02
C THR C 92 25.39 14.48 -25.02
N SER C 93 24.19 14.80 -25.44
CA SER C 93 23.11 13.82 -25.55
C SER C 93 22.49 14.18 -26.88
N SER C 94 23.29 14.84 -27.73
CA SER C 94 22.86 15.26 -29.05
C SER C 94 22.82 14.12 -30.05
N ALA C 95 21.67 13.95 -30.69
CA ALA C 95 21.51 12.90 -31.67
C ALA C 95 22.32 13.31 -32.89
N TYR C 96 22.41 14.62 -33.11
CA TYR C 96 23.16 15.12 -34.25
C TYR C 96 24.60 14.62 -34.14
N ILE C 97 25.28 14.98 -33.05
CA ILE C 97 26.65 14.54 -32.89
C ILE C 97 26.74 13.03 -33.09
N ALA C 98 25.86 12.29 -32.41
CA ALA C 98 25.85 10.84 -32.51
C ALA C 98 25.80 10.40 -33.97
N GLY C 99 25.03 11.12 -34.78
CA GLY C 99 24.90 10.80 -36.19
C GLY C 99 26.23 10.76 -36.94
N PHE C 100 27.30 11.25 -36.33
CA PHE C 100 28.60 11.25 -36.98
C PHE C 100 29.59 10.20 -36.46
N TYR C 101 29.18 9.43 -35.45
CA TYR C 101 30.05 8.39 -34.87
C TYR C 101 30.64 7.46 -35.90
N THR C 102 29.81 7.02 -36.84
CA THR C 102 30.27 6.14 -37.88
C THR C 102 31.36 6.82 -38.69
N LYS C 103 31.18 8.10 -38.99
CA LYS C 103 32.18 8.85 -39.76
C LYS C 103 33.42 9.05 -38.93
N PHE C 104 33.23 9.26 -37.64
CA PHE C 104 34.35 9.46 -36.74
C PHE C 104 35.21 8.20 -36.75
N VAL C 105 34.56 7.09 -36.47
CA VAL C 105 35.20 5.78 -36.41
C VAL C 105 35.85 5.33 -37.71
N GLU C 106 35.14 5.42 -38.82
CA GLU C 106 35.69 5.02 -40.13
C GLU C 106 36.96 5.79 -40.47
N ASN C 107 37.25 6.85 -39.70
CA ASN C 107 38.44 7.66 -39.96
C ASN C 107 39.51 7.51 -38.91
N GLY C 108 39.39 6.47 -38.09
CA GLY C 108 40.40 6.21 -37.07
C GLY C 108 40.34 7.09 -35.84
N ILE C 109 39.17 7.63 -35.55
CA ILE C 109 38.99 8.47 -34.39
C ILE C 109 38.15 7.69 -33.40
N SER C 110 38.72 7.38 -32.25
CA SER C 110 38.02 6.61 -31.22
C SER C 110 37.02 7.46 -30.46
N ILE C 111 36.11 6.80 -29.75
CA ILE C 111 35.07 7.50 -29.00
C ILE C 111 34.77 6.96 -27.62
N ALA C 112 34.66 7.89 -26.68
CA ALA C 112 34.33 7.59 -25.29
C ALA C 112 33.19 8.56 -25.01
N THR C 113 32.05 8.04 -24.52
CA THR C 113 30.92 8.91 -24.29
C THR C 113 29.82 8.38 -23.39
N PRO C 114 29.07 9.31 -22.77
CA PRO C 114 27.96 8.93 -21.88
C PRO C 114 26.69 9.07 -22.73
N ASN C 115 26.87 9.64 -23.93
CA ASN C 115 25.77 9.86 -24.84
C ASN C 115 25.17 8.53 -25.32
N LYS C 116 23.91 8.29 -24.92
CA LYS C 116 23.19 7.07 -25.26
C LYS C 116 22.62 7.04 -26.69
N LYS C 117 22.40 8.22 -27.24
CA LYS C 117 21.80 8.33 -28.56
C LYS C 117 22.17 7.33 -29.65
N ALA C 118 23.46 7.20 -29.93
CA ALA C 118 23.92 6.31 -31.00
C ALA C 118 23.80 4.82 -30.70
N PHE C 119 23.88 4.46 -29.42
CA PHE C 119 23.80 3.06 -28.99
C PHE C 119 22.40 2.56 -28.71
N SER C 120 21.43 3.46 -28.76
CA SER C 120 20.04 3.11 -28.50
C SER C 120 19.17 3.55 -29.67
N SER C 121 19.78 3.65 -30.84
CA SER C 121 19.07 4.06 -32.04
C SER C 121 18.94 2.93 -33.06
N ASP C 122 19.28 3.25 -34.30
CA ASP C 122 19.25 2.31 -35.41
C ASP C 122 20.10 1.09 -35.08
N LEU C 123 19.67 -0.08 -35.53
CA LEU C 123 20.41 -1.30 -35.27
C LEU C 123 21.58 -1.42 -36.23
N ALA C 124 21.44 -0.83 -37.42
CA ALA C 124 22.53 -0.88 -38.39
C ALA C 124 23.68 -0.07 -37.81
N THR C 125 23.32 1.06 -37.19
CA THR C 125 24.27 1.94 -36.56
C THR C 125 25.04 1.16 -35.52
N TRP C 126 24.34 0.36 -34.74
CA TRP C 126 24.97 -0.42 -33.70
C TRP C 126 26.05 -1.33 -34.27
N LYS C 127 25.77 -1.97 -35.40
CA LYS C 127 26.76 -2.85 -35.99
C LYS C 127 27.87 -2.12 -36.77
N ALA C 128 27.53 -0.97 -37.36
CA ALA C 128 28.54 -0.19 -38.08
C ALA C 128 29.59 0.28 -37.08
N LEU C 129 29.14 0.56 -35.85
CA LEU C 129 30.03 1.00 -34.80
C LEU C 129 30.93 -0.14 -34.32
N PHE C 130 30.30 -1.26 -33.97
CA PHE C 130 31.07 -2.38 -33.46
C PHE C 130 31.46 -3.40 -34.51
N SER C 131 31.78 -2.91 -35.71
CA SER C 131 32.20 -3.80 -36.78
C SER C 131 33.64 -4.16 -36.42
N ASN C 132 34.45 -4.52 -37.40
CA ASN C 132 35.82 -4.90 -37.09
C ASN C 132 36.86 -4.38 -38.07
N LYS C 133 36.51 -3.25 -38.71
CA LYS C 133 37.37 -2.61 -39.69
C LYS C 133 38.75 -2.38 -39.16
N PRO C 134 39.75 -2.82 -39.92
CA PRO C 134 41.08 -2.60 -39.39
C PRO C 134 41.41 -1.14 -39.76
N THR C 135 41.39 -0.29 -38.74
CA THR C 135 41.69 1.15 -38.82
C THR C 135 40.65 2.07 -38.16
N ASN C 136 39.45 1.59 -37.89
CA ASN C 136 38.47 2.47 -37.28
C ASN C 136 38.64 2.57 -35.76
N GLY C 137 38.39 3.77 -35.22
CA GLY C 137 38.54 4.01 -33.81
C GLY C 137 37.81 3.05 -32.89
N PHE C 138 38.14 3.10 -31.60
CA PHE C 138 37.46 2.23 -30.64
C PHE C 138 36.28 2.99 -30.07
N VAL C 139 35.18 2.28 -29.78
CA VAL C 139 34.00 2.90 -29.22
C VAL C 139 33.70 2.33 -27.84
N TYR C 140 33.76 3.20 -26.84
CA TYR C 140 33.50 2.83 -25.45
C TYR C 140 32.42 3.77 -24.94
N HIS C 141 31.43 3.20 -24.25
CA HIS C 141 30.32 3.97 -23.73
C HIS C 141 29.85 3.48 -22.35
N GLU C 142 30.80 3.32 -21.44
CA GLU C 142 30.49 2.86 -20.09
C GLU C 142 29.45 3.69 -19.35
N ALA C 143 29.49 5.01 -19.52
CA ALA C 143 28.56 5.92 -18.84
C ALA C 143 27.15 5.96 -19.44
N THR C 144 26.82 5.02 -20.31
CA THR C 144 25.50 5.01 -20.91
C THR C 144 24.56 4.08 -20.15
N VAL C 145 25.12 3.28 -19.24
CA VAL C 145 24.32 2.33 -18.48
C VAL C 145 24.92 2.11 -17.10
N GLY C 146 24.33 2.75 -16.08
CA GLY C 146 24.84 2.61 -14.72
C GLY C 146 25.94 3.62 -14.38
N ALA C 147 25.98 4.73 -15.11
CA ALA C 147 26.98 5.75 -14.91
C ALA C 147 28.37 5.14 -15.01
N GLY C 148 29.15 5.21 -13.94
CA GLY C 148 30.49 4.67 -13.92
C GLY C 148 30.56 3.22 -13.49
N LEU C 149 29.41 2.66 -13.10
CA LEU C 149 29.37 1.27 -12.69
C LEU C 149 29.89 0.43 -13.85
N PRO C 150 30.82 -0.48 -13.57
CA PRO C 150 31.40 -1.36 -14.59
C PRO C 150 30.44 -2.40 -15.14
N ILE C 151 29.40 -1.94 -15.80
CA ILE C 151 28.40 -2.84 -16.34
C ILE C 151 28.68 -3.30 -17.76
N ILE C 152 29.01 -2.36 -18.63
CA ILE C 152 29.27 -2.72 -20.02
C ILE C 152 30.60 -3.41 -20.20
N SER C 153 31.65 -2.94 -19.53
CA SER C 153 32.93 -3.62 -19.70
C SER C 153 32.80 -5.08 -19.22
N PHE C 154 32.04 -5.30 -18.15
CA PHE C 154 31.86 -6.65 -17.62
C PHE C 154 31.04 -7.53 -18.56
N LEU C 155 30.01 -6.95 -19.19
CA LEU C 155 29.18 -7.71 -20.10
C LEU C 155 29.99 -8.12 -21.30
N ARG C 156 30.72 -7.17 -21.85
CA ARG C 156 31.56 -7.41 -23.01
C ARG C 156 32.60 -8.48 -22.77
N GLU C 157 33.40 -8.29 -21.73
CA GLU C 157 34.46 -9.24 -21.42
C GLU C 157 33.94 -10.65 -21.18
N ILE C 158 32.95 -10.81 -20.32
CA ILE C 158 32.47 -12.17 -20.10
C ILE C 158 31.95 -12.84 -21.38
N ILE C 159 31.31 -12.09 -22.28
CA ILE C 159 30.84 -12.70 -23.52
C ILE C 159 32.04 -13.20 -24.33
N GLN C 160 33.05 -12.34 -24.49
CA GLN C 160 34.24 -12.72 -25.23
C GLN C 160 34.88 -14.00 -24.70
N THR C 161 34.81 -14.20 -23.38
CA THR C 161 35.41 -15.40 -22.81
C THR C 161 34.58 -16.61 -23.08
N GLY C 162 33.37 -16.41 -23.61
CA GLY C 162 32.50 -17.54 -23.90
C GLY C 162 31.23 -17.65 -23.06
N ASP C 163 31.07 -16.82 -22.05
CA ASP C 163 29.86 -16.91 -21.25
C ASP C 163 28.69 -16.42 -22.10
N GLU C 164 27.47 -16.79 -21.70
CA GLU C 164 26.27 -16.38 -22.42
C GLU C 164 25.20 -15.83 -21.48
N VAL C 165 24.74 -14.62 -21.74
CA VAL C 165 23.72 -14.00 -20.90
C VAL C 165 22.42 -14.75 -21.07
N GLU C 166 21.68 -14.93 -19.98
CA GLU C 166 20.39 -15.62 -20.06
C GLU C 166 19.26 -14.69 -19.67
N LYS C 167 19.52 -13.82 -18.68
CA LYS C 167 18.52 -12.88 -18.21
C LYS C 167 19.13 -11.69 -17.47
N ILE C 168 18.55 -10.52 -17.68
CA ILE C 168 19.00 -9.30 -17.00
C ILE C 168 17.79 -8.63 -16.36
N GLU C 169 17.96 -8.20 -15.12
CA GLU C 169 16.89 -7.50 -14.41
C GLU C 169 17.55 -6.34 -13.72
N GLY C 170 17.13 -5.13 -14.09
CA GLY C 170 17.72 -3.97 -13.48
C GLY C 170 16.83 -2.75 -13.34
N ILE C 171 17.31 -1.83 -12.51
CA ILE C 171 16.65 -0.58 -12.23
C ILE C 171 17.69 0.41 -12.73
N PHE C 172 17.49 0.91 -13.94
CA PHE C 172 18.46 1.81 -14.52
C PHE C 172 18.09 3.29 -14.45
N SER C 173 17.26 3.68 -13.48
CA SER C 173 16.86 5.09 -13.33
C SER C 173 16.97 5.58 -11.89
N GLY C 174 17.85 6.56 -11.67
CA GLY C 174 18.03 7.10 -10.34
C GLY C 174 16.77 7.79 -9.85
N THR C 175 16.13 8.54 -10.74
CA THR C 175 14.92 9.24 -10.36
C THR C 175 13.82 8.24 -10.00
N LEU C 176 13.60 7.26 -10.88
CA LEU C 176 12.58 6.27 -10.65
C LEU C 176 12.95 5.31 -9.53
N SER C 177 14.23 5.04 -9.37
CA SER C 177 14.68 4.15 -8.31
C SER C 177 14.24 4.77 -6.99
N TYR C 178 14.56 6.05 -6.83
CA TYR C 178 14.22 6.80 -5.62
C TYR C 178 12.72 6.85 -5.43
N ILE C 179 12.02 7.25 -6.49
CA ILE C 179 10.57 7.37 -6.43
C ILE C 179 9.92 6.08 -5.96
N PHE C 180 10.41 4.93 -6.41
CA PHE C 180 9.80 3.68 -5.96
C PHE C 180 10.36 3.21 -4.62
N ASN C 181 11.63 3.53 -4.34
CA ASN C 181 12.22 3.15 -3.06
C ASN C 181 11.46 3.85 -1.92
N GLU C 182 10.98 5.06 -2.19
CA GLU C 182 10.24 5.81 -1.18
C GLU C 182 8.75 5.49 -1.22
N PHE C 183 8.24 5.05 -2.37
CA PHE C 183 6.83 4.73 -2.50
C PHE C 183 6.44 3.37 -1.91
N SER C 184 7.13 2.31 -2.30
CA SER C 184 6.79 0.98 -1.79
C SER C 184 7.93 0.33 -1.05
N THR C 185 7.67 -0.06 0.19
CA THR C 185 8.67 -0.72 1.05
C THR C 185 7.99 -1.84 1.82
N SER C 186 8.78 -2.63 2.55
CA SER C 186 8.24 -3.73 3.33
C SER C 186 7.24 -3.13 4.31
N GLN C 187 7.53 -1.91 4.72
CA GLN C 187 6.66 -1.18 5.63
C GLN C 187 5.52 -0.64 4.77
N ALA C 188 4.38 -1.31 4.81
CA ALA C 188 3.22 -0.91 4.04
C ALA C 188 2.68 0.41 4.57
N ASN C 189 3.00 1.50 3.87
CA ASN C 189 2.55 2.83 4.29
C ASN C 189 1.40 3.31 3.41
N ASP C 190 0.98 4.55 3.64
CA ASP C 190 -0.12 5.13 2.86
C ASP C 190 0.41 6.16 1.86
N VAL C 191 1.73 6.26 1.77
CA VAL C 191 2.36 7.22 0.87
C VAL C 191 1.76 7.18 -0.53
N LYS C 192 1.56 8.35 -1.10
CA LYS C 192 0.99 8.47 -2.44
C LYS C 192 2.05 8.79 -3.47
N PHE C 193 1.92 8.18 -4.65
CA PHE C 193 2.85 8.40 -5.74
C PHE C 193 3.06 9.90 -5.89
N SER C 194 1.97 10.62 -6.16
CA SER C 194 2.01 12.07 -6.33
C SER C 194 2.94 12.76 -5.34
N ASP C 195 2.81 12.42 -4.06
CA ASP C 195 3.65 13.03 -3.05
C ASP C 195 5.13 12.81 -3.31
N VAL C 196 5.52 11.55 -3.49
CA VAL C 196 6.93 11.24 -3.71
C VAL C 196 7.52 11.90 -4.96
N VAL C 197 6.79 11.92 -6.07
CA VAL C 197 7.34 12.58 -7.25
C VAL C 197 7.49 14.06 -6.93
N LYS C 198 6.47 14.63 -6.28
CA LYS C 198 6.52 16.04 -5.90
C LYS C 198 7.79 16.29 -5.09
N VAL C 199 8.03 15.41 -4.12
CA VAL C 199 9.21 15.50 -3.28
C VAL C 199 10.48 15.26 -4.10
N ALA C 200 10.44 14.26 -4.96
CA ALA C 200 11.58 13.94 -5.80
C ALA C 200 12.01 15.19 -6.57
N LYS C 201 11.03 15.96 -7.03
CA LYS C 201 11.29 17.17 -7.79
C LYS C 201 11.90 18.24 -6.90
N LYS C 202 11.28 18.45 -5.75
CA LYS C 202 11.73 19.44 -4.79
C LYS C 202 13.22 19.28 -4.49
N LEU C 203 13.63 18.07 -4.13
CA LEU C 203 15.02 17.79 -3.80
C LEU C 203 15.96 17.80 -5.00
N GLY C 204 15.39 17.84 -6.20
CA GLY C 204 16.19 17.88 -7.41
C GLY C 204 16.59 16.55 -8.03
N TYR C 205 15.91 15.48 -7.65
CA TYR C 205 16.20 14.16 -8.18
C TYR C 205 15.63 13.93 -9.59
N THR C 206 14.68 14.76 -10.00
CA THR C 206 14.08 14.60 -11.32
C THR C 206 14.45 15.75 -12.24
N GLU C 207 13.98 15.68 -13.48
CA GLU C 207 14.22 16.73 -14.47
C GLU C 207 13.30 17.90 -14.13
N PRO C 208 13.50 19.04 -14.79
CA PRO C 208 12.64 20.20 -14.51
C PRO C 208 11.20 19.75 -14.66
N ASP C 209 10.96 18.97 -15.71
CA ASP C 209 9.65 18.43 -16.01
C ASP C 209 9.73 16.93 -15.79
N PRO C 210 9.19 16.45 -14.66
CA PRO C 210 9.19 15.03 -14.30
C PRO C 210 8.74 14.05 -15.37
N ARG C 211 8.08 14.54 -16.42
CA ARG C 211 7.62 13.64 -17.48
C ARG C 211 8.79 12.97 -18.20
N ASP C 212 9.87 13.71 -18.38
CA ASP C 212 11.04 13.17 -19.06
C ASP C 212 11.58 11.95 -18.32
N ASP C 213 11.22 11.80 -17.05
CA ASP C 213 11.69 10.66 -16.26
C ASP C 213 10.60 9.59 -16.18
N LEU C 214 9.34 10.04 -16.11
CA LEU C 214 8.21 9.13 -16.00
C LEU C 214 7.80 8.42 -17.28
N ASN C 215 8.27 8.90 -18.42
CA ASN C 215 7.91 8.26 -19.69
C ASN C 215 8.64 6.94 -19.85
N GLY C 216 9.64 6.72 -19.01
CA GLY C 216 10.41 5.48 -19.04
C GLY C 216 11.33 5.32 -20.22
N LEU C 217 11.36 6.31 -21.09
CA LEU C 217 12.20 6.26 -22.28
C LEU C 217 13.67 6.03 -21.93
N ASP C 218 14.21 6.89 -21.08
CA ASP C 218 15.59 6.80 -20.66
C ASP C 218 15.99 5.40 -20.19
N VAL C 219 15.03 4.65 -19.68
CA VAL C 219 15.32 3.30 -19.22
C VAL C 219 15.25 2.33 -20.40
N ALA C 220 14.45 2.67 -21.41
CA ALA C 220 14.33 1.80 -22.55
C ALA C 220 15.58 1.88 -23.42
N ARG C 221 16.25 3.02 -23.42
CA ARG C 221 17.46 3.13 -24.22
C ARG C 221 18.53 2.28 -23.54
N LYS C 222 18.62 2.35 -22.22
CA LYS C 222 19.60 1.56 -21.52
C LYS C 222 19.37 0.05 -21.65
N VAL C 223 18.11 -0.39 -21.69
CA VAL C 223 17.85 -1.81 -21.81
C VAL C 223 18.15 -2.31 -23.22
N THR C 224 18.01 -1.42 -24.21
CA THR C 224 18.26 -1.75 -25.60
C THR C 224 19.76 -1.93 -25.79
N ILE C 225 20.54 -1.24 -24.97
CA ILE C 225 21.98 -1.35 -25.09
C ILE C 225 22.41 -2.67 -24.49
N VAL C 226 22.02 -2.93 -23.24
CA VAL C 226 22.42 -4.19 -22.61
C VAL C 226 21.85 -5.38 -23.39
N GLY C 227 20.63 -5.24 -23.91
CA GLY C 227 20.02 -6.32 -24.67
C GLY C 227 20.86 -6.67 -25.90
N ARG C 228 21.19 -5.67 -26.70
CA ARG C 228 22.02 -5.86 -27.90
C ARG C 228 23.36 -6.49 -27.53
N ILE C 229 24.00 -5.94 -26.51
CA ILE C 229 25.28 -6.49 -26.06
C ILE C 229 25.10 -7.98 -25.69
N SER C 230 23.94 -8.31 -25.14
CA SER C 230 23.65 -9.68 -24.73
C SER C 230 23.24 -10.65 -25.86
N GLY C 231 23.03 -10.11 -27.05
CA GLY C 231 22.67 -10.97 -28.17
C GLY C 231 21.28 -10.80 -28.74
N VAL C 232 20.44 -10.01 -28.09
CA VAL C 232 19.08 -9.79 -28.57
C VAL C 232 19.08 -8.60 -29.52
N GLU C 233 18.79 -8.86 -30.78
CA GLU C 233 18.75 -7.81 -31.81
C GLU C 233 17.59 -6.82 -31.58
N VAL C 234 17.66 -6.05 -30.50
CA VAL C 234 16.62 -5.09 -30.18
C VAL C 234 16.60 -4.01 -31.26
N GLU C 235 15.45 -3.87 -31.91
CA GLU C 235 15.25 -2.90 -32.97
C GLU C 235 15.44 -1.45 -32.53
N SER C 236 14.82 -1.07 -31.42
CA SER C 236 14.91 0.29 -30.96
C SER C 236 14.23 0.45 -29.60
N PRO C 237 14.31 1.64 -29.00
CA PRO C 237 13.70 1.93 -27.70
C PRO C 237 12.17 1.90 -27.69
N THR C 238 11.56 1.64 -28.84
CA THR C 238 10.11 1.61 -28.92
C THR C 238 9.61 0.35 -29.62
N SER C 239 10.53 -0.60 -29.85
CA SER C 239 10.19 -1.85 -30.53
C SER C 239 9.75 -2.94 -29.57
N PHE C 240 9.58 -2.59 -28.30
CA PHE C 240 9.14 -3.56 -27.28
C PHE C 240 8.32 -2.83 -26.20
N PRO C 241 7.61 -3.58 -25.34
CA PRO C 241 6.79 -2.95 -24.29
C PRO C 241 7.53 -2.01 -23.35
N VAL C 242 7.04 -0.77 -23.24
CA VAL C 242 7.63 0.23 -22.36
C VAL C 242 6.46 0.96 -21.69
N GLN C 243 6.36 0.81 -20.37
CA GLN C 243 5.26 1.39 -19.59
C GLN C 243 5.45 2.79 -19.02
N SER C 244 4.88 3.78 -19.69
CA SER C 244 4.99 5.15 -19.19
C SER C 244 4.24 5.25 -17.88
N LEU C 245 4.69 6.15 -17.01
CA LEU C 245 4.02 6.37 -15.75
C LEU C 245 3.26 7.69 -15.82
N ILE C 246 3.23 8.28 -17.01
CA ILE C 246 2.51 9.53 -17.22
C ILE C 246 1.02 9.19 -17.45
N PRO C 247 0.12 9.74 -16.61
CA PRO C 247 -1.29 9.44 -16.82
C PRO C 247 -1.78 9.82 -18.21
N LYS C 248 -2.42 8.88 -18.89
CA LYS C 248 -2.95 9.07 -20.24
C LYS C 248 -3.39 10.50 -20.54
N PRO C 249 -4.17 11.12 -19.62
CA PRO C 249 -4.64 12.49 -19.82
C PRO C 249 -3.57 13.57 -19.71
N LEU C 250 -2.90 13.64 -18.57
CA LEU C 250 -1.89 14.65 -18.30
C LEU C 250 -0.71 14.76 -19.26
N GLU C 251 -0.44 13.73 -20.04
CA GLU C 251 0.68 13.80 -20.95
C GLU C 251 0.59 15.03 -21.82
N SER C 252 -0.64 15.38 -22.19
CA SER C 252 -0.87 16.55 -23.04
C SER C 252 -1.14 17.86 -22.30
N VAL C 253 -0.45 18.10 -21.19
CA VAL C 253 -0.62 19.33 -20.44
C VAL C 253 0.54 20.25 -20.85
N LYS C 254 0.33 21.55 -20.75
CA LYS C 254 1.37 22.49 -21.17
C LYS C 254 2.51 22.81 -20.21
N SER C 255 2.48 22.28 -18.99
CA SER C 255 3.57 22.59 -18.09
C SER C 255 3.81 21.57 -17.00
N ALA C 256 5.02 21.63 -16.44
CA ALA C 256 5.43 20.73 -15.38
C ALA C 256 4.59 21.06 -14.15
N ASP C 257 4.02 22.26 -14.15
CA ASP C 257 3.17 22.70 -13.06
C ASP C 257 1.85 21.96 -13.13
N GLU C 258 1.19 22.06 -14.28
CA GLU C 258 -0.10 21.41 -14.46
C GLU C 258 -0.01 19.93 -14.23
N PHE C 259 1.00 19.31 -14.82
CA PHE C 259 1.18 17.86 -14.67
C PHE C 259 1.38 17.46 -13.22
N LEU C 260 2.27 18.16 -12.55
CA LEU C 260 2.60 17.86 -11.16
C LEU C 260 1.48 18.10 -10.15
N GLU C 261 0.56 19.01 -10.44
CA GLU C 261 -0.52 19.27 -9.49
C GLU C 261 -1.73 18.40 -9.79
N LYS C 262 -1.86 18.00 -11.04
CA LYS C 262 -2.99 17.16 -11.45
C LYS C 262 -2.71 15.68 -11.16
N LEU C 263 -1.42 15.33 -11.13
CA LEU C 263 -1.01 13.96 -10.89
C LEU C 263 -1.71 13.27 -9.69
N SER C 264 -2.05 14.04 -8.66
CA SER C 264 -2.70 13.44 -7.50
C SER C 264 -4.00 12.69 -7.82
N ASP C 265 -4.60 13.00 -8.97
CA ASP C 265 -5.84 12.37 -9.39
C ASP C 265 -5.75 10.94 -9.96
N TYR C 266 -4.54 10.38 -9.99
CA TYR C 266 -4.38 9.03 -10.52
C TYR C 266 -3.56 8.19 -9.58
N ASP C 267 -3.50 8.63 -8.33
CA ASP C 267 -2.76 7.93 -7.28
C ASP C 267 -3.44 6.64 -6.88
N LYS C 268 -4.76 6.59 -7.06
CA LYS C 268 -5.56 5.43 -6.69
C LYS C 268 -5.09 4.08 -7.23
N ASP C 269 -4.88 4.01 -8.53
CA ASP C 269 -4.43 2.77 -9.15
C ASP C 269 -3.11 2.22 -8.59
N LEU C 270 -2.07 3.05 -8.58
CA LEU C 270 -0.77 2.64 -8.05
C LEU C 270 -0.82 2.29 -6.57
N THR C 271 -1.66 3.00 -5.81
CA THR C 271 -1.75 2.72 -4.39
C THR C 271 -2.47 1.42 -4.13
N GLN C 272 -3.35 1.03 -5.04
CA GLN C 272 -4.06 -0.22 -4.86
C GLN C 272 -3.11 -1.35 -5.30
N LEU C 273 -2.38 -1.11 -6.38
CA LEU C 273 -1.44 -2.09 -6.88
C LEU C 273 -0.44 -2.37 -5.76
N LYS C 274 -0.01 -1.30 -5.07
CA LYS C 274 0.93 -1.43 -3.98
C LYS C 274 0.32 -2.31 -2.88
N LYS C 275 -0.95 -2.04 -2.58
CA LYS C 275 -1.67 -2.81 -1.55
C LYS C 275 -1.74 -4.28 -1.95
N GLU C 276 -2.05 -4.56 -3.22
CA GLU C 276 -2.10 -5.94 -3.69
C GLU C 276 -0.68 -6.49 -3.56
N ALA C 277 0.29 -5.64 -3.87
CA ALA C 277 1.68 -6.04 -3.77
C ALA C 277 1.95 -6.52 -2.35
N ALA C 278 1.98 -5.58 -1.41
CA ALA C 278 2.24 -5.88 -0.01
C ALA C 278 1.59 -7.17 0.53
N THR C 279 0.40 -7.51 0.05
CA THR C 279 -0.27 -8.72 0.52
C THR C 279 0.47 -9.97 0.07
N GLU C 280 1.31 -9.82 -0.96
CA GLU C 280 2.08 -10.93 -1.49
C GLU C 280 3.50 -10.86 -0.91
N ASN C 281 3.73 -9.91 -0.02
CA ASN C 281 5.06 -9.73 0.56
C ASN C 281 5.99 -9.26 -0.54
N LYS C 282 5.40 -8.68 -1.57
CA LYS C 282 6.12 -8.15 -2.73
C LYS C 282 6.11 -6.63 -2.68
N VAL C 283 7.13 -6.01 -3.27
CA VAL C 283 7.26 -4.57 -3.34
C VAL C 283 7.27 -4.21 -4.83
N LEU C 284 7.01 -2.95 -5.17
CA LEU C 284 6.98 -2.52 -6.58
C LEU C 284 8.24 -1.76 -7.02
N ARG C 285 8.77 -2.12 -8.18
CA ARG C 285 9.97 -1.46 -8.74
C ARG C 285 9.87 -1.34 -10.25
N PHE C 286 10.46 -0.26 -10.77
CA PHE C 286 10.47 -0.02 -12.22
C PHE C 286 11.69 -0.76 -12.74
N ILE C 287 11.52 -1.66 -13.70
CA ILE C 287 12.67 -2.42 -14.19
C ILE C 287 12.81 -2.57 -15.67
N GLY C 288 14.04 -2.88 -16.06
CA GLY C 288 14.40 -3.14 -17.45
C GLY C 288 14.70 -4.62 -17.40
N LYS C 289 14.04 -5.39 -18.25
CA LYS C 289 14.24 -6.83 -18.24
C LYS C 289 14.65 -7.38 -19.60
N VAL C 290 15.44 -8.43 -19.57
CA VAL C 290 15.89 -9.05 -20.80
C VAL C 290 16.00 -10.56 -20.66
N ASP C 291 15.20 -11.28 -21.43
CA ASP C 291 15.26 -12.72 -21.41
C ASP C 291 15.76 -13.08 -22.80
N VAL C 292 17.03 -13.44 -22.89
CA VAL C 292 17.62 -13.78 -24.19
C VAL C 292 16.95 -14.97 -24.85
N ALA C 293 16.68 -16.02 -24.08
CA ALA C 293 16.04 -17.22 -24.61
C ALA C 293 14.87 -16.84 -25.51
N THR C 294 13.95 -16.06 -24.96
CA THR C 294 12.77 -15.64 -25.70
C THR C 294 12.90 -14.31 -26.47
N LYS C 295 14.09 -13.73 -26.45
CA LYS C 295 14.32 -12.47 -27.16
C LYS C 295 13.27 -11.43 -26.77
N SER C 296 12.96 -11.35 -25.49
CA SER C 296 11.99 -10.36 -25.04
C SER C 296 12.63 -9.34 -24.12
N VAL C 297 12.40 -8.08 -24.45
CA VAL C 297 12.90 -6.95 -23.70
C VAL C 297 11.65 -6.21 -23.24
N SER C 298 11.65 -5.75 -22.00
CA SER C 298 10.48 -5.05 -21.49
C SER C 298 10.85 -4.12 -20.34
N VAL C 299 10.02 -3.08 -20.16
CA VAL C 299 10.24 -2.09 -19.11
C VAL C 299 8.91 -1.78 -18.42
N GLY C 300 8.90 -1.88 -17.10
CA GLY C 300 7.67 -1.60 -16.38
C GLY C 300 7.71 -1.93 -14.90
N ILE C 301 6.58 -1.79 -14.24
CA ILE C 301 6.51 -2.08 -12.82
C ILE C 301 6.47 -3.58 -12.61
N GLU C 302 7.40 -4.09 -11.82
CA GLU C 302 7.44 -5.53 -11.54
C GLU C 302 7.38 -5.73 -10.04
N LYS C 303 6.93 -6.91 -9.63
CA LYS C 303 6.82 -7.21 -8.21
C LYS C 303 8.01 -8.01 -7.72
N TYR C 304 8.54 -7.60 -6.57
CA TYR C 304 9.68 -8.29 -5.96
C TYR C 304 9.40 -8.58 -4.47
N ASP C 305 9.69 -9.81 -4.05
CA ASP C 305 9.47 -10.19 -2.66
C ASP C 305 10.34 -9.30 -1.78
N TYR C 306 9.88 -9.04 -0.55
CA TYR C 306 10.63 -8.20 0.40
C TYR C 306 12.05 -8.74 0.56
N SER C 307 12.17 -10.06 0.49
CA SER C 307 13.44 -10.77 0.62
C SER C 307 14.40 -10.49 -0.54
N HIS C 308 13.86 -10.02 -1.66
CA HIS C 308 14.69 -9.73 -2.80
C HIS C 308 15.54 -8.49 -2.54
N PRO C 309 16.83 -8.56 -2.88
CA PRO C 309 17.76 -7.44 -2.69
C PRO C 309 17.24 -6.16 -3.31
N PHE C 310 16.49 -6.31 -4.41
CA PHE C 310 15.92 -5.17 -5.12
C PHE C 310 15.11 -4.32 -4.16
N ALA C 311 14.49 -4.99 -3.19
CA ALA C 311 13.65 -4.34 -2.18
C ALA C 311 14.41 -3.65 -1.07
N SER C 312 15.70 -3.40 -1.27
CA SER C 312 16.51 -2.75 -0.24
C SER C 312 17.53 -1.76 -0.79
N LEU C 313 17.28 -1.23 -1.98
CA LEU C 313 18.21 -0.27 -2.58
C LEU C 313 18.33 0.99 -1.74
N LYS C 314 19.47 1.67 -1.90
CA LYS C 314 19.76 2.90 -1.17
C LYS C 314 19.59 4.16 -2.02
N GLY C 315 18.93 5.16 -1.45
CA GLY C 315 18.72 6.43 -2.14
C GLY C 315 18.22 6.33 -3.58
N SER C 316 19.14 6.44 -4.52
CA SER C 316 18.79 6.37 -5.93
C SER C 316 19.73 5.44 -6.69
N ASP C 317 20.36 4.51 -5.97
CA ASP C 317 21.27 3.58 -6.61
C ASP C 317 20.60 2.77 -7.69
N ASN C 318 21.30 2.60 -8.81
CA ASN C 318 20.81 1.76 -9.89
C ASN C 318 21.23 0.36 -9.45
N VAL C 319 20.87 -0.64 -10.23
CA VAL C 319 21.24 -2.01 -9.89
C VAL C 319 21.01 -2.88 -11.09
N ILE C 320 21.88 -3.88 -11.29
CA ILE C 320 21.71 -4.80 -12.40
C ILE C 320 21.90 -6.21 -11.87
N SER C 321 21.06 -7.11 -12.36
CA SER C 321 21.11 -8.50 -11.97
C SER C 321 21.43 -9.23 -13.26
N ILE C 322 22.57 -9.91 -13.31
CA ILE C 322 22.98 -10.61 -14.50
C ILE C 322 23.13 -12.11 -14.29
N LYS C 323 22.14 -12.87 -14.73
CA LYS C 323 22.19 -14.32 -14.62
C LYS C 323 22.72 -14.82 -15.96
N THR C 324 23.74 -15.69 -15.94
CA THR C 324 24.29 -16.20 -17.19
C THR C 324 24.53 -17.70 -17.16
N LYS C 325 25.16 -18.19 -18.22
CA LYS C 325 25.49 -19.61 -18.33
C LYS C 325 26.35 -19.96 -17.12
N ARG C 326 27.48 -19.27 -16.98
CA ARG C 326 28.39 -19.50 -15.88
C ARG C 326 27.80 -19.08 -14.53
N TYR C 327 27.07 -17.97 -14.50
CA TYR C 327 26.49 -17.50 -13.24
C TYR C 327 25.03 -17.87 -13.07
N THR C 328 24.75 -19.04 -12.47
CA THR C 328 23.36 -19.44 -12.26
C THR C 328 22.78 -18.53 -11.18
N ASN C 329 23.60 -18.21 -10.19
CA ASN C 329 23.23 -17.27 -9.14
C ASN C 329 23.72 -16.01 -9.81
N PRO C 330 22.83 -15.04 -10.05
CA PRO C 330 23.13 -13.77 -10.71
C PRO C 330 24.17 -12.88 -10.08
N VAL C 331 24.87 -12.15 -10.94
CA VAL C 331 25.87 -11.19 -10.50
C VAL C 331 25.02 -9.96 -10.28
N VAL C 332 25.32 -9.17 -9.25
CA VAL C 332 24.53 -7.97 -8.98
C VAL C 332 25.39 -6.77 -8.69
N ILE C 333 25.28 -5.76 -9.54
CA ILE C 333 26.06 -4.54 -9.41
C ILE C 333 25.16 -3.35 -9.12
N GLN C 334 25.36 -2.71 -7.97
CA GLN C 334 24.54 -1.56 -7.64
C GLN C 334 25.42 -0.39 -7.25
N GLY C 335 24.83 0.82 -7.28
CA GLY C 335 25.56 2.02 -6.94
C GLY C 335 25.04 3.22 -7.71
N ALA C 336 25.53 4.41 -7.36
CA ALA C 336 25.09 5.61 -8.03
C ALA C 336 25.14 5.40 -9.53
N GLY C 337 23.99 5.56 -10.17
CA GLY C 337 23.93 5.39 -11.61
C GLY C 337 23.71 6.71 -12.31
N ALA C 338 24.06 7.79 -11.61
CA ALA C 338 23.92 9.13 -12.15
C ALA C 338 24.76 10.05 -11.28
N GLY C 339 24.96 11.29 -11.75
CA GLY C 339 25.75 12.22 -10.98
C GLY C 339 26.95 12.67 -11.78
N ALA C 340 27.18 13.96 -11.80
CA ALA C 340 28.27 14.53 -12.55
C ALA C 340 29.61 13.80 -12.35
N ALA C 341 30.21 13.92 -11.18
CA ALA C 341 31.51 13.29 -10.93
C ALA C 341 31.59 11.80 -11.24
N VAL C 342 30.70 11.03 -10.65
CA VAL C 342 30.69 9.59 -10.86
C VAL C 342 30.56 9.26 -12.34
N THR C 343 29.63 9.91 -13.02
CA THR C 343 29.40 9.71 -14.44
C THR C 343 30.63 10.11 -15.23
N ALA C 344 31.22 11.23 -14.87
CA ALA C 344 32.40 11.73 -15.54
C ALA C 344 33.56 10.78 -15.35
N ALA C 345 33.61 10.13 -14.20
CA ALA C 345 34.69 9.19 -13.90
C ALA C 345 34.67 8.01 -14.86
N GLY C 346 33.47 7.53 -15.18
CA GLY C 346 33.37 6.40 -16.09
C GLY C 346 33.83 6.80 -17.48
N VAL C 347 33.44 8.01 -17.89
CA VAL C 347 33.81 8.52 -19.21
C VAL C 347 35.32 8.55 -19.30
N LEU C 348 35.95 9.11 -18.27
CA LEU C 348 37.40 9.22 -18.23
C LEU C 348 38.00 7.82 -18.16
N GLY C 349 37.28 6.91 -17.52
CA GLY C 349 37.74 5.55 -17.42
C GLY C 349 37.82 4.96 -18.82
N ASP C 350 36.81 5.23 -19.64
CA ASP C 350 36.88 4.70 -20.98
C ASP C 350 38.00 5.39 -21.72
N VAL C 351 38.20 6.67 -21.48
CA VAL C 351 39.30 7.35 -22.16
C VAL C 351 40.62 6.66 -21.85
N ILE C 352 40.86 6.34 -20.58
CA ILE C 352 42.10 5.66 -20.23
C ILE C 352 42.18 4.33 -20.98
N LYS C 353 41.17 3.50 -20.77
CA LYS C 353 41.10 2.19 -21.42
C LYS C 353 41.44 2.29 -22.91
N ILE C 354 40.99 3.35 -23.58
CA ILE C 354 41.28 3.51 -24.99
C ILE C 354 42.74 3.84 -25.22
N ALA C 355 43.23 4.86 -24.52
CA ALA C 355 44.62 5.28 -24.64
C ALA C 355 45.58 4.12 -24.39
N GLN C 356 45.18 3.17 -23.56
CA GLN C 356 46.05 2.03 -23.25
C GLN C 356 46.26 1.20 -24.49
N ARG C 357 45.24 1.12 -25.33
CA ARG C 357 45.38 0.42 -26.60
C ARG C 357 45.90 1.58 -27.43
N LEU C 358 45.74 1.56 -28.74
CA LEU C 358 46.26 2.69 -29.49
C LEU C 358 47.77 2.72 -29.38
N SER D 1 50.29 -10.94 -40.24
CA SER D 1 49.37 -9.94 -40.86
C SER D 1 48.39 -9.27 -39.87
N THR D 2 48.24 -9.85 -38.68
CA THR D 2 47.35 -9.30 -37.64
C THR D 2 48.06 -9.22 -36.29
N LYS D 3 47.41 -8.64 -35.28
CA LYS D 3 48.02 -8.54 -33.95
C LYS D 3 48.09 -9.97 -33.38
N VAL D 4 49.28 -10.38 -32.99
CA VAL D 4 49.50 -11.70 -32.46
C VAL D 4 50.34 -11.71 -31.18
N VAL D 5 49.84 -12.42 -30.16
CA VAL D 5 50.55 -12.56 -28.89
C VAL D 5 50.73 -14.05 -28.60
N ASN D 6 51.84 -14.38 -27.96
CA ASN D 6 52.09 -15.78 -27.63
C ASN D 6 51.87 -15.98 -26.15
N VAL D 7 50.99 -16.92 -25.83
CA VAL D 7 50.61 -17.23 -24.46
C VAL D 7 51.35 -18.46 -23.93
N ALA D 8 52.01 -18.29 -22.80
CA ALA D 8 52.72 -19.41 -22.16
C ALA D 8 51.94 -19.69 -20.87
N VAL D 9 51.38 -20.90 -20.78
CA VAL D 9 50.57 -21.26 -19.63
C VAL D 9 51.22 -22.21 -18.62
N ILE D 10 51.01 -21.93 -17.34
CA ILE D 10 51.51 -22.76 -16.26
C ILE D 10 50.32 -23.09 -15.36
N GLY D 11 50.10 -24.37 -15.11
CA GLY D 11 48.99 -24.76 -14.25
C GLY D 11 47.83 -25.30 -15.05
N ALA D 12 47.50 -26.56 -14.79
CA ALA D 12 46.41 -27.22 -15.50
C ALA D 12 45.44 -27.90 -14.55
N GLY D 13 45.09 -27.21 -13.48
CA GLY D 13 44.17 -27.78 -12.53
C GLY D 13 42.75 -27.33 -12.83
N VAL D 14 41.91 -27.37 -11.80
CA VAL D 14 40.51 -26.97 -11.92
C VAL D 14 40.35 -25.69 -12.73
N VAL D 15 40.88 -24.58 -12.21
CA VAL D 15 40.79 -23.28 -12.87
C VAL D 15 41.58 -23.25 -14.17
N GLY D 16 42.81 -23.76 -14.13
CA GLY D 16 43.62 -23.77 -15.33
C GLY D 16 42.97 -24.54 -16.47
N SER D 17 42.33 -25.66 -16.14
CA SER D 17 41.67 -26.46 -17.16
C SER D 17 40.58 -25.64 -17.82
N ALA D 18 39.77 -24.94 -17.01
CA ALA D 18 38.71 -24.12 -17.58
C ALA D 18 39.37 -23.07 -18.46
N PHE D 19 40.39 -22.40 -17.91
CA PHE D 19 41.08 -21.38 -18.66
C PHE D 19 41.53 -21.89 -20.03
N LEU D 20 42.24 -23.02 -20.05
CA LEU D 20 42.72 -23.57 -21.31
C LEU D 20 41.61 -23.81 -22.32
N ASP D 21 40.46 -24.26 -21.84
CA ASP D 21 39.33 -24.49 -22.73
C ASP D 21 38.83 -23.16 -23.29
N GLN D 22 38.43 -22.27 -22.40
CA GLN D 22 37.93 -20.96 -22.82
C GLN D 22 38.88 -20.28 -23.80
N LEU D 23 40.18 -20.39 -23.55
CA LEU D 23 41.16 -19.78 -24.42
C LEU D 23 41.18 -20.40 -25.83
N LEU D 24 41.27 -21.73 -25.93
CA LEU D 24 41.32 -22.39 -27.24
C LEU D 24 40.04 -22.26 -28.09
N ALA D 25 38.93 -21.90 -27.46
CA ALA D 25 37.66 -21.77 -28.17
C ALA D 25 37.36 -20.35 -28.63
N MET D 26 38.17 -19.41 -28.17
CA MET D 26 37.98 -18.00 -28.46
C MET D 26 38.30 -17.53 -29.86
N LYS D 27 37.31 -16.90 -30.48
CA LYS D 27 37.46 -16.34 -31.82
C LYS D 27 37.70 -14.85 -31.62
N SER D 28 38.83 -14.34 -32.12
CA SER D 28 39.11 -12.92 -31.97
C SER D 28 39.94 -12.34 -33.09
N THR D 29 39.82 -11.03 -33.25
CA THR D 29 40.56 -10.30 -34.26
C THR D 29 42.04 -10.50 -33.94
N ILE D 30 42.33 -10.73 -32.66
CA ILE D 30 43.70 -10.94 -32.21
C ILE D 30 44.00 -12.43 -32.08
N THR D 31 45.20 -12.82 -32.48
CA THR D 31 45.60 -14.22 -32.42
C THR D 31 46.39 -14.55 -31.17
N TYR D 32 45.89 -15.50 -30.38
CA TYR D 32 46.58 -15.94 -29.18
C TYR D 32 47.15 -17.36 -29.38
N ASN D 33 48.45 -17.46 -29.65
CA ASN D 33 49.07 -18.79 -29.85
C ASN D 33 49.48 -19.47 -28.55
N LEU D 34 48.93 -20.66 -28.29
CA LEU D 34 49.32 -21.38 -27.08
C LEU D 34 50.73 -21.88 -27.37
N VAL D 35 51.71 -21.17 -26.83
CA VAL D 35 53.10 -21.48 -27.06
C VAL D 35 53.72 -22.43 -26.06
N LEU D 36 53.12 -22.54 -24.89
CA LEU D 36 53.65 -23.43 -23.86
C LEU D 36 52.64 -23.71 -22.76
N LEU D 37 52.60 -24.98 -22.34
CA LEU D 37 51.70 -25.42 -21.28
C LEU D 37 52.52 -26.33 -20.36
N ALA D 38 52.62 -25.95 -19.09
CA ALA D 38 53.43 -26.74 -18.18
C ALA D 38 52.86 -27.00 -16.79
N GLU D 39 52.96 -28.26 -16.37
CA GLU D 39 52.53 -28.70 -15.05
C GLU D 39 53.89 -28.87 -14.38
N ALA D 40 53.95 -29.42 -13.18
CA ALA D 40 55.24 -29.58 -12.50
C ALA D 40 56.20 -30.62 -13.10
N GLU D 41 55.67 -31.78 -13.45
CA GLU D 41 56.52 -32.85 -13.98
C GLU D 41 56.30 -33.18 -15.45
N ARG D 42 55.89 -32.20 -16.24
CA ARG D 42 55.62 -32.38 -17.67
C ARG D 42 55.22 -31.04 -18.31
N SER D 43 55.52 -30.88 -19.60
CA SER D 43 55.15 -29.65 -20.27
C SER D 43 55.02 -29.86 -21.77
N LEU D 44 54.25 -28.99 -22.41
CA LEU D 44 54.10 -28.99 -23.84
C LEU D 44 54.87 -27.73 -24.19
N ILE D 45 55.86 -27.85 -25.08
CA ILE D 45 56.66 -26.68 -25.45
C ILE D 45 56.84 -26.57 -26.96
N SER D 46 56.68 -25.36 -27.47
CA SER D 46 56.85 -25.14 -28.89
C SER D 46 58.10 -24.30 -29.12
N LYS D 47 59.20 -24.98 -29.46
CA LYS D 47 60.50 -24.33 -29.70
C LYS D 47 60.46 -23.09 -30.61
N ASP D 48 59.71 -23.14 -31.72
CA ASP D 48 59.63 -22.01 -32.65
C ASP D 48 58.37 -21.14 -32.49
N PHE D 49 57.73 -21.24 -31.33
CA PHE D 49 56.54 -20.46 -31.01
C PHE D 49 55.34 -20.58 -31.91
N SER D 50 55.28 -21.64 -32.71
CA SER D 50 54.10 -21.85 -33.54
C SER D 50 53.05 -22.36 -32.53
N PRO D 51 51.76 -22.13 -32.78
CA PRO D 51 50.83 -22.65 -31.78
C PRO D 51 50.93 -24.17 -31.67
N LEU D 52 50.77 -24.70 -30.46
CA LEU D 52 50.83 -26.14 -30.21
C LEU D 52 49.64 -26.79 -30.87
N ASN D 53 49.90 -27.77 -31.73
CA ASN D 53 48.84 -28.47 -32.45
C ASN D 53 47.97 -29.27 -31.50
N VAL D 54 47.14 -28.57 -30.73
CA VAL D 54 46.25 -29.21 -29.79
C VAL D 54 44.89 -28.56 -29.87
N GLY D 55 44.06 -29.03 -30.79
CA GLY D 55 42.73 -28.47 -30.95
C GLY D 55 42.02 -28.17 -29.64
N SER D 56 41.08 -29.03 -29.28
CA SER D 56 40.32 -28.87 -28.05
C SER D 56 40.81 -29.83 -27.00
N ASP D 57 41.64 -30.78 -27.42
CA ASP D 57 42.12 -31.79 -26.51
C ASP D 57 43.58 -31.64 -26.14
N TRP D 58 43.83 -30.79 -25.15
CA TRP D 58 45.18 -30.53 -24.64
C TRP D 58 45.53 -31.48 -23.51
N LYS D 59 44.55 -31.86 -22.70
CA LYS D 59 44.80 -32.79 -21.60
C LYS D 59 45.48 -34.05 -22.14
N ALA D 60 45.01 -34.53 -23.29
CA ALA D 60 45.60 -35.74 -23.86
C ALA D 60 47.05 -35.48 -24.23
N ALA D 61 47.30 -34.37 -24.89
CA ALA D 61 48.66 -34.04 -25.30
C ALA D 61 49.55 -33.78 -24.09
N LEU D 62 49.03 -33.05 -23.12
CA LEU D 62 49.81 -32.75 -21.92
C LEU D 62 50.16 -34.04 -21.18
N ALA D 63 49.16 -34.88 -20.93
CA ALA D 63 49.40 -36.15 -20.24
C ALA D 63 50.40 -37.02 -20.98
N ALA D 64 50.41 -36.93 -22.31
CA ALA D 64 51.31 -37.73 -23.11
C ALA D 64 52.71 -37.15 -23.26
N SER D 65 52.90 -35.92 -22.79
CA SER D 65 54.22 -35.31 -22.90
C SER D 65 55.23 -35.97 -21.96
N THR D 66 56.43 -36.18 -22.48
CA THR D 66 57.50 -36.79 -21.72
C THR D 66 58.56 -35.73 -21.36
N THR D 67 58.47 -34.58 -22.03
CA THR D 67 59.39 -33.46 -21.84
C THR D 67 59.26 -32.80 -20.49
N LYS D 68 60.34 -32.82 -19.72
CA LYS D 68 60.34 -32.24 -18.39
C LYS D 68 60.15 -30.71 -18.38
N THR D 69 59.53 -30.20 -17.32
CA THR D 69 59.26 -28.77 -17.19
C THR D 69 60.51 -27.95 -16.91
N LEU D 70 60.71 -26.91 -17.72
CA LEU D 70 61.88 -26.03 -17.59
C LEU D 70 62.01 -25.26 -16.28
N PRO D 71 63.25 -25.06 -15.81
CA PRO D 71 63.47 -24.31 -14.58
C PRO D 71 63.02 -22.89 -14.94
N LEU D 72 62.37 -22.19 -14.02
CA LEU D 72 61.90 -20.86 -14.32
C LEU D 72 62.92 -19.93 -15.00
N ASP D 73 64.15 -19.86 -14.48
CA ASP D 73 65.17 -19.02 -15.10
C ASP D 73 65.31 -19.40 -16.58
N ASP D 74 65.25 -20.69 -16.88
CA ASP D 74 65.34 -21.18 -18.26
C ASP D 74 64.07 -20.87 -19.03
N LEU D 75 62.93 -20.97 -18.35
CA LEU D 75 61.65 -20.68 -18.98
C LEU D 75 61.67 -19.23 -19.43
N ILE D 76 62.30 -18.39 -18.62
CA ILE D 76 62.42 -16.98 -18.93
C ILE D 76 63.42 -16.82 -20.07
N ALA D 77 64.54 -17.52 -19.96
CA ALA D 77 65.55 -17.46 -21.00
C ALA D 77 64.87 -17.73 -22.33
N HIS D 78 64.14 -18.84 -22.36
CA HIS D 78 63.41 -19.25 -23.56
C HIS D 78 62.37 -18.22 -23.96
N LEU D 79 61.51 -17.82 -23.02
CA LEU D 79 60.47 -16.84 -23.37
C LEU D 79 61.00 -15.56 -23.98
N LYS D 80 62.21 -15.13 -23.59
CA LYS D 80 62.77 -13.90 -24.14
C LYS D 80 63.05 -14.01 -25.63
N THR D 81 63.13 -15.23 -26.13
CA THR D 81 63.42 -15.43 -27.54
C THR D 81 62.20 -15.39 -28.46
N SER D 82 61.01 -15.25 -27.88
CA SER D 82 59.79 -15.21 -28.68
C SER D 82 59.74 -14.08 -29.70
N PRO D 83 59.31 -14.40 -30.93
CA PRO D 83 59.20 -13.47 -32.05
C PRO D 83 58.07 -12.50 -31.84
N LYS D 84 57.17 -12.83 -30.91
CA LYS D 84 56.02 -11.98 -30.64
C LYS D 84 55.90 -11.67 -29.15
N PRO D 85 55.09 -10.65 -28.80
CA PRO D 85 54.95 -10.31 -27.38
C PRO D 85 54.47 -11.55 -26.62
N VAL D 86 54.97 -11.75 -25.40
CA VAL D 86 54.60 -12.91 -24.61
C VAL D 86 53.82 -12.56 -23.35
N ILE D 87 52.73 -13.29 -23.14
CA ILE D 87 51.89 -13.14 -21.95
C ILE D 87 51.98 -14.44 -21.15
N LEU D 88 52.50 -14.36 -19.94
CA LEU D 88 52.61 -15.54 -19.07
C LEU D 88 51.35 -15.66 -18.21
N VAL D 89 50.82 -16.88 -18.09
CA VAL D 89 49.61 -17.11 -17.32
C VAL D 89 49.82 -18.18 -16.25
N ASP D 90 50.01 -17.73 -15.01
CA ASP D 90 50.25 -18.64 -13.91
C ASP D 90 48.97 -19.07 -13.18
N ASN D 91 48.43 -20.22 -13.52
CA ASN D 91 47.20 -20.69 -12.88
C ASN D 91 47.47 -21.59 -11.68
N THR D 92 48.46 -21.21 -10.90
CA THR D 92 48.83 -21.98 -9.73
C THR D 92 48.71 -21.11 -8.49
N SER D 93 48.94 -21.74 -7.34
CA SER D 93 48.92 -21.04 -6.06
C SER D 93 50.33 -21.19 -5.54
N SER D 94 51.26 -21.41 -6.46
CA SER D 94 52.66 -21.58 -6.11
C SER D 94 53.37 -20.29 -5.69
N ALA D 95 53.95 -20.31 -4.49
CA ALA D 95 54.66 -19.15 -4.01
C ALA D 95 56.00 -19.11 -4.75
N TYR D 96 56.48 -20.29 -5.09
CA TYR D 96 57.74 -20.42 -5.81
C TYR D 96 57.68 -19.60 -7.09
N ILE D 97 56.70 -19.92 -7.94
CA ILE D 97 56.53 -19.21 -9.20
C ILE D 97 56.31 -17.72 -8.93
N ALA D 98 55.48 -17.43 -7.94
CA ALA D 98 55.20 -16.05 -7.59
C ALA D 98 56.51 -15.30 -7.40
N GLY D 99 57.47 -15.96 -6.76
CA GLY D 99 58.76 -15.34 -6.51
C GLY D 99 59.54 -14.95 -7.76
N PHE D 100 59.06 -15.37 -8.93
CA PHE D 100 59.73 -15.05 -10.18
C PHE D 100 59.05 -13.93 -10.98
N TYR D 101 57.87 -13.47 -10.54
CA TYR D 101 57.18 -12.43 -11.28
C TYR D 101 58.06 -11.25 -11.67
N THR D 102 58.87 -10.78 -10.73
CA THR D 102 59.74 -9.64 -11.00
C THR D 102 60.67 -9.89 -12.17
N LYS D 103 61.30 -11.07 -12.19
CA LYS D 103 62.20 -11.40 -13.30
C LYS D 103 61.41 -11.34 -14.59
N PHE D 104 60.27 -12.04 -14.60
CA PHE D 104 59.40 -12.07 -15.76
C PHE D 104 59.13 -10.67 -16.26
N VAL D 105 58.50 -9.87 -15.40
CA VAL D 105 58.13 -8.50 -15.70
C VAL D 105 59.32 -7.66 -16.18
N GLU D 106 60.44 -7.73 -15.48
CA GLU D 106 61.62 -6.94 -15.85
C GLU D 106 62.24 -7.33 -17.18
N ASN D 107 61.88 -8.51 -17.70
CA ASN D 107 62.40 -8.96 -18.99
C ASN D 107 61.37 -8.88 -20.12
N GLY D 108 60.37 -8.00 -19.94
CA GLY D 108 59.34 -7.77 -20.94
C GLY D 108 58.22 -8.79 -21.08
N ILE D 109 58.00 -9.61 -20.06
CA ILE D 109 56.96 -10.60 -20.11
C ILE D 109 55.78 -10.21 -19.23
N SER D 110 54.57 -10.22 -19.81
CA SER D 110 53.40 -9.86 -19.04
C SER D 110 52.88 -11.00 -18.18
N ILE D 111 52.09 -10.68 -17.17
CA ILE D 111 51.52 -11.68 -16.30
C ILE D 111 50.01 -11.48 -16.12
N ALA D 112 49.29 -12.59 -16.24
CA ALA D 112 47.84 -12.66 -16.09
C ALA D 112 47.67 -13.82 -15.12
N THR D 113 46.95 -13.61 -14.02
CA THR D 113 46.84 -14.70 -13.05
C THR D 113 45.80 -14.63 -11.93
N PRO D 114 45.43 -15.80 -11.39
CA PRO D 114 44.47 -15.90 -10.30
C PRO D 114 45.26 -16.21 -9.00
N ASN D 115 46.60 -16.27 -9.11
CA ASN D 115 47.46 -16.55 -7.96
C ASN D 115 47.64 -15.31 -7.10
N LYS D 116 47.27 -15.42 -5.83
CA LYS D 116 47.33 -14.32 -4.88
C LYS D 116 48.69 -14.07 -4.25
N LYS D 117 49.54 -15.09 -4.22
CA LYS D 117 50.86 -14.99 -3.60
C LYS D 117 51.68 -13.74 -3.87
N ALA D 118 52.10 -13.56 -5.11
CA ALA D 118 52.91 -12.41 -5.45
C ALA D 118 52.33 -11.08 -5.02
N PHE D 119 51.01 -11.02 -4.82
CA PHE D 119 50.37 -9.76 -4.44
C PHE D 119 50.03 -9.68 -2.97
N SER D 120 50.07 -10.83 -2.29
CA SER D 120 49.77 -10.89 -0.87
C SER D 120 51.04 -11.18 -0.07
N SER D 121 52.17 -10.75 -0.61
CA SER D 121 53.47 -10.93 0.02
C SER D 121 53.96 -9.56 0.54
N ASP D 122 55.28 -9.35 0.55
CA ASP D 122 55.87 -8.10 1.05
C ASP D 122 55.64 -6.88 0.16
N LEU D 123 55.63 -5.71 0.79
CA LEU D 123 55.45 -4.46 0.08
C LEU D 123 56.48 -4.26 -1.01
N ALA D 124 57.73 -4.59 -0.70
CA ALA D 124 58.83 -4.44 -1.64
C ALA D 124 58.51 -5.06 -3.00
N THR D 125 58.04 -6.30 -2.97
CA THR D 125 57.69 -7.00 -4.21
C THR D 125 56.43 -6.41 -4.84
N TRP D 126 55.48 -5.99 -4.01
CA TRP D 126 54.26 -5.39 -4.55
C TRP D 126 54.64 -4.16 -5.40
N LYS D 127 55.47 -3.29 -4.86
CA LYS D 127 55.90 -2.08 -5.58
C LYS D 127 56.69 -2.41 -6.84
N ALA D 128 57.58 -3.40 -6.73
CA ALA D 128 58.42 -3.81 -7.85
C ALA D 128 57.62 -4.34 -9.03
N LEU D 129 56.42 -4.85 -8.75
CA LEU D 129 55.57 -5.38 -9.79
C LEU D 129 54.71 -4.33 -10.48
N PHE D 130 54.43 -3.21 -9.79
CA PHE D 130 53.58 -2.18 -10.39
C PHE D 130 54.27 -0.84 -10.62
N SER D 131 55.59 -0.86 -10.76
CA SER D 131 56.34 0.38 -10.97
C SER D 131 56.12 0.95 -12.37
N ASN D 132 55.39 0.22 -13.20
CA ASN D 132 55.11 0.66 -14.57
C ASN D 132 56.34 1.20 -15.30
N LYS D 133 57.43 0.44 -15.30
CA LYS D 133 58.63 0.85 -16.01
C LYS D 133 58.42 0.43 -17.46
N PRO D 134 58.78 1.29 -18.41
CA PRO D 134 58.64 1.03 -19.85
C PRO D 134 59.06 -0.36 -20.35
N THR D 135 60.16 -0.89 -19.84
CA THR D 135 60.63 -2.20 -20.26
C THR D 135 59.91 -3.36 -19.58
N ASN D 136 59.17 -3.06 -18.53
CA ASN D 136 58.46 -4.11 -17.82
C ASN D 136 57.19 -4.55 -18.54
N GLY D 137 56.82 -5.80 -18.34
CA GLY D 137 55.61 -6.32 -18.95
C GLY D 137 54.46 -5.91 -18.04
N PHE D 138 53.24 -6.19 -18.47
CA PHE D 138 52.06 -5.85 -17.70
C PHE D 138 51.76 -6.91 -16.65
N VAL D 139 51.15 -6.50 -15.55
CA VAL D 139 50.80 -7.44 -14.49
C VAL D 139 49.34 -7.32 -14.07
N TYR D 140 48.53 -8.31 -14.43
CA TYR D 140 47.11 -8.32 -14.08
C TYR D 140 46.79 -9.50 -13.17
N HIS D 141 45.89 -9.27 -12.21
CA HIS D 141 45.50 -10.31 -11.26
C HIS D 141 44.04 -10.16 -10.86
N GLU D 142 43.20 -9.86 -11.84
CA GLU D 142 41.77 -9.69 -11.59
C GLU D 142 41.20 -10.85 -10.77
N ALA D 143 41.49 -12.09 -11.16
CA ALA D 143 40.97 -13.27 -10.47
C ALA D 143 41.46 -13.45 -9.04
N THR D 144 42.21 -12.50 -8.54
CA THR D 144 42.69 -12.59 -7.18
C THR D 144 41.66 -12.12 -6.16
N VAL D 145 40.72 -11.29 -6.60
CA VAL D 145 39.68 -10.80 -5.70
C VAL D 145 38.32 -10.93 -6.36
N GLY D 146 37.39 -11.62 -5.70
CA GLY D 146 36.06 -11.79 -6.27
C GLY D 146 36.10 -12.53 -7.59
N ALA D 147 37.17 -13.28 -7.80
CA ALA D 147 37.33 -14.06 -9.00
C ALA D 147 37.08 -13.20 -10.25
N GLY D 148 36.10 -13.59 -11.07
CA GLY D 148 35.81 -12.86 -12.29
C GLY D 148 35.16 -11.51 -12.15
N LEU D 149 34.70 -11.16 -10.95
CA LEU D 149 34.07 -9.86 -10.71
C LEU D 149 35.08 -8.74 -10.95
N PRO D 150 34.64 -7.63 -11.54
CA PRO D 150 35.47 -6.46 -11.85
C PRO D 150 36.02 -5.64 -10.68
N ILE D 151 36.28 -6.27 -9.54
CA ILE D 151 36.77 -5.52 -8.38
C ILE D 151 38.05 -4.73 -8.57
N ILE D 152 39.13 -5.42 -8.92
CA ILE D 152 40.41 -4.76 -9.11
C ILE D 152 40.45 -3.74 -10.25
N SER D 153 40.02 -4.14 -11.44
CA SER D 153 40.00 -3.20 -12.55
C SER D 153 39.23 -1.93 -12.17
N PHE D 154 38.05 -2.11 -11.55
CA PHE D 154 37.22 -0.99 -11.14
C PHE D 154 37.94 -0.08 -10.14
N LEU D 155 38.51 -0.67 -9.09
CA LEU D 155 39.24 0.10 -8.10
C LEU D 155 40.41 0.86 -8.73
N ARG D 156 41.11 0.20 -9.64
CA ARG D 156 42.24 0.83 -10.31
C ARG D 156 41.78 1.97 -11.21
N GLU D 157 40.59 1.84 -11.77
CA GLU D 157 40.10 2.86 -12.67
C GLU D 157 39.64 4.13 -11.95
N ILE D 158 38.79 4.01 -10.95
CA ILE D 158 38.30 5.20 -10.28
C ILE D 158 39.41 5.93 -9.54
N ILE D 159 40.39 5.20 -9.05
CA ILE D 159 41.51 5.81 -8.35
C ILE D 159 42.31 6.66 -9.35
N GLN D 160 42.55 6.12 -10.55
CA GLN D 160 43.29 6.86 -11.57
C GLN D 160 42.61 8.18 -11.98
N THR D 161 41.28 8.18 -12.09
CA THR D 161 40.55 9.39 -12.49
C THR D 161 40.56 10.45 -11.41
N GLY D 162 40.84 10.05 -10.18
CA GLY D 162 40.85 11.02 -9.10
C GLY D 162 40.03 10.68 -7.88
N ASP D 163 39.33 9.55 -7.88
CA ASP D 163 38.54 9.16 -6.73
C ASP D 163 39.45 8.66 -5.60
N GLU D 164 38.89 8.59 -4.39
CA GLU D 164 39.65 8.16 -3.22
C GLU D 164 38.84 7.14 -2.41
N VAL D 165 39.39 5.95 -2.20
CA VAL D 165 38.67 4.93 -1.44
C VAL D 165 38.75 5.26 0.04
N GLU D 166 37.61 5.21 0.72
CA GLU D 166 37.56 5.52 2.13
C GLU D 166 37.36 4.27 2.97
N LYS D 167 36.48 3.38 2.55
CA LYS D 167 36.26 2.14 3.29
C LYS D 167 35.89 0.99 2.37
N ILE D 168 36.47 -0.17 2.65
CA ILE D 168 36.19 -1.38 1.90
C ILE D 168 35.62 -2.37 2.93
N GLU D 169 34.63 -3.13 2.50
CA GLU D 169 33.99 -4.11 3.38
C GLU D 169 33.44 -5.20 2.47
N GLY D 170 33.62 -6.46 2.86
CA GLY D 170 33.11 -7.53 2.03
C GLY D 170 33.44 -8.96 2.46
N ILE D 171 32.88 -9.90 1.71
CA ILE D 171 33.08 -11.32 1.95
C ILE D 171 33.92 -11.82 0.77
N PHE D 172 35.10 -12.36 1.04
CA PHE D 172 36.00 -12.79 -0.03
C PHE D 172 36.35 -14.28 -0.05
N SER D 173 35.46 -15.11 0.46
CA SER D 173 35.72 -16.55 0.48
C SER D 173 34.48 -17.23 -0.02
N GLY D 174 34.64 -18.06 -1.05
CA GLY D 174 33.50 -18.76 -1.58
C GLY D 174 32.98 -19.73 -0.55
N THR D 175 33.90 -20.52 0.01
CA THR D 175 33.56 -21.51 1.02
C THR D 175 32.97 -20.92 2.28
N LEU D 176 33.58 -19.84 2.80
CA LEU D 176 33.05 -19.26 4.01
C LEU D 176 31.71 -18.60 3.75
N SER D 177 31.62 -17.79 2.71
CA SER D 177 30.35 -17.18 2.38
C SER D 177 29.27 -18.27 2.34
N TYR D 178 29.51 -19.31 1.56
CA TYR D 178 28.57 -20.41 1.41
C TYR D 178 28.08 -20.86 2.77
N ILE D 179 29.03 -21.26 3.61
CA ILE D 179 28.73 -21.74 4.95
C ILE D 179 27.83 -20.79 5.74
N PHE D 180 28.22 -19.52 5.83
CA PHE D 180 27.41 -18.57 6.60
C PHE D 180 26.07 -18.25 5.98
N ASN D 181 26.00 -18.28 4.66
CA ASN D 181 24.73 -18.03 4.00
C ASN D 181 23.75 -19.17 4.32
N GLU D 182 24.30 -20.35 4.62
CA GLU D 182 23.49 -21.52 4.94
C GLU D 182 23.32 -21.69 6.46
N PHE D 183 24.23 -21.09 7.21
CA PHE D 183 24.21 -21.19 8.65
C PHE D 183 23.44 -20.06 9.33
N SER D 184 23.69 -18.83 8.93
CA SER D 184 23.01 -17.69 9.53
C SER D 184 22.10 -17.01 8.51
N THR D 185 20.89 -16.69 8.95
CA THR D 185 19.90 -16.07 8.10
C THR D 185 18.85 -15.35 8.95
N SER D 186 17.82 -14.79 8.32
CA SER D 186 16.78 -14.08 9.07
C SER D 186 15.77 -15.07 9.65
N GLN D 187 15.95 -16.34 9.31
CA GLN D 187 15.06 -17.36 9.82
C GLN D 187 15.72 -18.11 10.96
N ALA D 188 15.25 -17.89 12.17
CA ALA D 188 15.80 -18.56 13.34
C ALA D 188 15.87 -20.03 12.97
N ASN D 189 17.08 -20.52 12.77
CA ASN D 189 17.30 -21.89 12.36
C ASN D 189 18.08 -22.65 13.43
N ASP D 190 18.00 -23.98 13.36
CA ASP D 190 18.70 -24.83 14.30
C ASP D 190 19.90 -25.50 13.66
N VAL D 191 20.29 -25.02 12.48
CA VAL D 191 21.44 -25.57 11.78
C VAL D 191 22.65 -25.31 12.65
N LYS D 192 23.55 -26.27 12.67
CA LYS D 192 24.77 -26.15 13.45
C LYS D 192 25.91 -25.93 12.49
N PHE D 193 26.86 -25.08 12.87
CA PHE D 193 28.01 -24.77 12.03
C PHE D 193 28.61 -26.00 11.36
N SER D 194 28.98 -26.97 12.19
CA SER D 194 29.60 -28.19 11.70
C SER D 194 28.78 -28.91 10.65
N ASP D 195 27.46 -28.87 10.76
CA ASP D 195 26.68 -29.56 9.77
C ASP D 195 26.89 -28.97 8.39
N VAL D 196 26.74 -27.65 8.28
CA VAL D 196 26.91 -27.01 6.98
C VAL D 196 28.36 -27.08 6.48
N VAL D 197 29.32 -27.27 7.38
CA VAL D 197 30.70 -27.40 6.93
C VAL D 197 30.81 -28.81 6.35
N LYS D 198 30.04 -29.74 6.92
CA LYS D 198 30.07 -31.12 6.45
C LYS D 198 29.50 -31.23 5.06
N VAL D 199 28.38 -30.55 4.81
CA VAL D 199 27.77 -30.58 3.49
C VAL D 199 28.66 -29.89 2.48
N ALA D 200 29.30 -28.80 2.92
CA ALA D 200 30.21 -28.05 2.06
C ALA D 200 31.35 -28.99 1.63
N LYS D 201 31.69 -29.93 2.50
CA LYS D 201 32.72 -30.91 2.20
C LYS D 201 32.16 -31.96 1.23
N LYS D 202 30.94 -32.41 1.47
CA LYS D 202 30.32 -33.43 0.59
C LYS D 202 30.12 -32.87 -0.83
N LEU D 203 29.64 -31.63 -0.91
CA LEU D 203 29.37 -30.98 -2.18
C LEU D 203 30.60 -30.44 -2.91
N GLY D 204 31.79 -30.64 -2.35
CA GLY D 204 33.00 -30.15 -2.98
C GLY D 204 33.24 -28.65 -2.84
N TYR D 205 32.37 -27.96 -2.12
CA TYR D 205 32.50 -26.52 -1.93
C TYR D 205 33.62 -26.17 -0.94
N THR D 206 34.52 -27.11 -0.68
CA THR D 206 35.59 -26.86 0.29
C THR D 206 36.94 -27.48 -0.08
N GLU D 207 38.02 -26.88 0.39
CA GLU D 207 39.35 -27.43 0.16
C GLU D 207 39.34 -28.84 0.71
N PRO D 208 40.38 -29.65 0.44
CA PRO D 208 40.38 -31.01 0.98
C PRO D 208 40.26 -31.01 2.50
N ASP D 209 41.07 -30.19 3.16
CA ASP D 209 41.02 -30.08 4.61
C ASP D 209 40.29 -28.76 4.85
N PRO D 210 39.05 -28.82 5.36
CA PRO D 210 38.28 -27.60 5.61
C PRO D 210 38.97 -26.62 6.56
N ARG D 211 40.09 -27.04 7.15
CA ARG D 211 40.82 -26.13 8.03
C ARG D 211 41.46 -25.12 7.10
N ASP D 212 41.78 -25.55 5.89
CA ASP D 212 42.40 -24.70 4.89
C ASP D 212 41.51 -23.53 4.51
N ASP D 213 40.21 -23.65 4.82
CA ASP D 213 39.25 -22.60 4.53
C ASP D 213 38.83 -21.84 5.79
N LEU D 214 38.69 -22.56 6.89
CA LEU D 214 38.27 -21.96 8.15
C LEU D 214 39.36 -21.17 8.87
N ASN D 215 40.58 -21.15 8.33
CA ASN D 215 41.66 -20.41 8.98
C ASN D 215 41.67 -18.92 8.61
N GLY D 216 40.92 -18.52 7.59
CA GLY D 216 40.86 -17.12 7.19
C GLY D 216 41.98 -16.60 6.31
N LEU D 217 43.08 -17.33 6.25
CA LEU D 217 44.23 -16.91 5.43
C LEU D 217 43.89 -16.47 4.00
N ASP D 218 42.99 -17.19 3.35
CA ASP D 218 42.60 -16.83 1.99
C ASP D 218 42.06 -15.40 1.99
N VAL D 219 41.15 -15.13 2.91
CA VAL D 219 40.53 -13.81 3.00
C VAL D 219 41.56 -12.74 3.38
N ALA D 220 42.47 -13.10 4.26
CA ALA D 220 43.51 -12.17 4.68
C ALA D 220 44.35 -11.69 3.48
N ARG D 221 44.62 -12.58 2.53
CA ARG D 221 45.43 -12.20 1.38
C ARG D 221 44.67 -11.27 0.45
N LYS D 222 43.37 -11.54 0.24
CA LYS D 222 42.59 -10.70 -0.65
C LYS D 222 42.46 -9.28 -0.10
N VAL D 223 42.30 -9.15 1.21
CA VAL D 223 42.17 -7.84 1.87
C VAL D 223 43.51 -7.09 1.89
N THR D 224 44.60 -7.83 1.85
CA THR D 224 45.91 -7.24 1.84
C THR D 224 46.08 -6.63 0.45
N ILE D 225 45.46 -7.27 -0.52
CA ILE D 225 45.52 -6.82 -1.90
C ILE D 225 44.63 -5.61 -2.15
N VAL D 226 43.38 -5.68 -1.68
CA VAL D 226 42.48 -4.57 -1.88
C VAL D 226 42.97 -3.43 -1.00
N GLY D 227 43.52 -3.79 0.15
CA GLY D 227 44.03 -2.81 1.09
C GLY D 227 45.13 -1.96 0.51
N ARG D 228 46.04 -2.61 -0.22
CA ARG D 228 47.13 -1.91 -0.84
C ARG D 228 46.62 -1.03 -1.97
N ILE D 229 45.75 -1.59 -2.82
CA ILE D 229 45.20 -0.82 -3.93
C ILE D 229 44.62 0.49 -3.41
N SER D 230 43.95 0.42 -2.27
CA SER D 230 43.33 1.60 -1.68
C SER D 230 44.33 2.60 -1.06
N GLY D 231 45.61 2.22 -1.02
CA GLY D 231 46.60 3.14 -0.48
C GLY D 231 46.94 2.94 0.99
N VAL D 232 46.79 1.70 1.46
CA VAL D 232 47.07 1.36 2.84
C VAL D 232 48.17 0.31 2.80
N GLU D 233 49.41 0.74 3.01
CA GLU D 233 50.57 -0.14 2.97
C GLU D 233 50.47 -1.33 3.92
N VAL D 234 49.58 -2.28 3.62
CA VAL D 234 49.43 -3.46 4.46
C VAL D 234 50.74 -4.22 4.38
N GLU D 235 51.35 -4.47 5.54
CA GLU D 235 52.63 -5.17 5.60
C GLU D 235 52.53 -6.57 5.01
N SER D 236 51.61 -7.37 5.55
CA SER D 236 51.42 -8.74 5.10
C SER D 236 50.11 -9.25 5.69
N PRO D 237 49.68 -10.46 5.28
CA PRO D 237 48.44 -11.08 5.76
C PRO D 237 48.47 -11.44 7.25
N THR D 238 49.65 -11.45 7.86
CA THR D 238 49.78 -11.80 9.27
C THR D 238 49.87 -10.51 10.10
N SER D 239 50.14 -9.43 9.38
CA SER D 239 50.33 -8.12 9.99
C SER D 239 49.09 -7.48 10.63
N PHE D 240 47.91 -8.06 10.43
CA PHE D 240 46.68 -7.48 11.01
C PHE D 240 45.75 -8.54 11.60
N PRO D 241 44.76 -8.11 12.40
CA PRO D 241 43.80 -9.03 13.03
C PRO D 241 42.96 -9.85 12.04
N VAL D 242 42.99 -11.17 12.21
CA VAL D 242 42.26 -12.11 11.36
C VAL D 242 41.70 -13.22 12.27
N GLN D 243 40.38 -13.40 12.26
CA GLN D 243 39.74 -14.39 13.11
C GLN D 243 39.55 -15.77 12.53
N SER D 244 40.17 -16.76 13.17
CA SER D 244 40.08 -18.14 12.72
C SER D 244 38.83 -18.86 13.20
N LEU D 245 38.20 -19.58 12.28
CA LEU D 245 37.00 -20.33 12.60
C LEU D 245 37.37 -21.75 12.98
N ILE D 246 38.67 -22.03 13.08
CA ILE D 246 39.12 -23.36 13.47
C ILE D 246 39.20 -23.39 14.98
N PRO D 247 38.41 -24.26 15.63
CA PRO D 247 38.44 -24.36 17.10
C PRO D 247 39.87 -24.66 17.53
N LYS D 248 40.37 -24.00 18.57
CA LYS D 248 41.74 -24.24 19.00
C LYS D 248 42.11 -25.72 19.16
N PRO D 249 41.31 -26.48 19.94
CA PRO D 249 41.60 -27.91 20.15
C PRO D 249 41.81 -28.74 18.87
N LEU D 250 41.18 -28.34 17.77
CA LEU D 250 41.30 -29.09 16.53
C LEU D 250 42.40 -28.61 15.61
N GLU D 251 43.16 -27.61 16.04
CA GLU D 251 44.27 -27.15 15.22
C GLU D 251 45.25 -28.30 15.37
N SER D 252 46.18 -28.39 14.45
CA SER D 252 47.18 -29.44 14.46
C SER D 252 46.76 -30.91 14.70
N VAL D 253 45.46 -31.22 14.71
CA VAL D 253 45.10 -32.64 14.80
C VAL D 253 45.49 -32.95 13.37
N LYS D 254 46.04 -34.12 13.07
CA LYS D 254 46.46 -34.31 11.69
C LYS D 254 45.47 -34.86 10.67
N SER D 255 44.68 -35.87 11.03
CA SER D 255 43.73 -36.41 10.08
C SER D 255 42.65 -35.38 9.77
N ALA D 256 42.47 -35.05 8.49
CA ALA D 256 41.46 -34.07 8.12
C ALA D 256 40.08 -34.61 8.46
N ASP D 257 39.85 -35.89 8.23
CA ASP D 257 38.56 -36.49 8.54
C ASP D 257 38.32 -36.42 10.04
N GLU D 258 39.39 -36.53 10.83
CA GLU D 258 39.25 -36.48 12.27
C GLU D 258 38.75 -35.08 12.64
N PHE D 259 39.38 -34.07 12.05
CA PHE D 259 38.97 -32.70 12.31
C PHE D 259 37.47 -32.52 12.11
N LEU D 260 36.98 -32.99 10.98
CA LEU D 260 35.57 -32.87 10.66
C LEU D 260 34.75 -33.70 11.64
N GLU D 261 35.22 -34.90 11.94
CA GLU D 261 34.53 -35.78 12.86
C GLU D 261 34.23 -35.09 14.20
N LYS D 262 35.23 -34.40 14.74
CA LYS D 262 35.09 -33.73 16.03
C LYS D 262 34.56 -32.29 15.99
N LEU D 263 34.52 -31.68 14.81
CA LEU D 263 34.07 -30.30 14.68
C LEU D 263 32.75 -29.97 15.39
N SER D 264 31.85 -30.94 15.46
CA SER D 264 30.55 -30.74 16.11
C SER D 264 30.64 -30.55 17.61
N ASP D 265 31.77 -30.93 18.20
CA ASP D 265 31.95 -30.78 19.64
C ASP D 265 32.13 -29.31 20.02
N TYR D 266 32.15 -28.44 19.03
CA TYR D 266 32.35 -27.03 19.30
C TYR D 266 31.29 -26.13 18.67
N ASP D 267 30.13 -26.69 18.38
CA ASP D 267 29.04 -25.94 17.77
C ASP D 267 28.41 -24.91 18.67
N LYS D 268 28.53 -25.10 19.97
CA LYS D 268 27.95 -24.22 20.98
C LYS D 268 28.25 -22.74 20.83
N ASP D 269 29.51 -22.41 20.58
CA ASP D 269 29.89 -21.00 20.47
C ASP D 269 29.17 -20.25 19.37
N LEU D 270 29.25 -20.73 18.14
CA LEU D 270 28.59 -20.04 17.05
C LEU D 270 27.06 -20.03 17.13
N THR D 271 26.44 -21.11 17.59
CA THR D 271 24.98 -21.11 17.73
C THR D 271 24.61 -19.98 18.69
N GLN D 272 25.34 -19.90 19.80
CA GLN D 272 25.10 -18.86 20.80
C GLN D 272 25.36 -17.51 20.17
N LEU D 273 26.40 -17.44 19.34
CA LEU D 273 26.74 -16.19 18.68
C LEU D 273 25.67 -15.86 17.62
N LYS D 274 25.14 -16.89 16.97
CA LYS D 274 24.10 -16.70 15.96
C LYS D 274 22.82 -16.22 16.61
N LYS D 275 22.45 -16.84 17.74
CA LYS D 275 21.25 -16.46 18.48
C LYS D 275 21.33 -15.04 19.03
N GLU D 276 22.54 -14.60 19.37
CA GLU D 276 22.68 -13.24 19.88
C GLU D 276 22.39 -12.29 18.72
N ALA D 277 23.21 -12.37 17.68
CA ALA D 277 23.03 -11.50 16.51
C ALA D 277 21.56 -11.30 16.18
N ALA D 278 20.79 -12.38 16.18
CA ALA D 278 19.36 -12.29 15.87
C ALA D 278 18.62 -11.43 16.89
N THR D 279 19.23 -11.23 18.06
CA THR D 279 18.61 -10.41 19.10
C THR D 279 18.62 -8.97 18.63
N GLU D 280 19.35 -8.73 17.56
CA GLU D 280 19.44 -7.39 16.98
C GLU D 280 19.00 -7.46 15.53
N ASN D 281 18.27 -8.53 15.20
CA ASN D 281 17.80 -8.72 13.84
C ASN D 281 18.98 -8.70 12.87
N LYS D 282 20.08 -9.32 13.29
CA LYS D 282 21.28 -9.38 12.47
C LYS D 282 21.80 -10.79 12.27
N VAL D 283 22.40 -11.03 11.11
CA VAL D 283 22.96 -12.33 10.77
C VAL D 283 24.46 -12.26 10.92
N LEU D 284 25.09 -13.43 10.99
CA LEU D 284 26.54 -13.53 11.14
C LEU D 284 27.23 -13.84 9.83
N ARG D 285 28.36 -13.19 9.58
CA ARG D 285 29.13 -13.49 8.38
C ARG D 285 30.55 -12.97 8.38
N PHE D 286 31.42 -13.80 7.84
CA PHE D 286 32.84 -13.55 7.74
C PHE D 286 33.12 -12.50 6.68
N ILE D 287 33.71 -11.38 7.09
CA ILE D 287 33.98 -10.33 6.14
C ILE D 287 35.42 -9.88 6.27
N GLY D 288 35.83 -9.05 5.33
CA GLY D 288 37.16 -8.49 5.35
C GLY D 288 36.84 -7.01 5.38
N LYS D 289 37.76 -6.18 5.84
CA LYS D 289 37.45 -4.75 5.89
C LYS D 289 38.65 -3.85 5.97
N VAL D 290 38.52 -2.68 5.34
CA VAL D 290 39.57 -1.69 5.34
C VAL D 290 38.97 -0.30 5.57
N ASP D 291 39.58 0.45 6.46
CA ASP D 291 39.18 1.82 6.73
C ASP D 291 40.47 2.49 6.29
N VAL D 292 40.43 3.29 5.22
CA VAL D 292 41.63 3.93 4.72
C VAL D 292 42.15 5.06 5.60
N ALA D 293 41.27 5.92 6.09
CA ALA D 293 41.68 7.04 6.95
C ALA D 293 42.48 6.58 8.17
N THR D 294 42.14 5.42 8.70
CA THR D 294 42.81 4.91 9.88
C THR D 294 43.77 3.76 9.63
N LYS D 295 44.01 3.41 8.37
CA LYS D 295 44.90 2.28 8.07
C LYS D 295 44.49 1.02 8.82
N SER D 296 43.20 0.82 9.04
CA SER D 296 42.73 -0.35 9.78
C SER D 296 42.18 -1.46 8.89
N VAL D 297 42.95 -2.54 8.78
CA VAL D 297 42.52 -3.68 8.01
C VAL D 297 42.15 -4.74 9.03
N SER D 298 41.27 -5.67 8.65
CA SER D 298 40.87 -6.73 9.56
C SER D 298 39.90 -7.68 8.87
N VAL D 299 39.83 -8.91 9.38
CA VAL D 299 38.91 -9.91 8.84
C VAL D 299 38.38 -10.75 10.02
N GLY D 300 37.11 -11.12 9.95
CA GLY D 300 36.53 -11.91 11.02
C GLY D 300 35.02 -11.84 10.94
N ILE D 301 34.34 -12.19 12.04
CA ILE D 301 32.90 -12.16 12.03
C ILE D 301 32.30 -10.83 12.43
N GLU D 302 31.44 -10.31 11.57
CA GLU D 302 30.75 -9.06 11.86
C GLU D 302 29.30 -9.43 11.64
N LYS D 303 28.38 -8.69 12.23
CA LYS D 303 26.99 -8.99 12.03
C LYS D 303 26.32 -7.90 11.21
N TYR D 304 25.38 -8.28 10.35
CA TYR D 304 24.63 -7.33 9.51
C TYR D 304 23.15 -7.55 9.69
N ASP D 305 22.38 -6.46 9.72
CA ASP D 305 20.95 -6.59 9.89
C ASP D 305 20.36 -7.43 8.74
N TYR D 306 19.25 -8.11 9.02
CA TYR D 306 18.62 -8.95 8.01
C TYR D 306 18.39 -8.19 6.68
N SER D 307 18.31 -6.87 6.73
CA SER D 307 18.08 -6.07 5.52
C SER D 307 19.33 -5.35 5.00
N HIS D 308 20.40 -6.11 4.77
CA HIS D 308 21.67 -5.57 4.28
C HIS D 308 22.09 -6.49 3.14
N PRO D 309 22.54 -5.91 2.03
CA PRO D 309 22.97 -6.70 0.87
C PRO D 309 23.80 -7.94 1.23
N PHE D 310 24.58 -7.86 2.31
CA PHE D 310 25.43 -8.98 2.75
C PHE D 310 24.64 -10.15 3.30
N ALA D 311 23.37 -9.91 3.62
CA ALA D 311 22.52 -10.95 4.16
C ALA D 311 21.61 -11.50 3.07
N SER D 312 22.11 -11.54 1.83
CA SER D 312 21.29 -12.02 0.73
C SER D 312 22.04 -12.74 -0.39
N LEU D 313 23.31 -13.09 -0.17
CA LEU D 313 24.06 -13.81 -1.20
C LEU D 313 23.47 -15.23 -1.33
N LYS D 314 23.92 -16.01 -2.32
CA LYS D 314 23.35 -17.35 -2.49
C LYS D 314 24.22 -18.56 -2.16
N GLY D 315 25.28 -18.79 -2.91
CA GLY D 315 26.11 -19.94 -2.61
C GLY D 315 27.49 -19.47 -2.24
N SER D 316 28.38 -19.47 -3.22
CA SER D 316 29.74 -19.03 -3.03
C SER D 316 29.80 -17.52 -3.27
N ASP D 317 28.63 -16.94 -3.53
CA ASP D 317 28.53 -15.51 -3.80
C ASP D 317 29.30 -14.67 -2.79
N ASN D 318 30.44 -14.10 -3.18
CA ASN D 318 31.09 -13.24 -2.23
C ASN D 318 30.90 -11.82 -2.73
N VAL D 319 31.00 -10.85 -1.82
CA VAL D 319 30.74 -9.46 -2.15
C VAL D 319 31.78 -8.48 -1.68
N ILE D 320 31.65 -7.26 -2.17
CA ILE D 320 32.52 -6.17 -1.79
C ILE D 320 31.73 -4.86 -1.91
N SER D 321 31.90 -4.02 -0.89
CA SER D 321 31.23 -2.72 -0.82
C SER D 321 32.33 -1.67 -0.81
N ILE D 322 32.28 -0.72 -1.74
CA ILE D 322 33.30 0.31 -1.84
C ILE D 322 32.78 1.73 -1.61
N LYS D 323 33.28 2.37 -0.56
CA LYS D 323 32.87 3.74 -0.28
C LYS D 323 34.05 4.64 -0.66
N THR D 324 33.76 5.69 -1.43
CA THR D 324 34.78 6.63 -1.87
C THR D 324 34.24 8.03 -1.70
N LYS D 325 35.10 9.03 -1.88
CA LYS D 325 34.67 10.40 -1.75
C LYS D 325 33.56 10.74 -2.74
N ARG D 326 33.59 10.11 -3.92
CA ARG D 326 32.56 10.36 -4.92
C ARG D 326 31.33 9.52 -4.68
N TYR D 327 31.55 8.27 -4.28
CA TYR D 327 30.45 7.36 -4.03
C TYR D 327 29.95 7.46 -2.59
N THR D 328 29.13 8.48 -2.33
CA THR D 328 28.55 8.71 -1.02
C THR D 328 28.00 7.39 -0.50
N ASN D 329 27.13 6.77 -1.29
CA ASN D 329 26.59 5.48 -0.91
C ASN D 329 27.51 4.47 -1.57
N PRO D 330 27.86 3.40 -0.85
CA PRO D 330 28.76 2.36 -1.33
C PRO D 330 28.36 1.76 -2.66
N VAL D 331 29.37 1.29 -3.38
CA VAL D 331 29.20 0.59 -4.64
C VAL D 331 29.28 -0.85 -4.20
N VAL D 332 28.29 -1.65 -4.54
CA VAL D 332 28.27 -3.04 -4.13
C VAL D 332 28.32 -3.97 -5.32
N ILE D 333 29.40 -4.76 -5.39
CA ILE D 333 29.56 -5.72 -6.46
C ILE D 333 29.49 -7.11 -5.86
N GLN D 334 28.61 -7.95 -6.41
CA GLN D 334 28.47 -9.29 -5.88
C GLN D 334 28.25 -10.33 -6.94
N GLY D 335 28.69 -11.56 -6.64
CA GLY D 335 28.56 -12.67 -7.54
C GLY D 335 29.60 -13.70 -7.16
N ALA D 336 29.50 -14.90 -7.74
CA ALA D 336 30.43 -15.99 -7.46
C ALA D 336 31.87 -15.53 -7.33
N GLY D 337 32.54 -15.99 -6.28
CA GLY D 337 33.93 -15.65 -6.04
C GLY D 337 34.77 -16.91 -6.13
N ALA D 338 34.14 -17.98 -6.62
CA ALA D 338 34.81 -19.25 -6.78
C ALA D 338 34.10 -20.05 -7.87
N GLY D 339 34.79 -21.06 -8.39
CA GLY D 339 34.25 -21.90 -9.47
C GLY D 339 35.24 -21.85 -10.61
N ALA D 340 35.46 -22.98 -11.28
CA ALA D 340 36.43 -23.04 -12.38
C ALA D 340 36.12 -22.15 -13.57
N ALA D 341 34.91 -22.28 -14.12
CA ALA D 341 34.55 -21.49 -15.28
C ALA D 341 34.61 -19.97 -14.98
N VAL D 342 33.84 -19.53 -13.99
CA VAL D 342 33.81 -18.11 -13.65
C VAL D 342 35.17 -17.51 -13.36
N THR D 343 36.04 -18.26 -12.68
CA THR D 343 37.37 -17.72 -12.33
C THR D 343 38.28 -17.58 -13.54
N ALA D 344 38.28 -18.61 -14.38
CA ALA D 344 39.10 -18.65 -15.58
C ALA D 344 38.77 -17.49 -16.53
N ALA D 345 37.52 -17.03 -16.50
CA ALA D 345 37.11 -15.92 -17.36
C ALA D 345 37.75 -14.64 -16.87
N GLY D 346 37.88 -14.53 -15.56
CA GLY D 346 38.48 -13.33 -15.02
C GLY D 346 39.90 -13.29 -15.54
N VAL D 347 40.56 -14.45 -15.48
CA VAL D 347 41.93 -14.59 -15.93
C VAL D 347 42.06 -14.29 -17.41
N LEU D 348 41.13 -14.84 -18.20
CA LEU D 348 41.15 -14.65 -19.65
C LEU D 348 40.83 -13.20 -20.01
N GLY D 349 40.03 -12.56 -19.16
CA GLY D 349 39.69 -11.17 -19.38
C GLY D 349 40.96 -10.36 -19.26
N ASP D 350 41.81 -10.73 -18.31
CA ASP D 350 43.05 -10.01 -18.14
C ASP D 350 43.99 -10.29 -19.31
N VAL D 351 43.95 -11.51 -19.85
CA VAL D 351 44.81 -11.82 -20.98
C VAL D 351 44.39 -10.98 -22.19
N ILE D 352 43.08 -10.77 -22.33
CA ILE D 352 42.52 -9.98 -23.42
C ILE D 352 42.90 -8.50 -23.27
N LYS D 353 42.84 -8.00 -22.05
CA LYS D 353 43.18 -6.60 -21.78
C LYS D 353 44.67 -6.36 -22.02
N ILE D 354 45.50 -7.34 -21.63
CA ILE D 354 46.95 -7.25 -21.83
C ILE D 354 47.30 -7.20 -23.33
N ALA D 355 46.85 -8.21 -24.08
CA ALA D 355 47.12 -8.30 -25.50
C ALA D 355 46.62 -7.11 -26.31
N GLN D 356 45.60 -6.42 -25.82
CA GLN D 356 45.09 -5.28 -26.55
C GLN D 356 46.06 -4.13 -26.35
N ARG D 357 46.85 -4.21 -25.28
CA ARG D 357 47.81 -3.17 -24.94
C ARG D 357 49.16 -3.40 -25.60
N LEU D 358 49.35 -4.62 -26.10
CA LEU D 358 50.57 -4.99 -26.80
C LEU D 358 50.28 -4.89 -28.30
NA NA E . -35.70 12.58 12.06
NA NA F . -30.68 -3.91 13.00
NA NA G . 28.50 2.44 -16.44
NA NA H . 38.17 -9.92 -9.57
PA NDA I . 44.87 -26.79 -8.93
O1A NDA I . 45.59 -27.22 -7.68
O2A NDA I . 43.67 -27.64 -9.31
O5B NDA I . 45.90 -26.75 -10.20
C5B NDA I . 47.25 -26.23 -10.02
C4B NDA I . 48.13 -26.51 -11.24
O4B NDA I . 49.41 -25.91 -10.90
C3B NDA I . 48.44 -28.00 -11.51
O3B NDA I . 48.20 -28.32 -12.90
C2B NDA I . 49.89 -28.13 -11.05
O2B NDA I . 50.60 -29.19 -11.75
C1B NDA I . 50.44 -26.74 -11.34
N9A NDA I . 51.66 -26.37 -10.58
C8A NDA I . 51.75 -26.12 -9.23
N7A NDA I . 52.97 -25.76 -8.84
C5A NDA I . 53.73 -25.80 -10.01
C6A NDA I . 55.11 -25.52 -10.25
N6A NDA I . 55.99 -25.15 -9.32
N1A NDA I . 55.59 -25.75 -11.53
C2A NDA I . 54.66 -26.06 -12.51
N3A NDA I . 53.37 -26.31 -12.40
C4A NDA I . 52.95 -26.17 -11.11
O3 NDA I . 44.44 -25.27 -8.74
PN NDA I . 43.44 -24.26 -9.63
O1N NDA I . 42.05 -24.81 -9.47
O2N NDA I . 43.95 -24.29 -11.07
O5D NDA I . 43.60 -22.89 -8.80
C5D NDA I . 44.41 -21.86 -9.38
C4D NDA I . 44.45 -20.65 -8.46
O4D NDA I . 43.14 -19.98 -8.51
C3D NDA I . 44.72 -20.88 -6.96
O3D NDA I . 45.52 -19.79 -6.43
C2D NDA I . 43.29 -20.89 -6.38
O2D NDA I . 43.33 -20.62 -4.95
C1D NDA I . 42.67 -19.77 -7.19
N1N NDA I . 41.18 -19.70 -7.18
C2N NDA I . 40.34 -20.79 -7.47
C3N NDA I . 38.83 -20.62 -7.50
C7N NDA I . 38.02 -21.80 -7.84
N7N NDA I . 38.54 -23.02 -8.11
C4N NDA I . 38.24 -19.27 -7.14
C5N NDA I . 39.27 -18.23 -6.84
C6N NDA I . 40.58 -18.43 -6.86
N HSE J . 36.69 -23.35 -3.88
CA HSE J . 37.79 -22.45 -4.36
C HSE J . 39.04 -23.34 -4.49
C3 HSE J . 37.89 -21.29 -3.33
O HSE J . 40.13 -22.84 -4.89
OXT HSE J . 38.84 -24.54 -4.17
C4 HSE J . 38.97 -20.25 -3.66
O3 HSE J . 39.03 -19.20 -2.69
#